data_1YZQ
# 
_entry.id   1YZQ 
# 
_audit_conform.dict_name       mmcif_pdbx.dic 
_audit_conform.dict_version    5.389 
_audit_conform.dict_location   http://mmcif.pdb.org/dictionaries/ascii/mmcif_pdbx.dic 
# 
loop_
_database_2.database_id 
_database_2.database_code 
_database_2.pdbx_database_accession 
_database_2.pdbx_DOI 
PDB   1YZQ         pdb_00001yzq 10.2210/pdb1yzq/pdb 
RCSB  RCSB032115   ?            ?                   
WWPDB D_1000032115 ?            ?                   
# 
loop_
_pdbx_audit_revision_history.ordinal 
_pdbx_audit_revision_history.data_content_type 
_pdbx_audit_revision_history.major_revision 
_pdbx_audit_revision_history.minor_revision 
_pdbx_audit_revision_history.revision_date 
1 'Structure model' 1 0 2005-07-26 
2 'Structure model' 1 1 2008-04-30 
3 'Structure model' 1 2 2011-07-13 
4 'Structure model' 1 3 2024-02-14 
5 'Structure model' 1 4 2024-04-03 
# 
_pdbx_audit_revision_details.ordinal             1 
_pdbx_audit_revision_details.revision_ordinal    1 
_pdbx_audit_revision_details.data_content_type   'Structure model' 
_pdbx_audit_revision_details.provider            repository 
_pdbx_audit_revision_details.type                'Initial release' 
_pdbx_audit_revision_details.description         ? 
_pdbx_audit_revision_details.details             ? 
# 
loop_
_pdbx_audit_revision_group.ordinal 
_pdbx_audit_revision_group.revision_ordinal 
_pdbx_audit_revision_group.data_content_type 
_pdbx_audit_revision_group.group 
1 2 'Structure model' 'Version format compliance' 
2 3 'Structure model' 'Version format compliance' 
3 4 'Structure model' 'Data collection'           
4 4 'Structure model' 'Database references'       
5 4 'Structure model' 'Derived calculations'      
6 5 'Structure model' 'Refinement description'    
# 
loop_
_pdbx_audit_revision_category.ordinal 
_pdbx_audit_revision_category.revision_ordinal 
_pdbx_audit_revision_category.data_content_type 
_pdbx_audit_revision_category.category 
1 4 'Structure model' chem_comp_atom                
2 4 'Structure model' chem_comp_bond                
3 4 'Structure model' database_2                    
4 4 'Structure model' pdbx_struct_conn_angle        
5 4 'Structure model' struct_conn                   
6 4 'Structure model' struct_ref_seq_dif            
7 4 'Structure model' struct_site                   
8 5 'Structure model' pdbx_initial_refinement_model 
# 
loop_
_pdbx_audit_revision_item.ordinal 
_pdbx_audit_revision_item.revision_ordinal 
_pdbx_audit_revision_item.data_content_type 
_pdbx_audit_revision_item.item 
1  4 'Structure model' '_database_2.pdbx_DOI'                        
2  4 'Structure model' '_database_2.pdbx_database_accession'         
3  4 'Structure model' '_pdbx_struct_conn_angle.ptnr1_auth_comp_id'  
4  4 'Structure model' '_pdbx_struct_conn_angle.ptnr1_auth_seq_id'   
5  4 'Structure model' '_pdbx_struct_conn_angle.ptnr1_label_asym_id' 
6  4 'Structure model' '_pdbx_struct_conn_angle.ptnr1_label_atom_id' 
7  4 'Structure model' '_pdbx_struct_conn_angle.ptnr1_label_comp_id' 
8  4 'Structure model' '_pdbx_struct_conn_angle.ptnr1_label_seq_id'  
9  4 'Structure model' '_pdbx_struct_conn_angle.ptnr3_auth_comp_id'  
10 4 'Structure model' '_pdbx_struct_conn_angle.ptnr3_auth_seq_id'   
11 4 'Structure model' '_pdbx_struct_conn_angle.ptnr3_label_asym_id' 
12 4 'Structure model' '_pdbx_struct_conn_angle.ptnr3_label_atom_id' 
13 4 'Structure model' '_pdbx_struct_conn_angle.ptnr3_label_comp_id' 
14 4 'Structure model' '_pdbx_struct_conn_angle.ptnr3_label_seq_id'  
15 4 'Structure model' '_pdbx_struct_conn_angle.value'               
16 4 'Structure model' '_struct_conn.pdbx_dist_value'                
17 4 'Structure model' '_struct_conn.ptnr1_auth_comp_id'             
18 4 'Structure model' '_struct_conn.ptnr1_auth_seq_id'              
19 4 'Structure model' '_struct_conn.ptnr1_label_asym_id'            
20 4 'Structure model' '_struct_conn.ptnr1_label_atom_id'            
21 4 'Structure model' '_struct_conn.ptnr1_label_comp_id'            
22 4 'Structure model' '_struct_conn.ptnr1_label_seq_id'             
23 4 'Structure model' '_struct_conn.ptnr2_auth_comp_id'             
24 4 'Structure model' '_struct_conn.ptnr2_auth_seq_id'              
25 4 'Structure model' '_struct_conn.ptnr2_label_asym_id'            
26 4 'Structure model' '_struct_conn.ptnr2_label_atom_id'            
27 4 'Structure model' '_struct_conn.ptnr2_label_comp_id'            
28 4 'Structure model' '_struct_conn.ptnr2_label_seq_id'             
29 4 'Structure model' '_struct_ref_seq_dif.details'                 
30 4 'Structure model' '_struct_site.pdbx_auth_asym_id'              
31 4 'Structure model' '_struct_site.pdbx_auth_comp_id'              
32 4 'Structure model' '_struct_site.pdbx_auth_seq_id'               
# 
_pdbx_database_status.status_code                     REL 
_pdbx_database_status.entry_id                        1YZQ 
_pdbx_database_status.recvd_initial_deposition_date   2005-02-28 
_pdbx_database_status.deposit_site                    RCSB 
_pdbx_database_status.process_site                    RCSB 
_pdbx_database_status.status_code_sf                  REL 
_pdbx_database_status.status_code_mr                  ? 
_pdbx_database_status.SG_entry                        ? 
_pdbx_database_status.pdb_format_compatible           Y 
_pdbx_database_status.status_code_cs                  ? 
_pdbx_database_status.status_code_nmr_data            ? 
_pdbx_database_status.methods_development_category    ? 
# 
loop_
_audit_author.name 
_audit_author.pdbx_ordinal 
'Eathiraj, S.'    1 
'Pan, X.'         2 
'Ritacco, C.'     3 
'Lambright, D.G.' 4 
# 
_citation.id                        primary 
_citation.title                     'Structural basis of family-wide Rab GTPase recognition by rabenosyn-5.' 
_citation.journal_abbrev            Nature 
_citation.journal_volume            436 
_citation.page_first                415 
_citation.page_last                 419 
_citation.year                      2005 
_citation.journal_id_ASTM           NATUAS 
_citation.country                   UK 
_citation.journal_id_ISSN           0028-0836 
_citation.journal_id_CSD            0006 
_citation.book_publisher            ? 
_citation.pdbx_database_id_PubMed   16034420 
_citation.pdbx_database_id_DOI      10.1038/nature03798 
# 
loop_
_citation_author.citation_id 
_citation_author.name 
_citation_author.ordinal 
_citation_author.identifier_ORCID 
primary 'Eathiraj, S.'    1 ? 
primary 'Pan, X.'         2 ? 
primary 'Ritacco, C.'     3 ? 
primary 'Lambright, D.G.' 4 ? 
# 
loop_
_entity.id 
_entity.type 
_entity.src_method 
_entity.pdbx_description 
_entity.formula_weight 
_entity.pdbx_number_of_molecules 
_entity.pdbx_ec 
_entity.pdbx_mutation 
_entity.pdbx_fragment 
_entity.details 
1 polymer     man 'small GTP binding protein RAB6 isoform'      19372.139 1   ? ? ? ? 
2 non-polymer syn 'MAGNESIUM ION'                               24.305    1   ? ? ? ? 
3 non-polymer syn 'PHOSPHOAMINOPHOSPHONIC ACID-GUANYLATE ESTER' 522.196   1   ? ? ? ? 
4 water       nat water                                         18.015    195 ? ? ? ? 
# 
_entity_poly.entity_id                      1 
_entity_poly.type                           'polypeptide(L)' 
_entity_poly.nstd_linkage                   no 
_entity_poly.nstd_monomer                   no 
_entity_poly.pdbx_seq_one_letter_code       
;GSPLRKFKLVFLGEQSVGKTSLITRFMYDSFDNTYQATIGIDFLSKTMYLEDRTIRLQLWDTAGQERFRSLIPSYIRDSA
AAVVVYDITNVNSFQQTTKWIDDVRTERGSDVIIMLVGNKTDLADKRQVSIEEGERKAKELNVMFIETSAKAGYNVKQLF
RRVAAALPGM
;
_entity_poly.pdbx_seq_one_letter_code_can   
;GSPLRKFKLVFLGEQSVGKTSLITRFMYDSFDNTYQATIGIDFLSKTMYLEDRTIRLQLWDTAGQERFRSLIPSYIRDSA
AAVVVYDITNVNSFQQTTKWIDDVRTERGSDVIIMLVGNKTDLADKRQVSIEEGERKAKELNVMFIETSAKAGYNVKQLF
RRVAAALPGM
;
_entity_poly.pdbx_strand_id                 A 
_entity_poly.pdbx_target_identifier         ? 
# 
loop_
_pdbx_entity_nonpoly.entity_id 
_pdbx_entity_nonpoly.name 
_pdbx_entity_nonpoly.comp_id 
2 'MAGNESIUM ION'                               MG  
3 'PHOSPHOAMINOPHOSPHONIC ACID-GUANYLATE ESTER' GNP 
4 water                                         HOH 
# 
loop_
_entity_poly_seq.entity_id 
_entity_poly_seq.num 
_entity_poly_seq.mon_id 
_entity_poly_seq.hetero 
1 1   GLY n 
1 2   SER n 
1 3   PRO n 
1 4   LEU n 
1 5   ARG n 
1 6   LYS n 
1 7   PHE n 
1 8   LYS n 
1 9   LEU n 
1 10  VAL n 
1 11  PHE n 
1 12  LEU n 
1 13  GLY n 
1 14  GLU n 
1 15  GLN n 
1 16  SER n 
1 17  VAL n 
1 18  GLY n 
1 19  LYS n 
1 20  THR n 
1 21  SER n 
1 22  LEU n 
1 23  ILE n 
1 24  THR n 
1 25  ARG n 
1 26  PHE n 
1 27  MET n 
1 28  TYR n 
1 29  ASP n 
1 30  SER n 
1 31  PHE n 
1 32  ASP n 
1 33  ASN n 
1 34  THR n 
1 35  TYR n 
1 36  GLN n 
1 37  ALA n 
1 38  THR n 
1 39  ILE n 
1 40  GLY n 
1 41  ILE n 
1 42  ASP n 
1 43  PHE n 
1 44  LEU n 
1 45  SER n 
1 46  LYS n 
1 47  THR n 
1 48  MET n 
1 49  TYR n 
1 50  LEU n 
1 51  GLU n 
1 52  ASP n 
1 53  ARG n 
1 54  THR n 
1 55  ILE n 
1 56  ARG n 
1 57  LEU n 
1 58  GLN n 
1 59  LEU n 
1 60  TRP n 
1 61  ASP n 
1 62  THR n 
1 63  ALA n 
1 64  GLY n 
1 65  GLN n 
1 66  GLU n 
1 67  ARG n 
1 68  PHE n 
1 69  ARG n 
1 70  SER n 
1 71  LEU n 
1 72  ILE n 
1 73  PRO n 
1 74  SER n 
1 75  TYR n 
1 76  ILE n 
1 77  ARG n 
1 78  ASP n 
1 79  SER n 
1 80  ALA n 
1 81  ALA n 
1 82  ALA n 
1 83  VAL n 
1 84  VAL n 
1 85  VAL n 
1 86  TYR n 
1 87  ASP n 
1 88  ILE n 
1 89  THR n 
1 90  ASN n 
1 91  VAL n 
1 92  ASN n 
1 93  SER n 
1 94  PHE n 
1 95  GLN n 
1 96  GLN n 
1 97  THR n 
1 98  THR n 
1 99  LYS n 
1 100 TRP n 
1 101 ILE n 
1 102 ASP n 
1 103 ASP n 
1 104 VAL n 
1 105 ARG n 
1 106 THR n 
1 107 GLU n 
1 108 ARG n 
1 109 GLY n 
1 110 SER n 
1 111 ASP n 
1 112 VAL n 
1 113 ILE n 
1 114 ILE n 
1 115 MET n 
1 116 LEU n 
1 117 VAL n 
1 118 GLY n 
1 119 ASN n 
1 120 LYS n 
1 121 THR n 
1 122 ASP n 
1 123 LEU n 
1 124 ALA n 
1 125 ASP n 
1 126 LYS n 
1 127 ARG n 
1 128 GLN n 
1 129 VAL n 
1 130 SER n 
1 131 ILE n 
1 132 GLU n 
1 133 GLU n 
1 134 GLY n 
1 135 GLU n 
1 136 ARG n 
1 137 LYS n 
1 138 ALA n 
1 139 LYS n 
1 140 GLU n 
1 141 LEU n 
1 142 ASN n 
1 143 VAL n 
1 144 MET n 
1 145 PHE n 
1 146 ILE n 
1 147 GLU n 
1 148 THR n 
1 149 SER n 
1 150 ALA n 
1 151 LYS n 
1 152 ALA n 
1 153 GLY n 
1 154 TYR n 
1 155 ASN n 
1 156 VAL n 
1 157 LYS n 
1 158 GLN n 
1 159 LEU n 
1 160 PHE n 
1 161 ARG n 
1 162 ARG n 
1 163 VAL n 
1 164 ALA n 
1 165 ALA n 
1 166 ALA n 
1 167 LEU n 
1 168 PRO n 
1 169 GLY n 
1 170 MET n 
# 
_entity_src_gen.entity_id                          1 
_entity_src_gen.pdbx_src_id                        1 
_entity_src_gen.pdbx_alt_source_flag               sample 
_entity_src_gen.pdbx_seq_type                      ? 
_entity_src_gen.pdbx_beg_seq_num                   ? 
_entity_src_gen.pdbx_end_seq_num                   ? 
_entity_src_gen.gene_src_common_name               human 
_entity_src_gen.gene_src_genus                     Homo 
_entity_src_gen.pdbx_gene_src_gene                 RAB6 
_entity_src_gen.gene_src_species                   ? 
_entity_src_gen.gene_src_strain                    ? 
_entity_src_gen.gene_src_tissue                    ? 
_entity_src_gen.gene_src_tissue_fraction           ? 
_entity_src_gen.gene_src_details                   ? 
_entity_src_gen.pdbx_gene_src_fragment             ? 
_entity_src_gen.pdbx_gene_src_scientific_name      'Homo sapiens' 
_entity_src_gen.pdbx_gene_src_ncbi_taxonomy_id     9606 
_entity_src_gen.pdbx_gene_src_variant              ? 
_entity_src_gen.pdbx_gene_src_cell_line            ? 
_entity_src_gen.pdbx_gene_src_atcc                 ? 
_entity_src_gen.pdbx_gene_src_organ                ? 
_entity_src_gen.pdbx_gene_src_organelle            ? 
_entity_src_gen.pdbx_gene_src_cell                 ? 
_entity_src_gen.pdbx_gene_src_cellular_location    ? 
_entity_src_gen.host_org_common_name               ? 
_entity_src_gen.pdbx_host_org_scientific_name      'Escherichia coli' 
_entity_src_gen.pdbx_host_org_ncbi_taxonomy_id     562 
_entity_src_gen.host_org_genus                     Escherichia 
_entity_src_gen.pdbx_host_org_gene                 ? 
_entity_src_gen.pdbx_host_org_organ                ? 
_entity_src_gen.host_org_species                   ? 
_entity_src_gen.pdbx_host_org_tissue               ? 
_entity_src_gen.pdbx_host_org_tissue_fraction      ? 
_entity_src_gen.pdbx_host_org_strain               'BL21 (DE3) Codon Plus-RIL cells' 
_entity_src_gen.pdbx_host_org_variant              ? 
_entity_src_gen.pdbx_host_org_cell_line            ? 
_entity_src_gen.pdbx_host_org_atcc                 ? 
_entity_src_gen.pdbx_host_org_culture_collection   ? 
_entity_src_gen.pdbx_host_org_cell                 ? 
_entity_src_gen.pdbx_host_org_organelle            ? 
_entity_src_gen.pdbx_host_org_cellular_location    ? 
_entity_src_gen.pdbx_host_org_vector_type          'GST fusion, pGEX' 
_entity_src_gen.pdbx_host_org_vector               ? 
_entity_src_gen.host_org_details                   ? 
_entity_src_gen.expression_system_id               ? 
_entity_src_gen.plasmid_name                       pGEX4T1 
_entity_src_gen.plasmid_details                    ? 
_entity_src_gen.pdbx_description                   ? 
# 
loop_
_chem_comp.id 
_chem_comp.type 
_chem_comp.mon_nstd_flag 
_chem_comp.name 
_chem_comp.pdbx_synonyms 
_chem_comp.formula 
_chem_comp.formula_weight 
ALA 'L-peptide linking' y ALANINE                                       ? 'C3 H7 N O2'        89.093  
ARG 'L-peptide linking' y ARGININE                                      ? 'C6 H15 N4 O2 1'    175.209 
ASN 'L-peptide linking' y ASPARAGINE                                    ? 'C4 H8 N2 O3'       132.118 
ASP 'L-peptide linking' y 'ASPARTIC ACID'                               ? 'C4 H7 N O4'        133.103 
GLN 'L-peptide linking' y GLUTAMINE                                     ? 'C5 H10 N2 O3'      146.144 
GLU 'L-peptide linking' y 'GLUTAMIC ACID'                               ? 'C5 H9 N O4'        147.129 
GLY 'peptide linking'   y GLYCINE                                       ? 'C2 H5 N O2'        75.067  
GNP non-polymer         . 'PHOSPHOAMINOPHOSPHONIC ACID-GUANYLATE ESTER' ? 'C10 H17 N6 O13 P3' 522.196 
HOH non-polymer         . WATER                                         ? 'H2 O'              18.015  
ILE 'L-peptide linking' y ISOLEUCINE                                    ? 'C6 H13 N O2'       131.173 
LEU 'L-peptide linking' y LEUCINE                                       ? 'C6 H13 N O2'       131.173 
LYS 'L-peptide linking' y LYSINE                                        ? 'C6 H15 N2 O2 1'    147.195 
MET 'L-peptide linking' y METHIONINE                                    ? 'C5 H11 N O2 S'     149.211 
MG  non-polymer         . 'MAGNESIUM ION'                               ? 'Mg 2'              24.305  
PHE 'L-peptide linking' y PHENYLALANINE                                 ? 'C9 H11 N O2'       165.189 
PRO 'L-peptide linking' y PROLINE                                       ? 'C5 H9 N O2'        115.130 
SER 'L-peptide linking' y SERINE                                        ? 'C3 H7 N O3'        105.093 
THR 'L-peptide linking' y THREONINE                                     ? 'C4 H9 N O3'        119.119 
TRP 'L-peptide linking' y TRYPTOPHAN                                    ? 'C11 H12 N2 O2'     204.225 
TYR 'L-peptide linking' y TYROSINE                                      ? 'C9 H11 N O3'       181.189 
VAL 'L-peptide linking' y VALINE                                        ? 'C5 H11 N O2'       117.146 
# 
loop_
_pdbx_poly_seq_scheme.asym_id 
_pdbx_poly_seq_scheme.entity_id 
_pdbx_poly_seq_scheme.seq_id 
_pdbx_poly_seq_scheme.mon_id 
_pdbx_poly_seq_scheme.ndb_seq_num 
_pdbx_poly_seq_scheme.pdb_seq_num 
_pdbx_poly_seq_scheme.auth_seq_num 
_pdbx_poly_seq_scheme.pdb_mon_id 
_pdbx_poly_seq_scheme.auth_mon_id 
_pdbx_poly_seq_scheme.pdb_strand_id 
_pdbx_poly_seq_scheme.pdb_ins_code 
_pdbx_poly_seq_scheme.hetero 
A 1 1   GLY 1   8   ?   ?   ?   A . n 
A 1 2   SER 2   9   ?   ?   ?   A . n 
A 1 3   PRO 3   10  ?   ?   ?   A . n 
A 1 4   LEU 4   11  ?   ?   ?   A . n 
A 1 5   ARG 5   12  ?   ?   ?   A . n 
A 1 6   LYS 6   13  ?   ?   ?   A . n 
A 1 7   PHE 7   14  14  PHE PHE A . n 
A 1 8   LYS 8   15  15  LYS LYS A . n 
A 1 9   LEU 9   16  16  LEU LEU A . n 
A 1 10  VAL 10  17  17  VAL VAL A . n 
A 1 11  PHE 11  18  18  PHE PHE A . n 
A 1 12  LEU 12  19  19  LEU LEU A . n 
A 1 13  GLY 13  20  20  GLY GLY A . n 
A 1 14  GLU 14  21  21  GLU GLU A . n 
A 1 15  GLN 15  22  22  GLN GLN A . n 
A 1 16  SER 16  23  23  SER SER A . n 
A 1 17  VAL 17  24  24  VAL VAL A . n 
A 1 18  GLY 18  25  25  GLY GLY A . n 
A 1 19  LYS 19  26  26  LYS LYS A . n 
A 1 20  THR 20  27  27  THR THR A . n 
A 1 21  SER 21  28  28  SER SER A . n 
A 1 22  LEU 22  29  29  LEU LEU A . n 
A 1 23  ILE 23  30  30  ILE ILE A . n 
A 1 24  THR 24  31  31  THR THR A . n 
A 1 25  ARG 25  32  32  ARG ARG A . n 
A 1 26  PHE 26  33  33  PHE PHE A . n 
A 1 27  MET 27  34  34  MET MET A . n 
A 1 28  TYR 28  35  35  TYR TYR A . n 
A 1 29  ASP 29  36  36  ASP ASP A . n 
A 1 30  SER 30  37  37  SER SER A . n 
A 1 31  PHE 31  38  38  PHE PHE A . n 
A 1 32  ASP 32  39  39  ASP ASP A . n 
A 1 33  ASN 33  40  40  ASN ASN A . n 
A 1 34  THR 34  41  41  THR THR A . n 
A 1 35  TYR 35  42  42  TYR TYR A . n 
A 1 36  GLN 36  43  43  GLN ALA A . n 
A 1 37  ALA 37  44  44  ALA ALA A . n 
A 1 38  THR 38  45  45  THR THR A . n 
A 1 39  ILE 39  46  46  ILE ILE A . n 
A 1 40  GLY 40  47  47  GLY GLY A . n 
A 1 41  ILE 41  48  48  ILE ILE A . n 
A 1 42  ASP 42  49  49  ASP ASP A . n 
A 1 43  PHE 43  50  50  PHE PHE A . n 
A 1 44  LEU 44  51  51  LEU LEU A . n 
A 1 45  SER 45  52  52  SER SER A . n 
A 1 46  LYS 46  53  53  LYS LYS A . n 
A 1 47  THR 47  54  54  THR THR A . n 
A 1 48  MET 48  55  55  MET MET A . n 
A 1 49  TYR 49  56  56  TYR TYR A . n 
A 1 50  LEU 50  57  57  LEU LEU A . n 
A 1 51  GLU 51  58  58  GLU ALA A . n 
A 1 52  ASP 52  59  59  ASP ASP A . n 
A 1 53  ARG 53  60  60  ARG ARG A . n 
A 1 54  THR 54  61  61  THR THR A . n 
A 1 55  ILE 55  62  62  ILE ILE A . n 
A 1 56  ARG 56  63  63  ARG ALA A . n 
A 1 57  LEU 57  64  64  LEU LEU A . n 
A 1 58  GLN 58  65  65  GLN GLN A . n 
A 1 59  LEU 59  66  66  LEU LEU A . n 
A 1 60  TRP 60  67  67  TRP TRP A . n 
A 1 61  ASP 61  68  68  ASP ASP A . n 
A 1 62  THR 62  69  69  THR THR A . n 
A 1 63  ALA 63  70  70  ALA ALA A . n 
A 1 64  GLY 64  71  71  GLY GLY A . n 
A 1 65  GLN 65  72  72  GLN GLN A . n 
A 1 66  GLU 66  73  73  GLU ALA A . n 
A 1 67  ARG 67  74  74  ARG ARG A . n 
A 1 68  PHE 68  75  75  PHE PHE A . n 
A 1 69  ARG 69  76  76  ARG ALA A . n 
A 1 70  SER 70  77  77  SER SER A . n 
A 1 71  LEU 71  78  78  LEU LEU A . n 
A 1 72  ILE 72  79  79  ILE ILE A . n 
A 1 73  PRO 73  80  80  PRO PRO A . n 
A 1 74  SER 74  81  81  SER SER A . n 
A 1 75  TYR 75  82  82  TYR TYR A . n 
A 1 76  ILE 76  83  83  ILE ILE A . n 
A 1 77  ARG 77  84  84  ARG ARG A . n 
A 1 78  ASP 78  85  85  ASP ASP A . n 
A 1 79  SER 79  86  86  SER SER A . n 
A 1 80  ALA 80  87  87  ALA ALA A . n 
A 1 81  ALA 81  88  88  ALA ALA A . n 
A 1 82  ALA 82  89  89  ALA ALA A . n 
A 1 83  VAL 83  90  90  VAL VAL A . n 
A 1 84  VAL 84  91  91  VAL VAL A . n 
A 1 85  VAL 85  92  92  VAL VAL A . n 
A 1 86  TYR 86  93  93  TYR TYR A . n 
A 1 87  ASP 87  94  94  ASP ASP A . n 
A 1 88  ILE 88  95  95  ILE ILE A . n 
A 1 89  THR 89  96  96  THR THR A . n 
A 1 90  ASN 90  97  97  ASN ASN A . n 
A 1 91  VAL 91  98  98  VAL VAL A . n 
A 1 92  ASN 92  99  99  ASN ASN A . n 
A 1 93  SER 93  100 100 SER SER A . n 
A 1 94  PHE 94  101 101 PHE PHE A . n 
A 1 95  GLN 95  102 102 GLN GLN A . n 
A 1 96  GLN 96  103 103 GLN GLN A . n 
A 1 97  THR 97  104 104 THR THR A . n 
A 1 98  THR 98  105 105 THR THR A . n 
A 1 99  LYS 99  106 106 LYS LYS A . n 
A 1 100 TRP 100 107 107 TRP TRP A . n 
A 1 101 ILE 101 108 108 ILE ILE A . n 
A 1 102 ASP 102 109 109 ASP ASP A . n 
A 1 103 ASP 103 110 110 ASP ASP A . n 
A 1 104 VAL 104 111 111 VAL VAL A . n 
A 1 105 ARG 105 112 112 ARG ARG A . n 
A 1 106 THR 106 113 113 THR THR A . n 
A 1 107 GLU 107 114 114 GLU GLU A . n 
A 1 108 ARG 108 115 115 ARG ARG A . n 
A 1 109 GLY 109 116 116 GLY GLY A . n 
A 1 110 SER 110 117 117 SER SER A . n 
A 1 111 ASP 111 118 118 ASP ASP A . n 
A 1 112 VAL 112 119 119 VAL VAL A . n 
A 1 113 ILE 113 120 120 ILE ILE A . n 
A 1 114 ILE 114 121 121 ILE ILE A . n 
A 1 115 MET 115 122 122 MET MET A . n 
A 1 116 LEU 116 123 123 LEU LEU A . n 
A 1 117 VAL 117 124 124 VAL VAL A . n 
A 1 118 GLY 118 125 125 GLY GLY A . n 
A 1 119 ASN 119 126 126 ASN ASN A . n 
A 1 120 LYS 120 127 127 LYS LYS A . n 
A 1 121 THR 121 128 128 THR THR A . n 
A 1 122 ASP 122 129 129 ASP ASP A . n 
A 1 123 LEU 123 130 130 LEU LEU A . n 
A 1 124 ALA 124 131 131 ALA ALA A . n 
A 1 125 ASP 125 132 132 ASP ASP A . n 
A 1 126 LYS 126 133 133 LYS LYS A . n 
A 1 127 ARG 127 134 134 ARG ARG A . n 
A 1 128 GLN 128 135 135 GLN GLN A . n 
A 1 129 VAL 129 136 136 VAL VAL A . n 
A 1 130 SER 130 137 137 SER SER A . n 
A 1 131 ILE 131 138 138 ILE ILE A . n 
A 1 132 GLU 132 139 139 GLU GLU A . n 
A 1 133 GLU 133 140 140 GLU GLU A . n 
A 1 134 GLY 134 141 141 GLY GLY A . n 
A 1 135 GLU 135 142 142 GLU GLU A . n 
A 1 136 ARG 136 143 143 ARG ARG A . n 
A 1 137 LYS 137 144 144 LYS LYS A . n 
A 1 138 ALA 138 145 145 ALA ALA A . n 
A 1 139 LYS 139 146 146 LYS ALA A . n 
A 1 140 GLU 140 147 147 GLU GLU A . n 
A 1 141 LEU 141 148 148 LEU LEU A . n 
A 1 142 ASN 142 149 149 ASN ASN A . n 
A 1 143 VAL 143 150 150 VAL VAL A . n 
A 1 144 MET 144 151 151 MET MET A . n 
A 1 145 PHE 145 152 152 PHE PHE A . n 
A 1 146 ILE 146 153 153 ILE ILE A . n 
A 1 147 GLU 147 154 154 GLU GLU A . n 
A 1 148 THR 148 155 155 THR THR A . n 
A 1 149 SER 149 156 156 SER SER A . n 
A 1 150 ALA 150 157 157 ALA ALA A . n 
A 1 151 LYS 151 158 158 LYS LYS A . n 
A 1 152 ALA 152 159 159 ALA ALA A . n 
A 1 153 GLY 153 160 160 GLY GLY A . n 
A 1 154 TYR 154 161 161 TYR TYR A . n 
A 1 155 ASN 155 162 162 ASN ASN A . n 
A 1 156 VAL 156 163 163 VAL VAL A . n 
A 1 157 LYS 157 164 164 LYS LYS A . n 
A 1 158 GLN 158 165 165 GLN GLN A . n 
A 1 159 LEU 159 166 166 LEU LEU A . n 
A 1 160 PHE 160 167 167 PHE PHE A . n 
A 1 161 ARG 161 168 168 ARG ARG A . n 
A 1 162 ARG 162 169 169 ARG ARG A . n 
A 1 163 VAL 163 170 170 VAL VAL A . n 
A 1 164 ALA 164 171 171 ALA ALA A . n 
A 1 165 ALA 165 172 172 ALA ALA A . n 
A 1 166 ALA 166 173 173 ALA ALA A . n 
A 1 167 LEU 167 174 174 LEU LEU A . n 
A 1 168 PRO 168 175 175 PRO PRO A . n 
A 1 169 GLY 169 176 176 GLY GLY A . n 
A 1 170 MET 170 177 177 MET MET A . n 
# 
loop_
_pdbx_nonpoly_scheme.asym_id 
_pdbx_nonpoly_scheme.entity_id 
_pdbx_nonpoly_scheme.mon_id 
_pdbx_nonpoly_scheme.ndb_seq_num 
_pdbx_nonpoly_scheme.pdb_seq_num 
_pdbx_nonpoly_scheme.auth_seq_num 
_pdbx_nonpoly_scheme.pdb_mon_id 
_pdbx_nonpoly_scheme.auth_mon_id 
_pdbx_nonpoly_scheme.pdb_strand_id 
_pdbx_nonpoly_scheme.pdb_ins_code 
B 2 MG  1   901  201 MG  MG  A . 
C 3 GNP 1   900  200 GNP GNP A . 
D 4 HOH 1   902  1   HOH HOH A . 
D 4 HOH 2   903  2   HOH HOH A . 
D 4 HOH 3   904  3   HOH HOH A . 
D 4 HOH 4   905  6   HOH HOH A . 
D 4 HOH 5   906  7   HOH HOH A . 
D 4 HOH 6   907  8   HOH HOH A . 
D 4 HOH 7   908  9   HOH HOH A . 
D 4 HOH 8   909  10  HOH HOH A . 
D 4 HOH 9   910  11  HOH HOH A . 
D 4 HOH 10  911  12  HOH HOH A . 
D 4 HOH 11  912  13  HOH HOH A . 
D 4 HOH 12  913  14  HOH HOH A . 
D 4 HOH 13  914  18  HOH HOH A . 
D 4 HOH 14  915  19  HOH HOH A . 
D 4 HOH 15  916  20  HOH HOH A . 
D 4 HOH 16  917  21  HOH HOH A . 
D 4 HOH 17  918  23  HOH HOH A . 
D 4 HOH 18  919  27  HOH HOH A . 
D 4 HOH 19  920  28  HOH HOH A . 
D 4 HOH 20  921  29  HOH HOH A . 
D 4 HOH 21  922  30  HOH HOH A . 
D 4 HOH 22  923  31  HOH HOH A . 
D 4 HOH 23  924  33  HOH HOH A . 
D 4 HOH 24  925  34  HOH HOH A . 
D 4 HOH 25  926  35  HOH HOH A . 
D 4 HOH 26  927  36  HOH HOH A . 
D 4 HOH 27  928  37  HOH HOH A . 
D 4 HOH 28  929  38  HOH HOH A . 
D 4 HOH 29  930  40  HOH HOH A . 
D 4 HOH 30  931  42  HOH HOH A . 
D 4 HOH 31  932  43  HOH HOH A . 
D 4 HOH 32  933  44  HOH HOH A . 
D 4 HOH 33  934  45  HOH HOH A . 
D 4 HOH 34  935  46  HOH HOH A . 
D 4 HOH 35  936  48  HOH HOH A . 
D 4 HOH 36  937  50  HOH HOH A . 
D 4 HOH 37  938  52  HOH HOH A . 
D 4 HOH 38  939  54  HOH HOH A . 
D 4 HOH 39  940  55  HOH HOH A . 
D 4 HOH 40  941  56  HOH HOH A . 
D 4 HOH 41  942  57  HOH HOH A . 
D 4 HOH 42  943  58  HOH HOH A . 
D 4 HOH 43  944  59  HOH HOH A . 
D 4 HOH 44  945  60  HOH HOH A . 
D 4 HOH 45  946  61  HOH HOH A . 
D 4 HOH 46  947  62  HOH HOH A . 
D 4 HOH 47  948  63  HOH HOH A . 
D 4 HOH 48  949  67  HOH HOH A . 
D 4 HOH 49  950  68  HOH HOH A . 
D 4 HOH 50  951  69  HOH HOH A . 
D 4 HOH 51  952  70  HOH HOH A . 
D 4 HOH 52  953  72  HOH HOH A . 
D 4 HOH 53  954  73  HOH HOH A . 
D 4 HOH 54  955  74  HOH HOH A . 
D 4 HOH 55  956  75  HOH HOH A . 
D 4 HOH 56  957  76  HOH HOH A . 
D 4 HOH 57  958  77  HOH HOH A . 
D 4 HOH 58  959  78  HOH HOH A . 
D 4 HOH 59  960  79  HOH HOH A . 
D 4 HOH 60  961  80  HOH HOH A . 
D 4 HOH 61  962  81  HOH HOH A . 
D 4 HOH 62  963  82  HOH HOH A . 
D 4 HOH 63  964  84  HOH HOH A . 
D 4 HOH 64  965  85  HOH HOH A . 
D 4 HOH 65  966  86  HOH HOH A . 
D 4 HOH 66  967  87  HOH HOH A . 
D 4 HOH 67  968  88  HOH HOH A . 
D 4 HOH 68  969  89  HOH HOH A . 
D 4 HOH 69  970  90  HOH HOH A . 
D 4 HOH 70  971  91  HOH HOH A . 
D 4 HOH 71  972  92  HOH HOH A . 
D 4 HOH 72  973  93  HOH HOH A . 
D 4 HOH 73  974  94  HOH HOH A . 
D 4 HOH 74  975  96  HOH HOH A . 
D 4 HOH 75  976  97  HOH HOH A . 
D 4 HOH 76  977  99  HOH HOH A . 
D 4 HOH 77  978  100 HOH HOH A . 
D 4 HOH 78  979  102 HOH HOH A . 
D 4 HOH 79  980  103 HOH HOH A . 
D 4 HOH 80  981  105 HOH HOH A . 
D 4 HOH 81  982  106 HOH HOH A . 
D 4 HOH 82  983  109 HOH HOH A . 
D 4 HOH 83  984  110 HOH HOH A . 
D 4 HOH 84  985  111 HOH HOH A . 
D 4 HOH 85  986  112 HOH HOH A . 
D 4 HOH 86  987  113 HOH HOH A . 
D 4 HOH 87  988  114 HOH HOH A . 
D 4 HOH 88  989  115 HOH HOH A . 
D 4 HOH 89  990  117 HOH HOH A . 
D 4 HOH 90  991  118 HOH HOH A . 
D 4 HOH 91  992  119 HOH HOH A . 
D 4 HOH 92  993  122 HOH HOH A . 
D 4 HOH 93  994  123 HOH HOH A . 
D 4 HOH 94  995  124 HOH HOH A . 
D 4 HOH 95  996  125 HOH HOH A . 
D 4 HOH 96  997  126 HOH HOH A . 
D 4 HOH 97  998  129 HOH HOH A . 
D 4 HOH 98  999  131 HOH HOH A . 
D 4 HOH 99  1000 132 HOH HOH A . 
D 4 HOH 100 1001 133 HOH HOH A . 
D 4 HOH 101 1002 134 HOH HOH A . 
D 4 HOH 102 1003 135 HOH HOH A . 
D 4 HOH 103 1004 136 HOH HOH A . 
D 4 HOH 104 1005 137 HOH HOH A . 
D 4 HOH 105 1006 139 HOH HOH A . 
D 4 HOH 106 1007 140 HOH HOH A . 
D 4 HOH 107 1008 141 HOH HOH A . 
D 4 HOH 108 1009 143 HOH HOH A . 
D 4 HOH 109 1010 144 HOH HOH A . 
D 4 HOH 110 1011 146 HOH HOH A . 
D 4 HOH 111 1012 147 HOH HOH A . 
D 4 HOH 112 1013 148 HOH HOH A . 
D 4 HOH 113 1014 149 HOH HOH A . 
D 4 HOH 114 1015 152 HOH HOH A . 
D 4 HOH 115 1016 153 HOH HOH A . 
D 4 HOH 116 1017 154 HOH HOH A . 
D 4 HOH 117 1018 157 HOH HOH A . 
D 4 HOH 118 1019 158 HOH HOH A . 
D 4 HOH 119 1020 159 HOH HOH A . 
D 4 HOH 120 1021 160 HOH HOH A . 
D 4 HOH 121 1022 163 HOH HOH A . 
D 4 HOH 122 1023 165 HOH HOH A . 
D 4 HOH 123 1024 166 HOH HOH A . 
D 4 HOH 124 1025 167 HOH HOH A . 
D 4 HOH 125 1026 168 HOH HOH A . 
D 4 HOH 126 1027 175 HOH HOH A . 
D 4 HOH 127 1028 176 HOH HOH A . 
D 4 HOH 128 1029 177 HOH HOH A . 
D 4 HOH 129 1030 178 HOH HOH A . 
D 4 HOH 130 1031 179 HOH HOH A . 
D 4 HOH 131 1032 180 HOH HOH A . 
D 4 HOH 132 1033 181 HOH HOH A . 
D 4 HOH 133 1034 182 HOH HOH A . 
D 4 HOH 134 1035 186 HOH HOH A . 
D 4 HOH 135 1036 187 HOH HOH A . 
D 4 HOH 136 1037 188 HOH HOH A . 
D 4 HOH 137 1038 191 HOH HOH A . 
D 4 HOH 138 1039 193 HOH HOH A . 
D 4 HOH 139 1040 195 HOH HOH A . 
D 4 HOH 140 1041 201 HOH HOH A . 
D 4 HOH 141 1042 203 HOH HOH A . 
D 4 HOH 142 1043 204 HOH HOH A . 
D 4 HOH 143 1044 205 HOH HOH A . 
D 4 HOH 144 1045 208 HOH HOH A . 
D 4 HOH 145 1046 211 HOH HOH A . 
D 4 HOH 146 1047 213 HOH HOH A . 
D 4 HOH 147 1048 214 HOH HOH A . 
D 4 HOH 148 1049 216 HOH HOH A . 
D 4 HOH 149 1050 217 HOH HOH A . 
D 4 HOH 150 1051 219 HOH HOH A . 
D 4 HOH 151 1052 223 HOH HOH A . 
D 4 HOH 152 1053 224 HOH HOH A . 
D 4 HOH 153 1054 225 HOH HOH A . 
D 4 HOH 154 1055 232 HOH HOH A . 
D 4 HOH 155 1056 242 HOH HOH A . 
D 4 HOH 156 1057 244 HOH HOH A . 
D 4 HOH 157 1058 246 HOH HOH A . 
D 4 HOH 158 1059 248 HOH HOH A . 
D 4 HOH 159 1060 255 HOH HOH A . 
D 4 HOH 160 1061 258 HOH HOH A . 
D 4 HOH 161 1062 259 HOH HOH A . 
D 4 HOH 162 1063 261 HOH HOH A . 
D 4 HOH 163 1064 262 HOH HOH A . 
D 4 HOH 164 1065 263 HOH HOH A . 
D 4 HOH 165 1066 266 HOH HOH A . 
D 4 HOH 166 1067 271 HOH HOH A . 
D 4 HOH 167 1068 276 HOH HOH A . 
D 4 HOH 168 1069 278 HOH HOH A . 
D 4 HOH 169 1070 280 HOH HOH A . 
D 4 HOH 170 1071 281 HOH HOH A . 
D 4 HOH 171 1072 282 HOH HOH A . 
D 4 HOH 172 1073 300 HOH HOH A . 
D 4 HOH 173 1074 301 HOH HOH A . 
D 4 HOH 174 1075 303 HOH HOH A . 
D 4 HOH 175 1076 316 HOH HOH A . 
D 4 HOH 176 1077 320 HOH HOH A . 
D 4 HOH 177 1078 322 HOH HOH A . 
D 4 HOH 178 1079 324 HOH HOH A . 
D 4 HOH 179 1080 325 HOH HOH A . 
D 4 HOH 180 1081 359 HOH HOH A . 
D 4 HOH 181 1082 405 HOH HOH A . 
D 4 HOH 182 1083 424 HOH HOH A . 
D 4 HOH 183 1084 426 HOH HOH A . 
D 4 HOH 184 1085 435 HOH HOH A . 
D 4 HOH 185 1086 442 HOH HOH A . 
D 4 HOH 186 1087 470 HOH HOH A . 
D 4 HOH 187 1088 494 HOH HOH A . 
D 4 HOH 188 1089 517 HOH HOH A . 
D 4 HOH 189 1090 559 HOH HOH A . 
D 4 HOH 190 1091 577 HOH HOH A . 
D 4 HOH 191 1092 732 HOH HOH A . 
D 4 HOH 192 1093 736 HOH HOH A . 
D 4 HOH 193 1094 802 HOH HOH A . 
D 4 HOH 194 1095 806 HOH HOH A . 
D 4 HOH 195 1096 824 HOH HOH A . 
# 
loop_
_pdbx_unobs_or_zero_occ_atoms.id 
_pdbx_unobs_or_zero_occ_atoms.PDB_model_num 
_pdbx_unobs_or_zero_occ_atoms.polymer_flag 
_pdbx_unobs_or_zero_occ_atoms.occupancy_flag 
_pdbx_unobs_or_zero_occ_atoms.auth_asym_id 
_pdbx_unobs_or_zero_occ_atoms.auth_comp_id 
_pdbx_unobs_or_zero_occ_atoms.auth_seq_id 
_pdbx_unobs_or_zero_occ_atoms.PDB_ins_code 
_pdbx_unobs_or_zero_occ_atoms.auth_atom_id 
_pdbx_unobs_or_zero_occ_atoms.label_alt_id 
_pdbx_unobs_or_zero_occ_atoms.label_asym_id 
_pdbx_unobs_or_zero_occ_atoms.label_comp_id 
_pdbx_unobs_or_zero_occ_atoms.label_seq_id 
_pdbx_unobs_or_zero_occ_atoms.label_atom_id 
1  1 Y 1 A GLN 43  ? CG  ? A GLN 36  CG  
2  1 Y 1 A GLN 43  ? CD  ? A GLN 36  CD  
3  1 Y 1 A GLN 43  ? OE1 ? A GLN 36  OE1 
4  1 Y 1 A GLN 43  ? NE2 ? A GLN 36  NE2 
5  1 Y 1 A GLU 58  ? CG  ? A GLU 51  CG  
6  1 Y 1 A GLU 58  ? CD  ? A GLU 51  CD  
7  1 Y 1 A GLU 58  ? OE1 ? A GLU 51  OE1 
8  1 Y 1 A GLU 58  ? OE2 ? A GLU 51  OE2 
9  1 Y 1 A ARG 63  ? CG  ? A ARG 56  CG  
10 1 Y 1 A ARG 63  ? CD  ? A ARG 56  CD  
11 1 Y 1 A ARG 63  ? NE  ? A ARG 56  NE  
12 1 Y 1 A ARG 63  ? CZ  ? A ARG 56  CZ  
13 1 Y 1 A ARG 63  ? NH1 ? A ARG 56  NH1 
14 1 Y 1 A ARG 63  ? NH2 ? A ARG 56  NH2 
15 1 Y 1 A GLU 73  ? CG  ? A GLU 66  CG  
16 1 Y 1 A GLU 73  ? CD  ? A GLU 66  CD  
17 1 Y 1 A GLU 73  ? OE1 ? A GLU 66  OE1 
18 1 Y 1 A GLU 73  ? OE2 ? A GLU 66  OE2 
19 1 Y 1 A ARG 76  ? CG  ? A ARG 69  CG  
20 1 Y 1 A ARG 76  ? CD  ? A ARG 69  CD  
21 1 Y 1 A ARG 76  ? NE  ? A ARG 69  NE  
22 1 Y 1 A ARG 76  ? CZ  ? A ARG 69  CZ  
23 1 Y 1 A ARG 76  ? NH1 ? A ARG 69  NH1 
24 1 Y 1 A ARG 76  ? NH2 ? A ARG 69  NH2 
25 1 Y 1 A LYS 146 ? CG  ? A LYS 139 CG  
26 1 Y 1 A LYS 146 ? CD  ? A LYS 139 CD  
27 1 Y 1 A LYS 146 ? CE  ? A LYS 139 CE  
28 1 Y 1 A LYS 146 ? NZ  ? A LYS 139 NZ  
# 
loop_
_software.name 
_software.classification 
_software.version 
_software.citation_id 
_software.pdbx_ordinal 
REFMAC    refinement       5.2.0005 ? 1 
DENZO     'data reduction' .        ? 2 
SCALEPACK 'data scaling'   .        ? 3 
AMoRE     phasing          .        ? 4 
# 
_cell.entry_id           1YZQ 
_cell.length_a           40.495 
_cell.length_b           68.672 
_cell.length_c           73.102 
_cell.angle_alpha        90.00 
_cell.angle_beta         90.00 
_cell.angle_gamma        90.00 
_cell.Z_PDB              4 
_cell.pdbx_unique_axis   ? 
# 
_symmetry.entry_id                         1YZQ 
_symmetry.space_group_name_H-M             'P 21 21 21' 
_symmetry.pdbx_full_space_group_name_H-M   ? 
_symmetry.cell_setting                     ? 
_symmetry.Int_Tables_number                19 
_symmetry.space_group_name_Hall            ? 
# 
_exptl.entry_id          1YZQ 
_exptl.method            'X-RAY DIFFRACTION' 
_exptl.crystals_number   1 
# 
_exptl_crystal.id                    1 
_exptl_crystal.density_meas          ? 
_exptl_crystal.density_Matthews      2.75 
_exptl_crystal.density_percent_sol   54.92 
_exptl_crystal.description           ? 
_exptl_crystal.F_000                 ? 
_exptl_crystal.preparation           ? 
# 
_exptl_crystal_grow.crystal_id      1 
_exptl_crystal_grow.method          'VAPOR DIFFUSION, HANGING DROP' 
_exptl_crystal_grow.temp            278 
_exptl_crystal_grow.temp_details    ? 
_exptl_crystal_grow.pH              7.0 
_exptl_crystal_grow.pdbx_details    
'20% PEG 6000, 300mM Magnesium Chloride, 10% glycerol, 50mM HEPES, pH 7.0, VAPOR DIFFUSION, HANGING DROP, temperature 278K' 
_exptl_crystal_grow.pdbx_pH_range   . 
# 
_diffrn.id                     1 
_diffrn.ambient_temp           100 
_diffrn.ambient_temp_details   ? 
_diffrn.crystal_id             1 
# 
_diffrn_detector.diffrn_id              1 
_diffrn_detector.detector               'IMAGE PLATE' 
_diffrn_detector.type                   'MAR scanner 300 mm plate' 
_diffrn_detector.pdbx_collection_date   2003-05-13 
_diffrn_detector.details                'Osmic mirror' 
# 
_diffrn_radiation.diffrn_id                        1 
_diffrn_radiation.wavelength_id                    1 
_diffrn_radiation.pdbx_monochromatic_or_laue_m_l   M 
_diffrn_radiation.monochromator                    ? 
_diffrn_radiation.pdbx_diffrn_protocol             'SINGLE WAVELENGTH' 
_diffrn_radiation.pdbx_scattering_type             x-ray 
# 
_diffrn_radiation_wavelength.id           1 
_diffrn_radiation_wavelength.wavelength   1.5418 
_diffrn_radiation_wavelength.wt           1.0 
# 
_diffrn_source.diffrn_id                   1 
_diffrn_source.source                      'ROTATING ANODE' 
_diffrn_source.type                        'RIGAKU RUH3R' 
_diffrn_source.pdbx_synchrotron_site       ? 
_diffrn_source.pdbx_synchrotron_beamline   ? 
_diffrn_source.pdbx_wavelength             1.5418 
_diffrn_source.pdbx_wavelength_list        ? 
# 
_reflns.entry_id                     1YZQ 
_reflns.observed_criterion_sigma_F   0 
_reflns.observed_criterion_sigma_I   0 
_reflns.d_resolution_high            1.78 
_reflns.d_resolution_low             50 
_reflns.number_all                   ? 
_reflns.number_obs                   20059 
_reflns.percent_possible_obs         99.4 
_reflns.pdbx_Rmerge_I_obs            ? 
_reflns.pdbx_Rsym_value              0.058 
_reflns.pdbx_netI_over_sigmaI        27.7 
_reflns.B_iso_Wilson_estimate        36 
_reflns.pdbx_redundancy              6 
_reflns.R_free_details               ? 
_reflns.limit_h_max                  ? 
_reflns.limit_h_min                  ? 
_reflns.limit_k_max                  ? 
_reflns.limit_k_min                  ? 
_reflns.limit_l_max                  ? 
_reflns.limit_l_min                  ? 
_reflns.observed_criterion_F_max     ? 
_reflns.observed_criterion_F_min     ? 
_reflns.pdbx_chi_squared             ? 
_reflns.pdbx_scaling_rejects         ? 
_reflns.pdbx_diffrn_id               1 
_reflns.pdbx_ordinal                 1 
# 
_reflns_shell.d_res_high             1.78 
_reflns_shell.d_res_low              1.83 
_reflns_shell.percent_possible_all   95.1 
_reflns_shell.Rmerge_I_obs           ? 
_reflns_shell.pdbx_Rsym_value        0.282 
_reflns_shell.meanI_over_sigI_obs    6.2 
_reflns_shell.pdbx_redundancy        5 
_reflns_shell.percent_possible_obs   ? 
_reflns_shell.number_unique_all      1576 
_reflns_shell.number_measured_all    ? 
_reflns_shell.number_measured_obs    ? 
_reflns_shell.number_unique_obs      ? 
_reflns_shell.pdbx_chi_squared       ? 
_reflns_shell.pdbx_diffrn_id         ? 
_reflns_shell.pdbx_ordinal           1 
# 
_refine.entry_id                                 1YZQ 
_refine.ls_number_reflns_obs                     18499 
_refine.ls_number_reflns_all                     20187 
_refine.pdbx_ls_sigma_I                          0 
_refine.pdbx_ls_sigma_F                          0 
_refine.pdbx_data_cutoff_high_absF               ? 
_refine.pdbx_data_cutoff_low_absF                ? 
_refine.pdbx_data_cutoff_high_rms_absF           ? 
_refine.ls_d_res_low                             6.00 
_refine.ls_d_res_high                            1.78 
_refine.ls_percent_reflns_obs                    99.51 
_refine.ls_R_factor_obs                          0.23237 
_refine.ls_R_factor_all                          0.238 
_refine.ls_R_factor_R_work                       0.2306 
_refine.ls_R_factor_R_free                       0.26488 
_refine.ls_R_factor_R_free_error                 ? 
_refine.ls_R_factor_R_free_error_details         ? 
_refine.ls_percent_reflns_R_free                 5.1 
_refine.ls_number_reflns_R_free                  992 
_refine.ls_number_parameters                     ? 
_refine.ls_number_restraints                     ? 
_refine.occupancy_min                            ? 
_refine.occupancy_max                            ? 
_refine.correlation_coeff_Fo_to_Fc               0.941 
_refine.correlation_coeff_Fo_to_Fc_free          0.931 
_refine.B_iso_mean                               27.115 
_refine.aniso_B[1][1]                            -1.43 
_refine.aniso_B[2][2]                            -0.42 
_refine.aniso_B[3][3]                            1.85 
_refine.aniso_B[1][2]                            0.00 
_refine.aniso_B[1][3]                            0.00 
_refine.aniso_B[2][3]                            0.00 
_refine.solvent_model_details                    MASK 
_refine.solvent_model_param_ksol                 ? 
_refine.solvent_model_param_bsol                 ? 
_refine.pdbx_solvent_vdw_probe_radii             1.20 
_refine.pdbx_solvent_ion_probe_radii             0.80 
_refine.pdbx_solvent_shrinkage_radii             0.80 
_refine.pdbx_ls_cross_valid_method               THROUGHOUT 
_refine.details                                  'HYDROGENS HAVE BEEN ADDED IN THE RIDING POSITIONS' 
_refine.pdbx_starting_model                      'Polyalanine Rab3a GTPase' 
_refine.pdbx_method_to_determine_struct          'MOLECULAR REPLACEMENT' 
_refine.pdbx_isotropic_thermal_model             ? 
_refine.pdbx_stereochemistry_target_values       'MAXIMUM LIKELIHOOD' 
_refine.pdbx_stereochem_target_val_spec_case     ? 
_refine.pdbx_R_Free_selection_details            RANDOM 
_refine.pdbx_overall_ESU_R                       0.146 
_refine.pdbx_overall_ESU_R_Free                  0.138 
_refine.overall_SU_ML                            0.093 
_refine.overall_SU_B                             2.861 
_refine.ls_redundancy_reflns_obs                 ? 
_refine.B_iso_min                                ? 
_refine.B_iso_max                                ? 
_refine.overall_SU_R_Cruickshank_DPI             ? 
_refine.overall_SU_R_free                        ? 
_refine.ls_wR_factor_R_free                      ? 
_refine.ls_wR_factor_R_work                      ? 
_refine.overall_FOM_free_R_set                   ? 
_refine.overall_FOM_work_R_set                   ? 
_refine.pdbx_refine_id                           'X-RAY DIFFRACTION' 
_refine.pdbx_diffrn_id                           1 
_refine.pdbx_TLS_residual_ADP_flag               ? 
_refine.pdbx_overall_phase_error                 ? 
_refine.pdbx_overall_SU_R_free_Cruickshank_DPI   ? 
_refine.pdbx_overall_SU_R_Blow_DPI               ? 
_refine.pdbx_overall_SU_R_free_Blow_DPI          ? 
# 
_refine_hist.pdbx_refine_id                   'X-RAY DIFFRACTION' 
_refine_hist.cycle_id                         LAST 
_refine_hist.pdbx_number_atoms_protein        1288 
_refine_hist.pdbx_number_atoms_nucleic_acid   0 
_refine_hist.pdbx_number_atoms_ligand         33 
_refine_hist.number_atoms_solvent             195 
_refine_hist.number_atoms_total               1516 
_refine_hist.d_res_high                       1.78 
_refine_hist.d_res_low                        6.00 
# 
loop_
_refine_ls_restr.type 
_refine_ls_restr.dev_ideal 
_refine_ls_restr.dev_ideal_target 
_refine_ls_restr.weight 
_refine_ls_restr.number 
_refine_ls_restr.pdbx_refine_id 
_refine_ls_restr.pdbx_restraint_function 
r_bond_refined_d             0.008  0.022  ? 1341 'X-RAY DIFFRACTION' ? 
r_bond_other_d               ?      ?      ? ?    'X-RAY DIFFRACTION' ? 
r_angle_refined_deg          1.177  1.978  ? 1821 'X-RAY DIFFRACTION' ? 
r_angle_other_deg            ?      ?      ? ?    'X-RAY DIFFRACTION' ? 
r_dihedral_angle_1_deg       4.987  5.000  ? 163  'X-RAY DIFFRACTION' ? 
r_dihedral_angle_2_deg       37.778 23.729 ? 59   'X-RAY DIFFRACTION' ? 
r_dihedral_angle_3_deg       14.088 15.000 ? 231  'X-RAY DIFFRACTION' ? 
r_dihedral_angle_4_deg       21.833 15.000 ? 10   'X-RAY DIFFRACTION' ? 
r_chiral_restr               0.066  0.200  ? 210  'X-RAY DIFFRACTION' ? 
r_gen_planes_refined         0.003  0.020  ? 980  'X-RAY DIFFRACTION' ? 
r_gen_planes_other           ?      ?      ? ?    'X-RAY DIFFRACTION' ? 
r_nbd_refined                0.195  0.200  ? 705  'X-RAY DIFFRACTION' ? 
r_nbd_other                  ?      ?      ? ?    'X-RAY DIFFRACTION' ? 
r_nbtor_refined              0.305  0.200  ? 924  'X-RAY DIFFRACTION' ? 
r_nbtor_other                ?      ?      ? ?    'X-RAY DIFFRACTION' ? 
r_xyhbond_nbd_refined        0.127  0.200  ? 169  'X-RAY DIFFRACTION' ? 
r_xyhbond_nbd_other          ?      ?      ? ?    'X-RAY DIFFRACTION' ? 
r_metal_ion_refined          0.169  0.200  ? 1    'X-RAY DIFFRACTION' ? 
r_metal_ion_other            ?      ?      ? ?    'X-RAY DIFFRACTION' ? 
r_symmetry_vdw_refined       0.149  0.200  ? 37   'X-RAY DIFFRACTION' ? 
r_symmetry_vdw_other         ?      ?      ? ?    'X-RAY DIFFRACTION' ? 
r_symmetry_hbond_refined     0.150  0.200  ? 25   'X-RAY DIFFRACTION' ? 
r_symmetry_hbond_other       ?      ?      ? ?    'X-RAY DIFFRACTION' ? 
r_symmetry_metal_ion_refined ?      ?      ? ?    'X-RAY DIFFRACTION' ? 
r_symmetry_metal_ion_other   ?      ?      ? ?    'X-RAY DIFFRACTION' ? 
r_mcbond_it                  0.607  1.500  ? 833  'X-RAY DIFFRACTION' ? 
r_mcbond_other               ?      ?      ? ?    'X-RAY DIFFRACTION' ? 
r_mcangle_it                 0.953  2.000  ? 1308 'X-RAY DIFFRACTION' ? 
r_scbond_it                  1.552  3.000  ? 586  'X-RAY DIFFRACTION' ? 
r_scangle_it                 2.229  4.500  ? 513  'X-RAY DIFFRACTION' ? 
r_rigid_bond_restr           ?      ?      ? ?    'X-RAY DIFFRACTION' ? 
r_sphericity_free            ?      ?      ? ?    'X-RAY DIFFRACTION' ? 
r_sphericity_bonded          ?      ?      ? ?    'X-RAY DIFFRACTION' ? 
# 
_refine_ls_shell.pdbx_total_number_of_bins_used   20 
_refine_ls_shell.d_res_high                       1.780 
_refine_ls_shell.d_res_low                        1.822 
_refine_ls_shell.number_reflns_R_work             1197 
_refine_ls_shell.R_factor_R_work                  0.347 
_refine_ls_shell.percent_reflns_obs               93.85 
_refine_ls_shell.R_factor_R_free                  0.395 
_refine_ls_shell.R_factor_R_free_error            ? 
_refine_ls_shell.percent_reflns_R_free            ? 
_refine_ls_shell.number_reflns_R_free             54 
_refine_ls_shell.number_reflns_obs                ? 
_refine_ls_shell.redundancy_reflns_obs            ? 
_refine_ls_shell.number_reflns_all                ? 
_refine_ls_shell.pdbx_refine_id                   'X-RAY DIFFRACTION' 
_refine_ls_shell.R_factor_all                     ? 
# 
_struct.entry_id                  1YZQ 
_struct.title                     'GppNHp-Bound Rab6 GTPase' 
_struct.pdbx_model_details        ? 
_struct.pdbx_CASP_flag            ? 
_struct.pdbx_model_type_details   ? 
# 
_struct_keywords.entry_id        1YZQ 
_struct_keywords.pdbx_keywords   'PROTEIN TRANSPORT' 
_struct_keywords.text            'Rab GTPase, Rab6, Vesicular trafficking, Protein transport' 
# 
loop_
_struct_asym.id 
_struct_asym.pdbx_blank_PDB_chainid_flag 
_struct_asym.pdbx_modified 
_struct_asym.entity_id 
_struct_asym.details 
A N N 1 ? 
B N N 2 ? 
C N N 3 ? 
D N N 4 ? 
# 
_struct_ref.id                         1 
_struct_ref.db_name                    UNP 
_struct_ref.db_code                    RAB6A_HUMAN 
_struct_ref.pdbx_db_accession          P20340 
_struct_ref.entity_id                  1 
_struct_ref.pdbx_seq_one_letter_code   
;PLRKFKLVFLGEQSVGKTSLITRFMYDSFDNTYQATIGIDFLSKTMYLEDRTIRLQLWDTAGQERFRSLIPSYIRDSAAA
VVVYDITNVNSFQQTTKWIDDVRTERGSDVIIMLVGNKTDLADKRQVSIEEGERKAKELNVMFIETSAKAGYNVKQLFRR
VAAALPGM
;
_struct_ref.pdbx_align_begin           10 
_struct_ref.pdbx_db_isoform            ? 
# 
_struct_ref_seq.align_id                      1 
_struct_ref_seq.ref_id                        1 
_struct_ref_seq.pdbx_PDB_id_code              1YZQ 
_struct_ref_seq.pdbx_strand_id                A 
_struct_ref_seq.seq_align_beg                 3 
_struct_ref_seq.pdbx_seq_align_beg_ins_code   ? 
_struct_ref_seq.seq_align_end                 170 
_struct_ref_seq.pdbx_seq_align_end_ins_code   ? 
_struct_ref_seq.pdbx_db_accession             P20340 
_struct_ref_seq.db_align_beg                  10 
_struct_ref_seq.pdbx_db_align_beg_ins_code    ? 
_struct_ref_seq.db_align_end                  177 
_struct_ref_seq.pdbx_db_align_end_ins_code    ? 
_struct_ref_seq.pdbx_auth_seq_align_beg       10 
_struct_ref_seq.pdbx_auth_seq_align_end       177 
# 
loop_
_struct_ref_seq_dif.align_id 
_struct_ref_seq_dif.pdbx_pdb_id_code 
_struct_ref_seq_dif.mon_id 
_struct_ref_seq_dif.pdbx_pdb_strand_id 
_struct_ref_seq_dif.seq_num 
_struct_ref_seq_dif.pdbx_pdb_ins_code 
_struct_ref_seq_dif.pdbx_seq_db_name 
_struct_ref_seq_dif.pdbx_seq_db_accession_code 
_struct_ref_seq_dif.db_mon_id 
_struct_ref_seq_dif.pdbx_seq_db_seq_num 
_struct_ref_seq_dif.details 
_struct_ref_seq_dif.pdbx_auth_seq_num 
_struct_ref_seq_dif.pdbx_ordinal 
1 1YZQ GLY A 1 ? UNP P20340 ? ? 'cloning artifact' 8 1 
1 1YZQ SER A 2 ? UNP P20340 ? ? 'cloning artifact' 9 2 
# 
_pdbx_struct_assembly.id                   1 
_pdbx_struct_assembly.details              author_defined_assembly 
_pdbx_struct_assembly.method_details       ? 
_pdbx_struct_assembly.oligomeric_details   monomeric 
_pdbx_struct_assembly.oligomeric_count     1 
# 
_pdbx_struct_assembly_gen.assembly_id       1 
_pdbx_struct_assembly_gen.oper_expression   1 
_pdbx_struct_assembly_gen.asym_id_list      A,B,C,D 
# 
_pdbx_struct_oper_list.id                   1 
_pdbx_struct_oper_list.type                 'identity operation' 
_pdbx_struct_oper_list.name                 1_555 
_pdbx_struct_oper_list.symmetry_operation   x,y,z 
_pdbx_struct_oper_list.matrix[1][1]         1.0000000000 
_pdbx_struct_oper_list.matrix[1][2]         0.0000000000 
_pdbx_struct_oper_list.matrix[1][3]         0.0000000000 
_pdbx_struct_oper_list.vector[1]            0.0000000000 
_pdbx_struct_oper_list.matrix[2][1]         0.0000000000 
_pdbx_struct_oper_list.matrix[2][2]         1.0000000000 
_pdbx_struct_oper_list.matrix[2][3]         0.0000000000 
_pdbx_struct_oper_list.vector[2]            0.0000000000 
_pdbx_struct_oper_list.matrix[3][1]         0.0000000000 
_pdbx_struct_oper_list.matrix[3][2]         0.0000000000 
_pdbx_struct_oper_list.matrix[3][3]         1.0000000000 
_pdbx_struct_oper_list.vector[3]            0.0000000000 
# 
_struct_biol.id                    1 
_struct_biol.pdbx_parent_biol_id   ? 
_struct_biol.details               ? 
# 
loop_
_struct_conf.conf_type_id 
_struct_conf.id 
_struct_conf.pdbx_PDB_helix_id 
_struct_conf.beg_label_comp_id 
_struct_conf.beg_label_asym_id 
_struct_conf.beg_label_seq_id 
_struct_conf.pdbx_beg_PDB_ins_code 
_struct_conf.end_label_comp_id 
_struct_conf.end_label_asym_id 
_struct_conf.end_label_seq_id 
_struct_conf.pdbx_end_PDB_ins_code 
_struct_conf.beg_auth_comp_id 
_struct_conf.beg_auth_asym_id 
_struct_conf.beg_auth_seq_id 
_struct_conf.end_auth_comp_id 
_struct_conf.end_auth_asym_id 
_struct_conf.end_auth_seq_id 
_struct_conf.pdbx_PDB_helix_class 
_struct_conf.details 
_struct_conf.pdbx_PDB_helix_length 
HELX_P HELX_P1 1 GLY A 18  ? ASP A 29  ? GLY A 25  ASP A 36  1 ? 12 
HELX_P HELX_P2 2 GLN A 65  ? SER A 70  ? GLN A 72  SER A 77  5 ? 6  
HELX_P HELX_P3 3 LEU A 71  ? ARG A 77  ? LEU A 78  ARG A 84  1 ? 7  
HELX_P HELX_P4 4 ASN A 90  ? GLN A 96  ? ASN A 97  GLN A 103 1 ? 7  
HELX_P HELX_P5 5 GLN A 96  ? GLY A 109 ? GLN A 103 GLY A 116 1 ? 14 
HELX_P HELX_P6 6 LEU A 123 ? ARG A 127 ? LEU A 130 ARG A 134 5 ? 5  
HELX_P HELX_P7 7 SER A 130 ? LEU A 141 ? SER A 137 LEU A 148 1 ? 12 
HELX_P HELX_P8 8 ASN A 155 ? LEU A 167 ? ASN A 162 LEU A 174 1 ? 13 
# 
_struct_conf_type.id          HELX_P 
_struct_conf_type.criteria    ? 
_struct_conf_type.reference   ? 
# 
loop_
_struct_conn.id 
_struct_conn.conn_type_id 
_struct_conn.pdbx_leaving_atom_flag 
_struct_conn.pdbx_PDB_id 
_struct_conn.ptnr1_label_asym_id 
_struct_conn.ptnr1_label_comp_id 
_struct_conn.ptnr1_label_seq_id 
_struct_conn.ptnr1_label_atom_id 
_struct_conn.pdbx_ptnr1_label_alt_id 
_struct_conn.pdbx_ptnr1_PDB_ins_code 
_struct_conn.pdbx_ptnr1_standard_comp_id 
_struct_conn.ptnr1_symmetry 
_struct_conn.ptnr2_label_asym_id 
_struct_conn.ptnr2_label_comp_id 
_struct_conn.ptnr2_label_seq_id 
_struct_conn.ptnr2_label_atom_id 
_struct_conn.pdbx_ptnr2_label_alt_id 
_struct_conn.pdbx_ptnr2_PDB_ins_code 
_struct_conn.ptnr1_auth_asym_id 
_struct_conn.ptnr1_auth_comp_id 
_struct_conn.ptnr1_auth_seq_id 
_struct_conn.ptnr2_auth_asym_id 
_struct_conn.ptnr2_auth_comp_id 
_struct_conn.ptnr2_auth_seq_id 
_struct_conn.ptnr2_symmetry 
_struct_conn.pdbx_ptnr3_label_atom_id 
_struct_conn.pdbx_ptnr3_label_seq_id 
_struct_conn.pdbx_ptnr3_label_comp_id 
_struct_conn.pdbx_ptnr3_label_asym_id 
_struct_conn.pdbx_ptnr3_label_alt_id 
_struct_conn.pdbx_ptnr3_PDB_ins_code 
_struct_conn.details 
_struct_conn.pdbx_dist_value 
_struct_conn.pdbx_value_order 
_struct_conn.pdbx_role 
metalc1 metalc ? ? A THR 20 OG1 ? ? ? 1_555 B MG  . MG ? ? A THR 27  A MG  901 1_555 ? ? ? ? ? ? ? 2.009 ? ? 
metalc2 metalc ? ? A THR 38 OG1 ? ? ? 1_555 B MG  . MG ? ? A THR 45  A MG  901 1_555 ? ? ? ? ? ? ? 2.133 ? ? 
metalc3 metalc ? ? C GNP .  O2G ? ? ? 1_555 B MG  . MG ? ? A GNP 900 A MG  901 1_555 ? ? ? ? ? ? ? 1.821 ? ? 
metalc4 metalc ? ? C GNP .  O2B ? ? ? 1_555 B MG  . MG ? ? A GNP 900 A MG  901 1_555 ? ? ? ? ? ? ? 2.047 ? ? 
metalc5 metalc ? ? B MG  .  MG  ? ? ? 1_555 D HOH . O  ? ? A MG  901 A HOH 933 1_555 ? ? ? ? ? ? ? 2.018 ? ? 
# 
_struct_conn_type.id          metalc 
_struct_conn_type.criteria    ? 
_struct_conn_type.reference   ? 
# 
loop_
_pdbx_struct_conn_angle.id 
_pdbx_struct_conn_angle.ptnr1_label_atom_id 
_pdbx_struct_conn_angle.ptnr1_label_alt_id 
_pdbx_struct_conn_angle.ptnr1_label_asym_id 
_pdbx_struct_conn_angle.ptnr1_label_comp_id 
_pdbx_struct_conn_angle.ptnr1_label_seq_id 
_pdbx_struct_conn_angle.ptnr1_auth_atom_id 
_pdbx_struct_conn_angle.ptnr1_auth_asym_id 
_pdbx_struct_conn_angle.ptnr1_auth_comp_id 
_pdbx_struct_conn_angle.ptnr1_auth_seq_id 
_pdbx_struct_conn_angle.ptnr1_PDB_ins_code 
_pdbx_struct_conn_angle.ptnr1_symmetry 
_pdbx_struct_conn_angle.ptnr2_label_atom_id 
_pdbx_struct_conn_angle.ptnr2_label_alt_id 
_pdbx_struct_conn_angle.ptnr2_label_asym_id 
_pdbx_struct_conn_angle.ptnr2_label_comp_id 
_pdbx_struct_conn_angle.ptnr2_label_seq_id 
_pdbx_struct_conn_angle.ptnr2_auth_atom_id 
_pdbx_struct_conn_angle.ptnr2_auth_asym_id 
_pdbx_struct_conn_angle.ptnr2_auth_comp_id 
_pdbx_struct_conn_angle.ptnr2_auth_seq_id 
_pdbx_struct_conn_angle.ptnr2_PDB_ins_code 
_pdbx_struct_conn_angle.ptnr2_symmetry 
_pdbx_struct_conn_angle.ptnr3_label_atom_id 
_pdbx_struct_conn_angle.ptnr3_label_alt_id 
_pdbx_struct_conn_angle.ptnr3_label_asym_id 
_pdbx_struct_conn_angle.ptnr3_label_comp_id 
_pdbx_struct_conn_angle.ptnr3_label_seq_id 
_pdbx_struct_conn_angle.ptnr3_auth_atom_id 
_pdbx_struct_conn_angle.ptnr3_auth_asym_id 
_pdbx_struct_conn_angle.ptnr3_auth_comp_id 
_pdbx_struct_conn_angle.ptnr3_auth_seq_id 
_pdbx_struct_conn_angle.ptnr3_PDB_ins_code 
_pdbx_struct_conn_angle.ptnr3_symmetry 
_pdbx_struct_conn_angle.value 
_pdbx_struct_conn_angle.value_esd 
1  OG1 ? A THR 20 ? A THR 27  ? 1_555 MG ? B MG . ? A MG 901 ? 1_555 OG1 ? A THR 38 ? A THR 45  ? 1_555 88.4  ? 
2  OG1 ? A THR 20 ? A THR 27  ? 1_555 MG ? B MG . ? A MG 901 ? 1_555 O2G ? C GNP .  ? A GNP 900 ? 1_555 173.9 ? 
3  OG1 ? A THR 38 ? A THR 45  ? 1_555 MG ? B MG . ? A MG 901 ? 1_555 O2G ? C GNP .  ? A GNP 900 ? 1_555 92.4  ? 
4  OG1 ? A THR 20 ? A THR 27  ? 1_555 MG ? B MG . ? A MG 901 ? 1_555 O2B ? C GNP .  ? A GNP 900 ? 1_555 90.8  ? 
5  OG1 ? A THR 38 ? A THR 45  ? 1_555 MG ? B MG . ? A MG 901 ? 1_555 O2B ? C GNP .  ? A GNP 900 ? 1_555 177.9 ? 
6  O2G ? C GNP .  ? A GNP 900 ? 1_555 MG ? B MG . ? A MG 901 ? 1_555 O2B ? C GNP .  ? A GNP 900 ? 1_555 88.2  ? 
7  OG1 ? A THR 20 ? A THR 27  ? 1_555 MG ? B MG . ? A MG 901 ? 1_555 O   ? D HOH .  ? A HOH 933 ? 1_555 92.9  ? 
8  OG1 ? A THR 38 ? A THR 45  ? 1_555 MG ? B MG . ? A MG 901 ? 1_555 O   ? D HOH .  ? A HOH 933 ? 1_555 88.2  ? 
9  O2G ? C GNP .  ? A GNP 900 ? 1_555 MG ? B MG . ? A MG 901 ? 1_555 O   ? D HOH .  ? A HOH 933 ? 1_555 93.2  ? 
10 O2B ? C GNP .  ? A GNP 900 ? 1_555 MG ? B MG . ? A MG 901 ? 1_555 O   ? D HOH .  ? A HOH 933 ? 1_555 93.8  ? 
# 
_struct_sheet.id               A 
_struct_sheet.type             ? 
_struct_sheet.number_strands   6 
_struct_sheet.details          ? 
# 
loop_
_struct_sheet_order.sheet_id 
_struct_sheet_order.range_id_1 
_struct_sheet_order.range_id_2 
_struct_sheet_order.offset 
_struct_sheet_order.sense 
A 1 2 ? anti-parallel 
A 2 3 ? parallel      
A 3 4 ? parallel      
A 4 5 ? parallel      
A 5 6 ? parallel      
# 
loop_
_struct_sheet_range.sheet_id 
_struct_sheet_range.id 
_struct_sheet_range.beg_label_comp_id 
_struct_sheet_range.beg_label_asym_id 
_struct_sheet_range.beg_label_seq_id 
_struct_sheet_range.pdbx_beg_PDB_ins_code 
_struct_sheet_range.end_label_comp_id 
_struct_sheet_range.end_label_asym_id 
_struct_sheet_range.end_label_seq_id 
_struct_sheet_range.pdbx_end_PDB_ins_code 
_struct_sheet_range.beg_auth_comp_id 
_struct_sheet_range.beg_auth_asym_id 
_struct_sheet_range.beg_auth_seq_id 
_struct_sheet_range.end_auth_comp_id 
_struct_sheet_range.end_auth_asym_id 
_struct_sheet_range.end_auth_seq_id 
A 1 ILE A 41  ? TYR A 49  ? ILE A 48  TYR A 56  
A 2 THR A 54  ? THR A 62  ? THR A 61  THR A 69  
A 3 LYS A 8   ? GLY A 13  ? LYS A 15  GLY A 20  
A 4 ALA A 81  ? ASP A 87  ? ALA A 88  ASP A 94  
A 5 ILE A 113 ? ASN A 119 ? ILE A 120 ASN A 126 
A 6 MET A 144 ? GLU A 147 ? MET A 151 GLU A 154 
# 
loop_
_pdbx_struct_sheet_hbond.sheet_id 
_pdbx_struct_sheet_hbond.range_id_1 
_pdbx_struct_sheet_hbond.range_id_2 
_pdbx_struct_sheet_hbond.range_1_label_atom_id 
_pdbx_struct_sheet_hbond.range_1_label_comp_id 
_pdbx_struct_sheet_hbond.range_1_label_asym_id 
_pdbx_struct_sheet_hbond.range_1_label_seq_id 
_pdbx_struct_sheet_hbond.range_1_PDB_ins_code 
_pdbx_struct_sheet_hbond.range_1_auth_atom_id 
_pdbx_struct_sheet_hbond.range_1_auth_comp_id 
_pdbx_struct_sheet_hbond.range_1_auth_asym_id 
_pdbx_struct_sheet_hbond.range_1_auth_seq_id 
_pdbx_struct_sheet_hbond.range_2_label_atom_id 
_pdbx_struct_sheet_hbond.range_2_label_comp_id 
_pdbx_struct_sheet_hbond.range_2_label_asym_id 
_pdbx_struct_sheet_hbond.range_2_label_seq_id 
_pdbx_struct_sheet_hbond.range_2_PDB_ins_code 
_pdbx_struct_sheet_hbond.range_2_auth_atom_id 
_pdbx_struct_sheet_hbond.range_2_auth_comp_id 
_pdbx_struct_sheet_hbond.range_2_auth_asym_id 
_pdbx_struct_sheet_hbond.range_2_auth_seq_id 
A 1 2 N LEU A 44  ? N LEU A 51  O LEU A 59  ? O LEU A 66  
A 2 3 O TRP A 60  ? O TRP A 67  N LEU A 9   ? N LEU A 16  
A 3 4 N LEU A 12  ? N LEU A 19  O VAL A 83  ? O VAL A 90  
A 4 5 N VAL A 84  ? N VAL A 91  O MET A 115 ? O MET A 122 
A 5 6 N LEU A 116 ? N LEU A 123 O MET A 144 ? O MET A 151 
# 
loop_
_struct_site.id 
_struct_site.pdbx_evidence_code 
_struct_site.pdbx_auth_asym_id 
_struct_site.pdbx_auth_comp_id 
_struct_site.pdbx_auth_seq_id 
_struct_site.pdbx_auth_ins_code 
_struct_site.pdbx_num_residues 
_struct_site.details 
AC1 Software A MG  901 ? 4  'BINDING SITE FOR RESIDUE MG A 901'  
AC2 Software A GNP 900 ? 24 'BINDING SITE FOR RESIDUE GNP A 900' 
# 
loop_
_struct_site_gen.id 
_struct_site_gen.site_id 
_struct_site_gen.pdbx_num_res 
_struct_site_gen.label_comp_id 
_struct_site_gen.label_asym_id 
_struct_site_gen.label_seq_id 
_struct_site_gen.pdbx_auth_ins_code 
_struct_site_gen.auth_comp_id 
_struct_site_gen.auth_asym_id 
_struct_site_gen.auth_seq_id 
_struct_site_gen.label_atom_id 
_struct_site_gen.label_alt_id 
_struct_site_gen.symmetry 
_struct_site_gen.details 
1  AC1 4  THR A 20  ? THR A 27  . ? 1_555 ? 
2  AC1 4  THR A 38  ? THR A 45  . ? 1_555 ? 
3  AC1 4  GNP C .   ? GNP A 900 . ? 1_555 ? 
4  AC1 4  HOH D .   ? HOH A 933 . ? 1_555 ? 
5  AC2 24 GLN A 15  ? GLN A 22  . ? 1_555 ? 
6  AC2 24 SER A 16  ? SER A 23  . ? 1_555 ? 
7  AC2 24 VAL A 17  ? VAL A 24  . ? 1_555 ? 
8  AC2 24 GLY A 18  ? GLY A 25  . ? 1_555 ? 
9  AC2 24 LYS A 19  ? LYS A 26  . ? 1_555 ? 
10 AC2 24 THR A 20  ? THR A 27  . ? 1_555 ? 
11 AC2 24 SER A 21  ? SER A 28  . ? 1_555 ? 
12 AC2 24 PHE A 31  ? PHE A 38  . ? 1_555 ? 
13 AC2 24 ASP A 32  ? ASP A 39  . ? 1_555 ? 
14 AC2 24 ASN A 33  ? ASN A 40  . ? 1_555 ? 
15 AC2 24 TYR A 35  ? TYR A 42  . ? 1_555 ? 
16 AC2 24 THR A 38  ? THR A 45  . ? 1_555 ? 
17 AC2 24 GLY A 64  ? GLY A 71  . ? 1_555 ? 
18 AC2 24 ASN A 119 ? ASN A 126 . ? 1_555 ? 
19 AC2 24 LYS A 120 ? LYS A 127 . ? 1_555 ? 
20 AC2 24 ASP A 122 ? ASP A 129 . ? 1_555 ? 
21 AC2 24 LEU A 123 ? LEU A 130 . ? 1_555 ? 
22 AC2 24 SER A 149 ? SER A 156 . ? 1_555 ? 
23 AC2 24 ALA A 150 ? ALA A 157 . ? 1_555 ? 
24 AC2 24 LYS A 151 ? LYS A 158 . ? 1_555 ? 
25 AC2 24 MG  B .   ? MG  A 901 . ? 1_555 ? 
26 AC2 24 HOH D .   ? HOH A 933 . ? 1_555 ? 
27 AC2 24 HOH D .   ? HOH A 934 . ? 1_555 ? 
28 AC2 24 HOH D .   ? HOH A 942 . ? 1_555 ? 
# 
loop_
_pdbx_validate_torsion.id 
_pdbx_validate_torsion.PDB_model_num 
_pdbx_validate_torsion.auth_comp_id 
_pdbx_validate_torsion.auth_asym_id 
_pdbx_validate_torsion.auth_seq_id 
_pdbx_validate_torsion.PDB_ins_code 
_pdbx_validate_torsion.label_alt_id 
_pdbx_validate_torsion.phi 
_pdbx_validate_torsion.psi 
1 1 ARG A 84  ? ? -39.96 124.92 
2 1 ASP A 118 ? ? -86.73 41.16  
3 1 LYS A 127 ? ? 80.25  36.08  
4 1 LEU A 130 ? ? -93.44 47.07  
# 
loop_
_pdbx_unobs_or_zero_occ_residues.id 
_pdbx_unobs_or_zero_occ_residues.PDB_model_num 
_pdbx_unobs_or_zero_occ_residues.polymer_flag 
_pdbx_unobs_or_zero_occ_residues.occupancy_flag 
_pdbx_unobs_or_zero_occ_residues.auth_asym_id 
_pdbx_unobs_or_zero_occ_residues.auth_comp_id 
_pdbx_unobs_or_zero_occ_residues.auth_seq_id 
_pdbx_unobs_or_zero_occ_residues.PDB_ins_code 
_pdbx_unobs_or_zero_occ_residues.label_asym_id 
_pdbx_unobs_or_zero_occ_residues.label_comp_id 
_pdbx_unobs_or_zero_occ_residues.label_seq_id 
1 1 Y 1 A GLY 8  ? A GLY 1 
2 1 Y 1 A SER 9  ? A SER 2 
3 1 Y 1 A PRO 10 ? A PRO 3 
4 1 Y 1 A LEU 11 ? A LEU 4 
5 1 Y 1 A ARG 12 ? A ARG 5 
6 1 Y 1 A LYS 13 ? A LYS 6 
# 
loop_
_chem_comp_atom.comp_id 
_chem_comp_atom.atom_id 
_chem_comp_atom.type_symbol 
_chem_comp_atom.pdbx_aromatic_flag 
_chem_comp_atom.pdbx_stereo_config 
_chem_comp_atom.pdbx_ordinal 
ALA N      N  N N 1   
ALA CA     C  N S 2   
ALA C      C  N N 3   
ALA O      O  N N 4   
ALA CB     C  N N 5   
ALA OXT    O  N N 6   
ALA H      H  N N 7   
ALA H2     H  N N 8   
ALA HA     H  N N 9   
ALA HB1    H  N N 10  
ALA HB2    H  N N 11  
ALA HB3    H  N N 12  
ALA HXT    H  N N 13  
ARG N      N  N N 14  
ARG CA     C  N S 15  
ARG C      C  N N 16  
ARG O      O  N N 17  
ARG CB     C  N N 18  
ARG CG     C  N N 19  
ARG CD     C  N N 20  
ARG NE     N  N N 21  
ARG CZ     C  N N 22  
ARG NH1    N  N N 23  
ARG NH2    N  N N 24  
ARG OXT    O  N N 25  
ARG H      H  N N 26  
ARG H2     H  N N 27  
ARG HA     H  N N 28  
ARG HB2    H  N N 29  
ARG HB3    H  N N 30  
ARG HG2    H  N N 31  
ARG HG3    H  N N 32  
ARG HD2    H  N N 33  
ARG HD3    H  N N 34  
ARG HE     H  N N 35  
ARG HH11   H  N N 36  
ARG HH12   H  N N 37  
ARG HH21   H  N N 38  
ARG HH22   H  N N 39  
ARG HXT    H  N N 40  
ASN N      N  N N 41  
ASN CA     C  N S 42  
ASN C      C  N N 43  
ASN O      O  N N 44  
ASN CB     C  N N 45  
ASN CG     C  N N 46  
ASN OD1    O  N N 47  
ASN ND2    N  N N 48  
ASN OXT    O  N N 49  
ASN H      H  N N 50  
ASN H2     H  N N 51  
ASN HA     H  N N 52  
ASN HB2    H  N N 53  
ASN HB3    H  N N 54  
ASN HD21   H  N N 55  
ASN HD22   H  N N 56  
ASN HXT    H  N N 57  
ASP N      N  N N 58  
ASP CA     C  N S 59  
ASP C      C  N N 60  
ASP O      O  N N 61  
ASP CB     C  N N 62  
ASP CG     C  N N 63  
ASP OD1    O  N N 64  
ASP OD2    O  N N 65  
ASP OXT    O  N N 66  
ASP H      H  N N 67  
ASP H2     H  N N 68  
ASP HA     H  N N 69  
ASP HB2    H  N N 70  
ASP HB3    H  N N 71  
ASP HD2    H  N N 72  
ASP HXT    H  N N 73  
GLN N      N  N N 74  
GLN CA     C  N S 75  
GLN C      C  N N 76  
GLN O      O  N N 77  
GLN CB     C  N N 78  
GLN CG     C  N N 79  
GLN CD     C  N N 80  
GLN OE1    O  N N 81  
GLN NE2    N  N N 82  
GLN OXT    O  N N 83  
GLN H      H  N N 84  
GLN H2     H  N N 85  
GLN HA     H  N N 86  
GLN HB2    H  N N 87  
GLN HB3    H  N N 88  
GLN HG2    H  N N 89  
GLN HG3    H  N N 90  
GLN HE21   H  N N 91  
GLN HE22   H  N N 92  
GLN HXT    H  N N 93  
GLU N      N  N N 94  
GLU CA     C  N S 95  
GLU C      C  N N 96  
GLU O      O  N N 97  
GLU CB     C  N N 98  
GLU CG     C  N N 99  
GLU CD     C  N N 100 
GLU OE1    O  N N 101 
GLU OE2    O  N N 102 
GLU OXT    O  N N 103 
GLU H      H  N N 104 
GLU H2     H  N N 105 
GLU HA     H  N N 106 
GLU HB2    H  N N 107 
GLU HB3    H  N N 108 
GLU HG2    H  N N 109 
GLU HG3    H  N N 110 
GLU HE2    H  N N 111 
GLU HXT    H  N N 112 
GLY N      N  N N 113 
GLY CA     C  N N 114 
GLY C      C  N N 115 
GLY O      O  N N 116 
GLY OXT    O  N N 117 
GLY H      H  N N 118 
GLY H2     H  N N 119 
GLY HA2    H  N N 120 
GLY HA3    H  N N 121 
GLY HXT    H  N N 122 
GNP PG     P  N N 123 
GNP O1G    O  N N 124 
GNP O2G    O  N N 125 
GNP O3G    O  N N 126 
GNP N3B    N  N N 127 
GNP PB     P  N R 128 
GNP O1B    O  N N 129 
GNP O2B    O  N N 130 
GNP O3A    O  N N 131 
GNP PA     P  N S 132 
GNP O1A    O  N N 133 
GNP O2A    O  N N 134 
GNP "O5'"  O  N N 135 
GNP "C5'"  C  N N 136 
GNP "C4'"  C  N R 137 
GNP "O4'"  O  N N 138 
GNP "C3'"  C  N S 139 
GNP "O3'"  O  N N 140 
GNP "C2'"  C  N R 141 
GNP "O2'"  O  N N 142 
GNP "C1'"  C  N R 143 
GNP N9     N  Y N 144 
GNP C8     C  Y N 145 
GNP N7     N  Y N 146 
GNP C5     C  Y N 147 
GNP C6     C  Y N 148 
GNP O6     O  N N 149 
GNP N1     N  Y N 150 
GNP C2     C  Y N 151 
GNP N2     N  N N 152 
GNP N3     N  Y N 153 
GNP C4     C  Y N 154 
GNP HOG2   H  N N 155 
GNP HOG3   H  N N 156 
GNP HNB3   H  N N 157 
GNP HOB2   H  N N 158 
GNP HOA2   H  N N 159 
GNP "H5'2" H  N N 160 
GNP "H5'1" H  N N 161 
GNP "H4'"  H  N N 162 
GNP "H3'"  H  N N 163 
GNP "HO3'" H  N N 164 
GNP "H2'"  H  N N 165 
GNP "HO2'" H  N N 166 
GNP "H1'"  H  N N 167 
GNP H8     H  N N 168 
GNP HN1    H  N N 169 
GNP HN21   H  N N 170 
GNP HN22   H  N N 171 
HOH O      O  N N 172 
HOH H1     H  N N 173 
HOH H2     H  N N 174 
ILE N      N  N N 175 
ILE CA     C  N S 176 
ILE C      C  N N 177 
ILE O      O  N N 178 
ILE CB     C  N S 179 
ILE CG1    C  N N 180 
ILE CG2    C  N N 181 
ILE CD1    C  N N 182 
ILE OXT    O  N N 183 
ILE H      H  N N 184 
ILE H2     H  N N 185 
ILE HA     H  N N 186 
ILE HB     H  N N 187 
ILE HG12   H  N N 188 
ILE HG13   H  N N 189 
ILE HG21   H  N N 190 
ILE HG22   H  N N 191 
ILE HG23   H  N N 192 
ILE HD11   H  N N 193 
ILE HD12   H  N N 194 
ILE HD13   H  N N 195 
ILE HXT    H  N N 196 
LEU N      N  N N 197 
LEU CA     C  N S 198 
LEU C      C  N N 199 
LEU O      O  N N 200 
LEU CB     C  N N 201 
LEU CG     C  N N 202 
LEU CD1    C  N N 203 
LEU CD2    C  N N 204 
LEU OXT    O  N N 205 
LEU H      H  N N 206 
LEU H2     H  N N 207 
LEU HA     H  N N 208 
LEU HB2    H  N N 209 
LEU HB3    H  N N 210 
LEU HG     H  N N 211 
LEU HD11   H  N N 212 
LEU HD12   H  N N 213 
LEU HD13   H  N N 214 
LEU HD21   H  N N 215 
LEU HD22   H  N N 216 
LEU HD23   H  N N 217 
LEU HXT    H  N N 218 
LYS N      N  N N 219 
LYS CA     C  N S 220 
LYS C      C  N N 221 
LYS O      O  N N 222 
LYS CB     C  N N 223 
LYS CG     C  N N 224 
LYS CD     C  N N 225 
LYS CE     C  N N 226 
LYS NZ     N  N N 227 
LYS OXT    O  N N 228 
LYS H      H  N N 229 
LYS H2     H  N N 230 
LYS HA     H  N N 231 
LYS HB2    H  N N 232 
LYS HB3    H  N N 233 
LYS HG2    H  N N 234 
LYS HG3    H  N N 235 
LYS HD2    H  N N 236 
LYS HD3    H  N N 237 
LYS HE2    H  N N 238 
LYS HE3    H  N N 239 
LYS HZ1    H  N N 240 
LYS HZ2    H  N N 241 
LYS HZ3    H  N N 242 
LYS HXT    H  N N 243 
MET N      N  N N 244 
MET CA     C  N S 245 
MET C      C  N N 246 
MET O      O  N N 247 
MET CB     C  N N 248 
MET CG     C  N N 249 
MET SD     S  N N 250 
MET CE     C  N N 251 
MET OXT    O  N N 252 
MET H      H  N N 253 
MET H2     H  N N 254 
MET HA     H  N N 255 
MET HB2    H  N N 256 
MET HB3    H  N N 257 
MET HG2    H  N N 258 
MET HG3    H  N N 259 
MET HE1    H  N N 260 
MET HE2    H  N N 261 
MET HE3    H  N N 262 
MET HXT    H  N N 263 
MG  MG     MG N N 264 
PHE N      N  N N 265 
PHE CA     C  N S 266 
PHE C      C  N N 267 
PHE O      O  N N 268 
PHE CB     C  N N 269 
PHE CG     C  Y N 270 
PHE CD1    C  Y N 271 
PHE CD2    C  Y N 272 
PHE CE1    C  Y N 273 
PHE CE2    C  Y N 274 
PHE CZ     C  Y N 275 
PHE OXT    O  N N 276 
PHE H      H  N N 277 
PHE H2     H  N N 278 
PHE HA     H  N N 279 
PHE HB2    H  N N 280 
PHE HB3    H  N N 281 
PHE HD1    H  N N 282 
PHE HD2    H  N N 283 
PHE HE1    H  N N 284 
PHE HE2    H  N N 285 
PHE HZ     H  N N 286 
PHE HXT    H  N N 287 
PRO N      N  N N 288 
PRO CA     C  N S 289 
PRO C      C  N N 290 
PRO O      O  N N 291 
PRO CB     C  N N 292 
PRO CG     C  N N 293 
PRO CD     C  N N 294 
PRO OXT    O  N N 295 
PRO H      H  N N 296 
PRO HA     H  N N 297 
PRO HB2    H  N N 298 
PRO HB3    H  N N 299 
PRO HG2    H  N N 300 
PRO HG3    H  N N 301 
PRO HD2    H  N N 302 
PRO HD3    H  N N 303 
PRO HXT    H  N N 304 
SER N      N  N N 305 
SER CA     C  N S 306 
SER C      C  N N 307 
SER O      O  N N 308 
SER CB     C  N N 309 
SER OG     O  N N 310 
SER OXT    O  N N 311 
SER H      H  N N 312 
SER H2     H  N N 313 
SER HA     H  N N 314 
SER HB2    H  N N 315 
SER HB3    H  N N 316 
SER HG     H  N N 317 
SER HXT    H  N N 318 
THR N      N  N N 319 
THR CA     C  N S 320 
THR C      C  N N 321 
THR O      O  N N 322 
THR CB     C  N R 323 
THR OG1    O  N N 324 
THR CG2    C  N N 325 
THR OXT    O  N N 326 
THR H      H  N N 327 
THR H2     H  N N 328 
THR HA     H  N N 329 
THR HB     H  N N 330 
THR HG1    H  N N 331 
THR HG21   H  N N 332 
THR HG22   H  N N 333 
THR HG23   H  N N 334 
THR HXT    H  N N 335 
TRP N      N  N N 336 
TRP CA     C  N S 337 
TRP C      C  N N 338 
TRP O      O  N N 339 
TRP CB     C  N N 340 
TRP CG     C  Y N 341 
TRP CD1    C  Y N 342 
TRP CD2    C  Y N 343 
TRP NE1    N  Y N 344 
TRP CE2    C  Y N 345 
TRP CE3    C  Y N 346 
TRP CZ2    C  Y N 347 
TRP CZ3    C  Y N 348 
TRP CH2    C  Y N 349 
TRP OXT    O  N N 350 
TRP H      H  N N 351 
TRP H2     H  N N 352 
TRP HA     H  N N 353 
TRP HB2    H  N N 354 
TRP HB3    H  N N 355 
TRP HD1    H  N N 356 
TRP HE1    H  N N 357 
TRP HE3    H  N N 358 
TRP HZ2    H  N N 359 
TRP HZ3    H  N N 360 
TRP HH2    H  N N 361 
TRP HXT    H  N N 362 
TYR N      N  N N 363 
TYR CA     C  N S 364 
TYR C      C  N N 365 
TYR O      O  N N 366 
TYR CB     C  N N 367 
TYR CG     C  Y N 368 
TYR CD1    C  Y N 369 
TYR CD2    C  Y N 370 
TYR CE1    C  Y N 371 
TYR CE2    C  Y N 372 
TYR CZ     C  Y N 373 
TYR OH     O  N N 374 
TYR OXT    O  N N 375 
TYR H      H  N N 376 
TYR H2     H  N N 377 
TYR HA     H  N N 378 
TYR HB2    H  N N 379 
TYR HB3    H  N N 380 
TYR HD1    H  N N 381 
TYR HD2    H  N N 382 
TYR HE1    H  N N 383 
TYR HE2    H  N N 384 
TYR HH     H  N N 385 
TYR HXT    H  N N 386 
VAL N      N  N N 387 
VAL CA     C  N S 388 
VAL C      C  N N 389 
VAL O      O  N N 390 
VAL CB     C  N N 391 
VAL CG1    C  N N 392 
VAL CG2    C  N N 393 
VAL OXT    O  N N 394 
VAL H      H  N N 395 
VAL H2     H  N N 396 
VAL HA     H  N N 397 
VAL HB     H  N N 398 
VAL HG11   H  N N 399 
VAL HG12   H  N N 400 
VAL HG13   H  N N 401 
VAL HG21   H  N N 402 
VAL HG22   H  N N 403 
VAL HG23   H  N N 404 
VAL HXT    H  N N 405 
# 
loop_
_chem_comp_bond.comp_id 
_chem_comp_bond.atom_id_1 
_chem_comp_bond.atom_id_2 
_chem_comp_bond.value_order 
_chem_comp_bond.pdbx_aromatic_flag 
_chem_comp_bond.pdbx_stereo_config 
_chem_comp_bond.pdbx_ordinal 
ALA N     CA     sing N N 1   
ALA N     H      sing N N 2   
ALA N     H2     sing N N 3   
ALA CA    C      sing N N 4   
ALA CA    CB     sing N N 5   
ALA CA    HA     sing N N 6   
ALA C     O      doub N N 7   
ALA C     OXT    sing N N 8   
ALA CB    HB1    sing N N 9   
ALA CB    HB2    sing N N 10  
ALA CB    HB3    sing N N 11  
ALA OXT   HXT    sing N N 12  
ARG N     CA     sing N N 13  
ARG N     H      sing N N 14  
ARG N     H2     sing N N 15  
ARG CA    C      sing N N 16  
ARG CA    CB     sing N N 17  
ARG CA    HA     sing N N 18  
ARG C     O      doub N N 19  
ARG C     OXT    sing N N 20  
ARG CB    CG     sing N N 21  
ARG CB    HB2    sing N N 22  
ARG CB    HB3    sing N N 23  
ARG CG    CD     sing N N 24  
ARG CG    HG2    sing N N 25  
ARG CG    HG3    sing N N 26  
ARG CD    NE     sing N N 27  
ARG CD    HD2    sing N N 28  
ARG CD    HD3    sing N N 29  
ARG NE    CZ     sing N N 30  
ARG NE    HE     sing N N 31  
ARG CZ    NH1    sing N N 32  
ARG CZ    NH2    doub N N 33  
ARG NH1   HH11   sing N N 34  
ARG NH1   HH12   sing N N 35  
ARG NH2   HH21   sing N N 36  
ARG NH2   HH22   sing N N 37  
ARG OXT   HXT    sing N N 38  
ASN N     CA     sing N N 39  
ASN N     H      sing N N 40  
ASN N     H2     sing N N 41  
ASN CA    C      sing N N 42  
ASN CA    CB     sing N N 43  
ASN CA    HA     sing N N 44  
ASN C     O      doub N N 45  
ASN C     OXT    sing N N 46  
ASN CB    CG     sing N N 47  
ASN CB    HB2    sing N N 48  
ASN CB    HB3    sing N N 49  
ASN CG    OD1    doub N N 50  
ASN CG    ND2    sing N N 51  
ASN ND2   HD21   sing N N 52  
ASN ND2   HD22   sing N N 53  
ASN OXT   HXT    sing N N 54  
ASP N     CA     sing N N 55  
ASP N     H      sing N N 56  
ASP N     H2     sing N N 57  
ASP CA    C      sing N N 58  
ASP CA    CB     sing N N 59  
ASP CA    HA     sing N N 60  
ASP C     O      doub N N 61  
ASP C     OXT    sing N N 62  
ASP CB    CG     sing N N 63  
ASP CB    HB2    sing N N 64  
ASP CB    HB3    sing N N 65  
ASP CG    OD1    doub N N 66  
ASP CG    OD2    sing N N 67  
ASP OD2   HD2    sing N N 68  
ASP OXT   HXT    sing N N 69  
GLN N     CA     sing N N 70  
GLN N     H      sing N N 71  
GLN N     H2     sing N N 72  
GLN CA    C      sing N N 73  
GLN CA    CB     sing N N 74  
GLN CA    HA     sing N N 75  
GLN C     O      doub N N 76  
GLN C     OXT    sing N N 77  
GLN CB    CG     sing N N 78  
GLN CB    HB2    sing N N 79  
GLN CB    HB3    sing N N 80  
GLN CG    CD     sing N N 81  
GLN CG    HG2    sing N N 82  
GLN CG    HG3    sing N N 83  
GLN CD    OE1    doub N N 84  
GLN CD    NE2    sing N N 85  
GLN NE2   HE21   sing N N 86  
GLN NE2   HE22   sing N N 87  
GLN OXT   HXT    sing N N 88  
GLU N     CA     sing N N 89  
GLU N     H      sing N N 90  
GLU N     H2     sing N N 91  
GLU CA    C      sing N N 92  
GLU CA    CB     sing N N 93  
GLU CA    HA     sing N N 94  
GLU C     O      doub N N 95  
GLU C     OXT    sing N N 96  
GLU CB    CG     sing N N 97  
GLU CB    HB2    sing N N 98  
GLU CB    HB3    sing N N 99  
GLU CG    CD     sing N N 100 
GLU CG    HG2    sing N N 101 
GLU CG    HG3    sing N N 102 
GLU CD    OE1    doub N N 103 
GLU CD    OE2    sing N N 104 
GLU OE2   HE2    sing N N 105 
GLU OXT   HXT    sing N N 106 
GLY N     CA     sing N N 107 
GLY N     H      sing N N 108 
GLY N     H2     sing N N 109 
GLY CA    C      sing N N 110 
GLY CA    HA2    sing N N 111 
GLY CA    HA3    sing N N 112 
GLY C     O      doub N N 113 
GLY C     OXT    sing N N 114 
GLY OXT   HXT    sing N N 115 
GNP PG    O1G    doub N N 116 
GNP PG    O2G    sing N N 117 
GNP PG    O3G    sing N N 118 
GNP PG    N3B    sing N N 119 
GNP O2G   HOG2   sing N N 120 
GNP O3G   HOG3   sing N N 121 
GNP N3B   PB     sing N N 122 
GNP N3B   HNB3   sing N N 123 
GNP PB    O1B    doub N N 124 
GNP PB    O2B    sing N N 125 
GNP PB    O3A    sing N N 126 
GNP O2B   HOB2   sing N N 127 
GNP O3A   PA     sing N N 128 
GNP PA    O1A    doub N N 129 
GNP PA    O2A    sing N N 130 
GNP PA    "O5'"  sing N N 131 
GNP O2A   HOA2   sing N N 132 
GNP "O5'" "C5'"  sing N N 133 
GNP "C5'" "C4'"  sing N N 134 
GNP "C5'" "H5'2" sing N N 135 
GNP "C5'" "H5'1" sing N N 136 
GNP "C4'" "O4'"  sing N N 137 
GNP "C4'" "C3'"  sing N N 138 
GNP "C4'" "H4'"  sing N N 139 
GNP "O4'" "C1'"  sing N N 140 
GNP "C3'" "O3'"  sing N N 141 
GNP "C3'" "C2'"  sing N N 142 
GNP "C3'" "H3'"  sing N N 143 
GNP "O3'" "HO3'" sing N N 144 
GNP "C2'" "O2'"  sing N N 145 
GNP "C2'" "C1'"  sing N N 146 
GNP "C2'" "H2'"  sing N N 147 
GNP "O2'" "HO2'" sing N N 148 
GNP "C1'" N9     sing N N 149 
GNP "C1'" "H1'"  sing N N 150 
GNP N9    C8     sing Y N 151 
GNP N9    C4     sing Y N 152 
GNP C8    N7     doub Y N 153 
GNP C8    H8     sing N N 154 
GNP N7    C5     sing Y N 155 
GNP C5    C6     sing Y N 156 
GNP C5    C4     doub Y N 157 
GNP C6    O6     doub N N 158 
GNP C6    N1     sing Y N 159 
GNP N1    C2     sing Y N 160 
GNP N1    HN1    sing N N 161 
GNP C2    N2     sing N N 162 
GNP C2    N3     doub Y N 163 
GNP N2    HN21   sing N N 164 
GNP N2    HN22   sing N N 165 
GNP N3    C4     sing Y N 166 
HOH O     H1     sing N N 167 
HOH O     H2     sing N N 168 
ILE N     CA     sing N N 169 
ILE N     H      sing N N 170 
ILE N     H2     sing N N 171 
ILE CA    C      sing N N 172 
ILE CA    CB     sing N N 173 
ILE CA    HA     sing N N 174 
ILE C     O      doub N N 175 
ILE C     OXT    sing N N 176 
ILE CB    CG1    sing N N 177 
ILE CB    CG2    sing N N 178 
ILE CB    HB     sing N N 179 
ILE CG1   CD1    sing N N 180 
ILE CG1   HG12   sing N N 181 
ILE CG1   HG13   sing N N 182 
ILE CG2   HG21   sing N N 183 
ILE CG2   HG22   sing N N 184 
ILE CG2   HG23   sing N N 185 
ILE CD1   HD11   sing N N 186 
ILE CD1   HD12   sing N N 187 
ILE CD1   HD13   sing N N 188 
ILE OXT   HXT    sing N N 189 
LEU N     CA     sing N N 190 
LEU N     H      sing N N 191 
LEU N     H2     sing N N 192 
LEU CA    C      sing N N 193 
LEU CA    CB     sing N N 194 
LEU CA    HA     sing N N 195 
LEU C     O      doub N N 196 
LEU C     OXT    sing N N 197 
LEU CB    CG     sing N N 198 
LEU CB    HB2    sing N N 199 
LEU CB    HB3    sing N N 200 
LEU CG    CD1    sing N N 201 
LEU CG    CD2    sing N N 202 
LEU CG    HG     sing N N 203 
LEU CD1   HD11   sing N N 204 
LEU CD1   HD12   sing N N 205 
LEU CD1   HD13   sing N N 206 
LEU CD2   HD21   sing N N 207 
LEU CD2   HD22   sing N N 208 
LEU CD2   HD23   sing N N 209 
LEU OXT   HXT    sing N N 210 
LYS N     CA     sing N N 211 
LYS N     H      sing N N 212 
LYS N     H2     sing N N 213 
LYS CA    C      sing N N 214 
LYS CA    CB     sing N N 215 
LYS CA    HA     sing N N 216 
LYS C     O      doub N N 217 
LYS C     OXT    sing N N 218 
LYS CB    CG     sing N N 219 
LYS CB    HB2    sing N N 220 
LYS CB    HB3    sing N N 221 
LYS CG    CD     sing N N 222 
LYS CG    HG2    sing N N 223 
LYS CG    HG3    sing N N 224 
LYS CD    CE     sing N N 225 
LYS CD    HD2    sing N N 226 
LYS CD    HD3    sing N N 227 
LYS CE    NZ     sing N N 228 
LYS CE    HE2    sing N N 229 
LYS CE    HE3    sing N N 230 
LYS NZ    HZ1    sing N N 231 
LYS NZ    HZ2    sing N N 232 
LYS NZ    HZ3    sing N N 233 
LYS OXT   HXT    sing N N 234 
MET N     CA     sing N N 235 
MET N     H      sing N N 236 
MET N     H2     sing N N 237 
MET CA    C      sing N N 238 
MET CA    CB     sing N N 239 
MET CA    HA     sing N N 240 
MET C     O      doub N N 241 
MET C     OXT    sing N N 242 
MET CB    CG     sing N N 243 
MET CB    HB2    sing N N 244 
MET CB    HB3    sing N N 245 
MET CG    SD     sing N N 246 
MET CG    HG2    sing N N 247 
MET CG    HG3    sing N N 248 
MET SD    CE     sing N N 249 
MET CE    HE1    sing N N 250 
MET CE    HE2    sing N N 251 
MET CE    HE3    sing N N 252 
MET OXT   HXT    sing N N 253 
PHE N     CA     sing N N 254 
PHE N     H      sing N N 255 
PHE N     H2     sing N N 256 
PHE CA    C      sing N N 257 
PHE CA    CB     sing N N 258 
PHE CA    HA     sing N N 259 
PHE C     O      doub N N 260 
PHE C     OXT    sing N N 261 
PHE CB    CG     sing N N 262 
PHE CB    HB2    sing N N 263 
PHE CB    HB3    sing N N 264 
PHE CG    CD1    doub Y N 265 
PHE CG    CD2    sing Y N 266 
PHE CD1   CE1    sing Y N 267 
PHE CD1   HD1    sing N N 268 
PHE CD2   CE2    doub Y N 269 
PHE CD2   HD2    sing N N 270 
PHE CE1   CZ     doub Y N 271 
PHE CE1   HE1    sing N N 272 
PHE CE2   CZ     sing Y N 273 
PHE CE2   HE2    sing N N 274 
PHE CZ    HZ     sing N N 275 
PHE OXT   HXT    sing N N 276 
PRO N     CA     sing N N 277 
PRO N     CD     sing N N 278 
PRO N     H      sing N N 279 
PRO CA    C      sing N N 280 
PRO CA    CB     sing N N 281 
PRO CA    HA     sing N N 282 
PRO C     O      doub N N 283 
PRO C     OXT    sing N N 284 
PRO CB    CG     sing N N 285 
PRO CB    HB2    sing N N 286 
PRO CB    HB3    sing N N 287 
PRO CG    CD     sing N N 288 
PRO CG    HG2    sing N N 289 
PRO CG    HG3    sing N N 290 
PRO CD    HD2    sing N N 291 
PRO CD    HD3    sing N N 292 
PRO OXT   HXT    sing N N 293 
SER N     CA     sing N N 294 
SER N     H      sing N N 295 
SER N     H2     sing N N 296 
SER CA    C      sing N N 297 
SER CA    CB     sing N N 298 
SER CA    HA     sing N N 299 
SER C     O      doub N N 300 
SER C     OXT    sing N N 301 
SER CB    OG     sing N N 302 
SER CB    HB2    sing N N 303 
SER CB    HB3    sing N N 304 
SER OG    HG     sing N N 305 
SER OXT   HXT    sing N N 306 
THR N     CA     sing N N 307 
THR N     H      sing N N 308 
THR N     H2     sing N N 309 
THR CA    C      sing N N 310 
THR CA    CB     sing N N 311 
THR CA    HA     sing N N 312 
THR C     O      doub N N 313 
THR C     OXT    sing N N 314 
THR CB    OG1    sing N N 315 
THR CB    CG2    sing N N 316 
THR CB    HB     sing N N 317 
THR OG1   HG1    sing N N 318 
THR CG2   HG21   sing N N 319 
THR CG2   HG22   sing N N 320 
THR CG2   HG23   sing N N 321 
THR OXT   HXT    sing N N 322 
TRP N     CA     sing N N 323 
TRP N     H      sing N N 324 
TRP N     H2     sing N N 325 
TRP CA    C      sing N N 326 
TRP CA    CB     sing N N 327 
TRP CA    HA     sing N N 328 
TRP C     O      doub N N 329 
TRP C     OXT    sing N N 330 
TRP CB    CG     sing N N 331 
TRP CB    HB2    sing N N 332 
TRP CB    HB3    sing N N 333 
TRP CG    CD1    doub Y N 334 
TRP CG    CD2    sing Y N 335 
TRP CD1   NE1    sing Y N 336 
TRP CD1   HD1    sing N N 337 
TRP CD2   CE2    doub Y N 338 
TRP CD2   CE3    sing Y N 339 
TRP NE1   CE2    sing Y N 340 
TRP NE1   HE1    sing N N 341 
TRP CE2   CZ2    sing Y N 342 
TRP CE3   CZ3    doub Y N 343 
TRP CE3   HE3    sing N N 344 
TRP CZ2   CH2    doub Y N 345 
TRP CZ2   HZ2    sing N N 346 
TRP CZ3   CH2    sing Y N 347 
TRP CZ3   HZ3    sing N N 348 
TRP CH2   HH2    sing N N 349 
TRP OXT   HXT    sing N N 350 
TYR N     CA     sing N N 351 
TYR N     H      sing N N 352 
TYR N     H2     sing N N 353 
TYR CA    C      sing N N 354 
TYR CA    CB     sing N N 355 
TYR CA    HA     sing N N 356 
TYR C     O      doub N N 357 
TYR C     OXT    sing N N 358 
TYR CB    CG     sing N N 359 
TYR CB    HB2    sing N N 360 
TYR CB    HB3    sing N N 361 
TYR CG    CD1    doub Y N 362 
TYR CG    CD2    sing Y N 363 
TYR CD1   CE1    sing Y N 364 
TYR CD1   HD1    sing N N 365 
TYR CD2   CE2    doub Y N 366 
TYR CD2   HD2    sing N N 367 
TYR CE1   CZ     doub Y N 368 
TYR CE1   HE1    sing N N 369 
TYR CE2   CZ     sing Y N 370 
TYR CE2   HE2    sing N N 371 
TYR CZ    OH     sing N N 372 
TYR OH    HH     sing N N 373 
TYR OXT   HXT    sing N N 374 
VAL N     CA     sing N N 375 
VAL N     H      sing N N 376 
VAL N     H2     sing N N 377 
VAL CA    C      sing N N 378 
VAL CA    CB     sing N N 379 
VAL CA    HA     sing N N 380 
VAL C     O      doub N N 381 
VAL C     OXT    sing N N 382 
VAL CB    CG1    sing N N 383 
VAL CB    CG2    sing N N 384 
VAL CB    HB     sing N N 385 
VAL CG1   HG11   sing N N 386 
VAL CG1   HG12   sing N N 387 
VAL CG1   HG13   sing N N 388 
VAL CG2   HG21   sing N N 389 
VAL CG2   HG22   sing N N 390 
VAL CG2   HG23   sing N N 391 
VAL OXT   HXT    sing N N 392 
# 
_pdbx_initial_refinement_model.accession_code   ? 
_pdbx_initial_refinement_model.id               1 
_pdbx_initial_refinement_model.entity_id_list   ? 
_pdbx_initial_refinement_model.type             'experimental model' 
_pdbx_initial_refinement_model.source_name      Other 
_pdbx_initial_refinement_model.details          'Polyalanine Rab3a GTPase' 
# 
_atom_sites.entry_id                    1YZQ 
_atom_sites.fract_transf_matrix[1][1]   -0.00565572 
_atom_sites.fract_transf_matrix[1][2]   0.02241236 
_atom_sites.fract_transf_matrix[1][3]   -0.00868865 
_atom_sites.fract_transf_matrix[2][1]   0.00344177 
_atom_sites.fract_transf_matrix[2][2]   0.00586113 
_atom_sites.fract_transf_matrix[2][3]   0.01287840 
_atom_sites.fract_transf_matrix[3][1]   0.01291787 
_atom_sites.fract_transf_matrix[3][2]   0.00163327 
_atom_sites.fract_transf_matrix[3][3]   -0.00419564 
_atom_sites.fract_transf_vector[1]      0.401072 
_atom_sites.fract_transf_vector[2]      0.227159 
_atom_sites.fract_transf_vector[3]      0.304676 
# 
loop_
_atom_type.symbol 
C  
MG 
N  
O  
P  
S  
# 
loop_
_atom_site.group_PDB 
_atom_site.id 
_atom_site.type_symbol 
_atom_site.label_atom_id 
_atom_site.label_alt_id 
_atom_site.label_comp_id 
_atom_site.label_asym_id 
_atom_site.label_entity_id 
_atom_site.label_seq_id 
_atom_site.pdbx_PDB_ins_code 
_atom_site.Cartn_x 
_atom_site.Cartn_y 
_atom_site.Cartn_z 
_atom_site.occupancy 
_atom_site.B_iso_or_equiv 
_atom_site.pdbx_formal_charge 
_atom_site.auth_seq_id 
_atom_site.auth_comp_id 
_atom_site.auth_asym_id 
_atom_site.auth_atom_id 
_atom_site.pdbx_PDB_model_num 
ATOM   1    N  N     . PHE A 1 7   ? 10.922  -0.465  -11.371 1.00 26.23 ? 14   PHE A N     1 
ATOM   2    C  CA    . PHE A 1 7   ? 10.421  -1.157  -10.159 1.00 25.72 ? 14   PHE A CA    1 
ATOM   3    C  C     . PHE A 1 7   ? 8.918   -0.975  -10.069 1.00 25.26 ? 14   PHE A C     1 
ATOM   4    O  O     . PHE A 1 7   ? 8.418   0.109   -9.716  1.00 25.17 ? 14   PHE A O     1 
ATOM   5    C  CB    . PHE A 1 7   ? 11.080  -0.602  -8.890  1.00 26.08 ? 14   PHE A CB    1 
ATOM   6    C  CG    . PHE A 1 7   ? 12.536  -0.957  -8.739  1.00 26.37 ? 14   PHE A CG    1 
ATOM   7    C  CD1   . PHE A 1 7   ? 13.530  -0.129  -9.259  1.00 27.42 ? 14   PHE A CD1   1 
ATOM   8    C  CD2   . PHE A 1 7   ? 12.913  -2.099  -8.047  1.00 28.12 ? 14   PHE A CD2   1 
ATOM   9    C  CE1   . PHE A 1 7   ? 14.878  -0.448  -9.104  1.00 28.17 ? 14   PHE A CE1   1 
ATOM   10   C  CE2   . PHE A 1 7   ? 14.260  -2.428  -7.886  1.00 27.16 ? 14   PHE A CE2   1 
ATOM   11   C  CZ    . PHE A 1 7   ? 15.242  -1.601  -8.413  1.00 27.67 ? 14   PHE A CZ    1 
ATOM   12   N  N     . LYS A 1 8   ? 8.192   -2.034  -10.391 1.00 24.42 ? 15   LYS A N     1 
ATOM   13   C  CA    . LYS A 1 8   ? 6.745   -2.007  -10.299 1.00 23.72 ? 15   LYS A CA    1 
ATOM   14   C  C     . LYS A 1 8   ? 6.276   -2.138  -8.844  1.00 23.29 ? 15   LYS A C     1 
ATOM   15   O  O     . LYS A 1 8   ? 6.524   -3.144  -8.177  1.00 23.02 ? 15   LYS A O     1 
ATOM   16   C  CB    . LYS A 1 8   ? 6.129   -3.094  -11.172 1.00 24.42 ? 15   LYS A CB    1 
ATOM   17   C  CG    . LYS A 1 8   ? 4.639   -3.222  -11.022 1.00 24.86 ? 15   LYS A CG    1 
ATOM   18   C  CD    . LYS A 1 8   ? 4.074   -4.128  -12.096 1.00 26.81 ? 15   LYS A CD    1 
ATOM   19   C  CE    . LYS A 1 8   ? 2.614   -4.378  -11.835 1.00 28.32 ? 15   LYS A CE    1 
ATOM   20   N  NZ    . LYS A 1 8   ? 1.951   -5.068  -12.975 1.00 29.26 ? 15   LYS A NZ    1 
ATOM   21   N  N     . LEU A 1 9   ? 5.602   -1.095  -8.375  1.00 22.45 ? 16   LEU A N     1 
ATOM   22   C  CA    . LEU A 1 9   ? 4.983   -1.060  -7.054  1.00 22.82 ? 16   LEU A CA    1 
ATOM   23   C  C     . LEU A 1 9   ? 3.489   -1.009  -7.222  1.00 22.12 ? 16   LEU A C     1 
ATOM   24   O  O     . LEU A 1 9   ? 2.959   -0.033  -7.768  1.00 22.17 ? 16   LEU A O     1 
ATOM   25   C  CB    . LEU A 1 9   ? 5.416   0.194   -6.289  1.00 22.70 ? 16   LEU A CB    1 
ATOM   26   C  CG    . LEU A 1 9   ? 6.526   0.104   -5.248  1.00 24.75 ? 16   LEU A CG    1 
ATOM   27   C  CD1   . LEU A 1 9   ? 7.876   -0.187  -5.887  1.00 26.00 ? 16   LEU A CD1   1 
ATOM   28   C  CD2   . LEU A 1 9   ? 6.563   1.388   -4.419  1.00 23.59 ? 16   LEU A CD2   1 
ATOM   29   N  N     . VAL A 1 10  ? 2.812   -2.045  -6.738  1.00 21.60 ? 17   VAL A N     1 
ATOM   30   C  CA    . VAL A 1 10  ? 1.362   -2.121  -6.819  1.00 21.43 ? 17   VAL A CA    1 
ATOM   31   C  C     . VAL A 1 10  ? 0.735   -1.790  -5.459  1.00 21.27 ? 17   VAL A C     1 
ATOM   32   O  O     . VAL A 1 10  ? 1.178   -2.286  -4.421  1.00 21.35 ? 17   VAL A O     1 
ATOM   33   C  CB    . VAL A 1 10  ? 0.879   -3.504  -7.385  1.00 21.41 ? 17   VAL A CB    1 
ATOM   34   C  CG1   . VAL A 1 10  ? 1.272   -4.651  -6.478  1.00 21.80 ? 17   VAL A CG1   1 
ATOM   35   C  CG2   . VAL A 1 10  ? -0.631  -3.496  -7.612  1.00 22.22 ? 17   VAL A CG2   1 
ATOM   36   N  N     . PHE A 1 11  ? -0.266  -0.915  -5.468  1.00 20.62 ? 18   PHE A N     1 
ATOM   37   C  CA    . PHE A 1 11  ? -1.026  -0.614  -4.256  1.00 20.27 ? 18   PHE A CA    1 
ATOM   38   C  C     . PHE A 1 11  ? -2.314  -1.415  -4.274  1.00 20.62 ? 18   PHE A C     1 
ATOM   39   O  O     . PHE A 1 11  ? -3.064  -1.367  -5.260  1.00 20.64 ? 18   PHE A O     1 
ATOM   40   C  CB    . PHE A 1 11  ? -1.344  0.887   -4.153  1.00 20.62 ? 18   PHE A CB    1 
ATOM   41   C  CG    . PHE A 1 11  ? -0.339  1.671   -3.356  1.00 21.45 ? 18   PHE A CG    1 
ATOM   42   C  CD1   . PHE A 1 11  ? 0.902   1.974   -3.884  1.00 23.13 ? 18   PHE A CD1   1 
ATOM   43   C  CD2   . PHE A 1 11  ? -0.646  2.093   -2.063  1.00 22.99 ? 18   PHE A CD2   1 
ATOM   44   C  CE1   . PHE A 1 11  ? 1.841   2.699   -3.136  1.00 21.56 ? 18   PHE A CE1   1 
ATOM   45   C  CE2   . PHE A 1 11  ? 0.280   2.825   -1.310  1.00 23.53 ? 18   PHE A CE2   1 
ATOM   46   C  CZ    . PHE A 1 11  ? 1.519   3.113   -1.846  1.00 23.07 ? 18   PHE A CZ    1 
ATOM   47   N  N     . LEU A 1 12  ? -2.579  -2.121  -3.173  1.00 20.14 ? 19   LEU A N     1 
ATOM   48   C  CA    . LEU A 1 12  ? -3.706  -3.052  -3.089  1.00 20.37 ? 19   LEU A CA    1 
ATOM   49   C  C     . LEU A 1 12  ? -4.460  -2.852  -1.794  1.00 20.45 ? 19   LEU A C     1 
ATOM   50   O  O     . LEU A 1 12  ? -3.899  -2.405  -0.807  1.00 20.92 ? 19   LEU A O     1 
ATOM   51   C  CB    . LEU A 1 12  ? -3.230  -4.512  -3.147  1.00 20.18 ? 19   LEU A CB    1 
ATOM   52   C  CG    . LEU A 1 12  ? -2.374  -5.010  -4.315  1.00 20.85 ? 19   LEU A CG    1 
ATOM   53   C  CD1   . LEU A 1 12  ? -1.673  -6.295  -3.923  1.00 21.22 ? 19   LEU A CD1   1 
ATOM   54   C  CD2   . LEU A 1 12  ? -3.224  -5.210  -5.580  1.00 21.75 ? 19   LEU A CD2   1 
ATOM   55   N  N     . GLY A 1 13  ? -5.735  -3.197  -1.807  1.00 20.66 ? 20   GLY A N     1 
ATOM   56   C  CA    . GLY A 1 13  ? -6.550  -3.167  -0.595  1.00 21.12 ? 20   GLY A CA    1 
ATOM   57   C  C     . GLY A 1 13  ? -7.997  -2.867  -0.912  1.00 21.91 ? 20   GLY A C     1 
ATOM   58   O  O     . GLY A 1 13  ? -8.344  -2.551  -2.054  1.00 21.78 ? 20   GLY A O     1 
ATOM   59   N  N     . GLU A 1 14  ? -8.839  -2.957  0.110   1.00 22.09 ? 21   GLU A N     1 
ATOM   60   C  CA    . GLU A 1 14  ? -10.264 -2.682  -0.037  1.00 22.87 ? 21   GLU A CA    1 
ATOM   61   C  C     . GLU A 1 14  ? -10.516 -1.238  -0.468  1.00 23.16 ? 21   GLU A C     1 
ATOM   62   O  O     . GLU A 1 14  ? -9.685  -0.353  -0.235  1.00 23.24 ? 21   GLU A O     1 
ATOM   63   C  CB    . GLU A 1 14  ? -10.997 -3.001  1.273   1.00 22.77 ? 21   GLU A CB    1 
ATOM   64   C  CG    . GLU A 1 14  ? -10.951 -4.487  1.662   1.00 23.38 ? 21   GLU A CG    1 
ATOM   65   C  CD    . GLU A 1 14  ? -11.357 -5.410  0.519   1.00 24.59 ? 21   GLU A CD    1 
ATOM   66   O  OE1   . GLU A 1 14  ? -12.463 -5.224  -0.027  1.00 27.26 ? 21   GLU A OE1   1 
ATOM   67   O  OE2   . GLU A 1 14  ? -10.573 -6.313  0.169   1.00 24.93 ? 21   GLU A OE2   1 
ATOM   68   N  N     . GLN A 1 15  ? -11.658 -0.996  -1.106  1.00 23.67 ? 22   GLN A N     1 
ATOM   69   C  CA    . GLN A 1 15  ? -11.974 0.362   -1.547  1.00 24.13 ? 22   GLN A CA    1 
ATOM   70   C  C     . GLN A 1 15  ? -12.040 1.315   -0.358  1.00 23.88 ? 22   GLN A C     1 
ATOM   71   O  O     . GLN A 1 15  ? -12.440 0.927   0.755   1.00 23.80 ? 22   GLN A O     1 
ATOM   72   C  CB    . GLN A 1 15  ? -13.284 0.395   -2.335  1.00 24.84 ? 22   GLN A CB    1 
ATOM   73   C  CG    . GLN A 1 15  ? -14.500 -0.003  -1.532  1.00 26.91 ? 22   GLN A CG    1 
ATOM   74   C  CD    . GLN A 1 15  ? -15.705 -0.253  -2.414  1.00 30.08 ? 22   GLN A CD    1 
ATOM   75   O  OE1   . GLN A 1 15  ? -16.621 0.562   -2.471  1.00 32.02 ? 22   GLN A OE1   1 
ATOM   76   N  NE2   . GLN A 1 15  ? -15.694 -1.372  -3.126  1.00 32.17 ? 22   GLN A NE2   1 
ATOM   77   N  N     . SER A 1 16  ? -11.625 2.557   -0.595  1.00 23.93 ? 23   SER A N     1 
ATOM   78   C  CA    . SER A 1 16  ? -11.719 3.631   0.400   1.00 24.29 ? 23   SER A CA    1 
ATOM   79   C  C     . SER A 1 16  ? -10.765 3.541   1.609   1.00 23.62 ? 23   SER A C     1 
ATOM   80   O  O     . SER A 1 16  ? -10.955 4.245   2.612   1.00 23.88 ? 23   SER A O     1 
ATOM   81   C  CB    . SER A 1 16  ? -13.175 3.795   0.875   1.00 24.74 ? 23   SER A CB    1 
ATOM   82   O  OG    . SER A 1 16  ? -13.453 5.150   1.184   1.00 27.57 ? 23   SER A OG    1 
ATOM   83   N  N     . VAL A 1 17  ? -9.733  2.705   1.520   1.00 22.30 ? 24   VAL A N     1 
ATOM   84   C  CA    . VAL A 1 17  ? -8.754  2.608   2.616   1.00 21.25 ? 24   VAL A CA    1 
ATOM   85   C  C     . VAL A 1 17  ? -7.694  3.710   2.511   1.00 20.89 ? 24   VAL A C     1 
ATOM   86   O  O     . VAL A 1 17  ? -7.006  4.012   3.484   1.00 20.96 ? 24   VAL A O     1 
ATOM   87   C  CB    . VAL A 1 17  ? -8.082  1.202   2.708   1.00 20.74 ? 24   VAL A CB    1 
ATOM   88   C  CG1   . VAL A 1 17  ? -9.114  0.135   3.034   1.00 21.60 ? 24   VAL A CG1   1 
ATOM   89   C  CG2   . VAL A 1 17  ? -7.347  0.860   1.418   1.00 19.87 ? 24   VAL A CG2   1 
ATOM   90   N  N     . GLY A 1 18  ? -7.562  4.297   1.323   1.00 20.35 ? 25   GLY A N     1 
ATOM   91   C  CA    . GLY A 1 18  ? -6.656  5.425   1.131   1.00 19.77 ? 25   GLY A CA    1 
ATOM   92   C  C     . GLY A 1 18  ? -5.410  5.153   0.321   1.00 19.48 ? 25   GLY A C     1 
ATOM   93   O  O     . GLY A 1 18  ? -4.419  5.853   0.480   1.00 19.26 ? 25   GLY A O     1 
ATOM   94   N  N     . LYS A 1 19  ? -5.472  4.158   -0.566  1.00 19.16 ? 26   LYS A N     1 
ATOM   95   C  CA    . LYS A 1 19  ? -4.374  3.853   -1.496  1.00 18.59 ? 26   LYS A CA    1 
ATOM   96   C  C     . LYS A 1 19  ? -3.992  5.088   -2.316  1.00 18.36 ? 26   LYS A C     1 
ATOM   97   O  O     . LYS A 1 19  ? -2.836  5.523   -2.317  1.00 18.14 ? 26   LYS A O     1 
ATOM   98   C  CB    . LYS A 1 19  ? -4.790  2.717   -2.437  1.00 18.67 ? 26   LYS A CB    1 
ATOM   99   C  CG    . LYS A 1 19  ? -5.179  1.421   -1.723  1.00 19.00 ? 26   LYS A CG    1 
ATOM   100  C  CD    . LYS A 1 19  ? -5.526  0.289   -2.700  1.00 19.27 ? 26   LYS A CD    1 
ATOM   101  C  CE    . LYS A 1 19  ? -6.852  0.497   -3.419  1.00 22.11 ? 26   LYS A CE    1 
ATOM   102  N  NZ    . LYS A 1 19  ? -8.021  0.555   -2.501  1.00 21.42 ? 26   LYS A NZ    1 
ATOM   103  N  N     . THR A 1 20  ? -4.979  5.660   -3.000  1.00 18.09 ? 27   THR A N     1 
ATOM   104  C  CA    . THR A 1 20  ? -4.752  6.824   -3.862  1.00 17.75 ? 27   THR A CA    1 
ATOM   105  C  C     . THR A 1 20  ? -4.257  8.024   -3.053  1.00 18.13 ? 27   THR A C     1 
ATOM   106  O  O     . THR A 1 20  ? -3.347  8.731   -3.481  1.00 17.53 ? 27   THR A O     1 
ATOM   107  C  CB    . THR A 1 20  ? -6.016  7.182   -4.667  1.00 18.59 ? 27   THR A CB    1 
ATOM   108  O  OG1   . THR A 1 20  ? -6.405  6.046   -5.458  1.00 18.41 ? 27   THR A OG1   1 
ATOM   109  C  CG2   . THR A 1 20  ? -5.760  8.364   -5.595  1.00 18.30 ? 27   THR A CG2   1 
ATOM   110  N  N     . SER A 1 21  ? -4.830  8.216   -1.868  1.00 17.90 ? 28   SER A N     1 
ATOM   111  C  CA    . SER A 1 21  ? -4.472  9.353   -1.031  1.00 18.19 ? 28   SER A CA    1 
ATOM   112  C  C     . SER A 1 21  ? -3.045  9.214   -0.530  1.00 18.00 ? 28   SER A C     1 
ATOM   113  O  O     . SER A 1 21  ? -2.318  10.200  -0.423  1.00 17.86 ? 28   SER A O     1 
ATOM   114  C  CB    . SER A 1 21  ? -5.434  9.491   0.146   1.00 18.26 ? 28   SER A CB    1 
ATOM   115  O  OG    . SER A 1 21  ? -6.751  9.741   -0.310  1.00 19.55 ? 28   SER A OG    1 
ATOM   116  N  N     . LEU A 1 22  ? -2.636  7.985   -0.217  1.00 17.56 ? 29   LEU A N     1 
ATOM   117  C  CA    . LEU A 1 22  ? -1.236  7.767   0.132   1.00 17.08 ? 29   LEU A CA    1 
ATOM   118  C  C     . LEU A 1 22  ? -0.341  8.189   -1.014  1.00 16.91 ? 29   LEU A C     1 
ATOM   119  O  O     . LEU A 1 22  ? 0.621   8.915   -0.805  1.00 16.41 ? 29   LEU A O     1 
ATOM   120  C  CB    . LEU A 1 22  ? -0.965  6.326   0.570   1.00 16.41 ? 29   LEU A CB    1 
ATOM   121  C  CG    . LEU A 1 22  ? -1.478  6.014   1.984   1.00 16.92 ? 29   LEU A CG    1 
ATOM   122  C  CD1   . LEU A 1 22  ? -1.565  4.497   2.209   1.00 17.26 ? 29   LEU A CD1   1 
ATOM   123  C  CD2   . LEU A 1 22  ? -0.589  6.660   3.056   1.00 16.67 ? 29   LEU A CD2   1 
ATOM   124  N  N     . ILE A 1 23  ? -0.687  7.764   -2.232  1.00 17.01 ? 30   ILE A N     1 
ATOM   125  C  CA    . ILE A 1 23  ? 0.106   8.104   -3.407  1.00 17.60 ? 30   ILE A CA    1 
ATOM   126  C  C     . ILE A 1 23  ? 0.105   9.611   -3.667  1.00 17.69 ? 30   ILE A C     1 
ATOM   127  O  O     . ILE A 1 23  ? 1.148   10.189  -3.916  1.00 17.38 ? 30   ILE A O     1 
ATOM   128  C  CB    . ILE A 1 23  ? -0.344  7.316   -4.663  1.00 17.65 ? 30   ILE A CB    1 
ATOM   129  C  CG1   . ILE A 1 23  ? -0.083  5.822   -4.447  1.00 17.79 ? 30   ILE A CG1   1 
ATOM   130  C  CG2   . ILE A 1 23  ? 0.412   7.803   -5.917  1.00 17.92 ? 30   ILE A CG2   1 
ATOM   131  C  CD1   . ILE A 1 23  ? -0.712  4.912   -5.527  1.00 17.90 ? 30   ILE A CD1   1 
ATOM   132  N  N     . THR A 1 24  ? -1.069  10.234  -3.580  1.00 18.62 ? 31   THR A N     1 
ATOM   133  C  CA    . THR A 1 24  ? -1.187  11.680  -3.783  1.00 18.94 ? 31   THR A CA    1 
ATOM   134  C  C     . THR A 1 24  ? -0.336  12.462  -2.775  1.00 19.03 ? 31   THR A C     1 
ATOM   135  O  O     . THR A 1 24  ? 0.341   13.428  -3.136  1.00 19.39 ? 31   THR A O     1 
ATOM   136  C  CB    . THR A 1 24  ? -2.660  12.109  -3.733  1.00 19.15 ? 31   THR A CB    1 
ATOM   137  O  OG1   . THR A 1 24  ? -3.351  11.480  -4.820  1.00 20.04 ? 31   THR A OG1   1 
ATOM   138  C  CG2   . THR A 1 24  ? -2.798  13.628  -3.874  1.00 20.61 ? 31   THR A CG2   1 
ATOM   139  N  N     . ARG A 1 25  ? -0.379  12.034  -1.518  1.00 18.65 ? 32   ARG A N     1 
ATOM   140  C  CA    . ARG A 1 25  ? 0.412   12.662  -0.463  1.00 18.34 ? 32   ARG A CA    1 
ATOM   141  C  C     . ARG A 1 25  ? 1.916   12.523  -0.743  1.00 17.94 ? 32   ARG A C     1 
ATOM   142  O  O     . ARG A 1 25  ? 2.654   13.500  -0.696  1.00 17.46 ? 32   ARG A O     1 
ATOM   143  C  CB    . ARG A 1 25  ? -0.002  12.117  0.910   1.00 19.03 ? 32   ARG A CB    1 
ATOM   144  C  CG    . ARG A 1 25  ? 0.870   12.559  2.080   1.00 19.81 ? 32   ARG A CG    1 
ATOM   145  C  CD    . ARG A 1 25  ? 0.793   14.042  2.338   1.00 23.34 ? 32   ARG A CD    1 
ATOM   146  N  NE    . ARG A 1 25  ? -0.477  14.442  2.936   1.00 24.70 ? 32   ARG A NE    1 
ATOM   147  C  CZ    . ARG A 1 25  ? -0.800  15.700  3.215   1.00 26.66 ? 32   ARG A CZ    1 
ATOM   148  N  NH1   . ARG A 1 25  ? 0.049   16.685  2.941   1.00 26.60 ? 32   ARG A NH1   1 
ATOM   149  N  NH2   . ARG A 1 25  ? -1.971  15.977  3.758   1.00 26.57 ? 32   ARG A NH2   1 
ATOM   150  N  N     . PHE A 1 26  ? 2.347   11.315  -1.099  1.00 17.40 ? 33   PHE A N     1 
ATOM   151  C  CA    . PHE A 1 26  ? 3.744   11.064  -1.456  1.00 17.39 ? 33   PHE A CA    1 
ATOM   152  C  C     . PHE A 1 26  ? 4.213   11.847  -2.688  1.00 17.78 ? 33   PHE A C     1 
ATOM   153  O  O     . PHE A 1 26  ? 5.338   12.356  -2.707  1.00 17.42 ? 33   PHE A O     1 
ATOM   154  C  CB    . PHE A 1 26  ? 3.950   9.569   -1.697  1.00 17.41 ? 33   PHE A CB    1 
ATOM   155  C  CG    . PHE A 1 26  ? 5.253   9.232   -2.374  1.00 17.55 ? 33   PHE A CG    1 
ATOM   156  C  CD1   . PHE A 1 26  ? 6.464   9.325   -1.689  1.00 19.14 ? 33   PHE A CD1   1 
ATOM   157  C  CD2   . PHE A 1 26  ? 5.256   8.803   -3.696  1.00 18.40 ? 33   PHE A CD2   1 
ATOM   158  C  CE1   . PHE A 1 26  ? 7.662   8.999   -2.323  1.00 18.31 ? 33   PHE A CE1   1 
ATOM   159  C  CE2   . PHE A 1 26  ? 6.440   8.480   -4.332  1.00 19.11 ? 33   PHE A CE2   1 
ATOM   160  C  CZ    . PHE A 1 26  ? 7.644   8.580   -3.645  1.00 18.30 ? 33   PHE A CZ    1 
ATOM   161  N  N     . MET A 1 27  ? 3.356   11.917  -3.706  1.00 18.06 ? 34   MET A N     1 
ATOM   162  C  CA    . MET A 1 27  ? 3.708   12.533  -4.986  1.00 18.69 ? 34   MET A CA    1 
ATOM   163  C  C     . MET A 1 27  ? 3.624   14.062  -4.949  1.00 19.26 ? 34   MET A C     1 
ATOM   164  O  O     . MET A 1 27  ? 4.469   14.746  -5.542  1.00 18.90 ? 34   MET A O     1 
ATOM   165  C  CB    . MET A 1 27  ? 2.795   12.001  -6.103  1.00 19.11 ? 34   MET A CB    1 
ATOM   166  C  CG    . MET A 1 27  ? 3.027   10.553  -6.508  1.00 19.00 ? 34   MET A CG    1 
ATOM   167  S  SD    . MET A 1 27  ? 4.565   10.287  -7.374  1.00 23.07 ? 34   MET A SD    1 
ATOM   168  C  CE    . MET A 1 27  ? 4.285   11.180  -8.916  1.00 21.85 ? 34   MET A CE    1 
ATOM   169  N  N     . TYR A 1 28  ? 2.622   14.582  -4.241  1.00 19.75 ? 35   TYR A N     1 
ATOM   170  C  CA    . TYR A 1 28  ? 2.243   16.003  -4.341  1.00 20.41 ? 35   TYR A CA    1 
ATOM   171  C  C     . TYR A 1 28  ? 2.058   16.735  -3.005  1.00 20.95 ? 35   TYR A C     1 
ATOM   172  O  O     . TYR A 1 28  ? 1.785   17.952  -2.989  1.00 20.59 ? 35   TYR A O     1 
ATOM   173  C  CB    . TYR A 1 28  ? 0.964   16.148  -5.181  1.00 20.98 ? 35   TYR A CB    1 
ATOM   174  C  CG    . TYR A 1 28  ? 1.001   15.374  -6.481  1.00 21.77 ? 35   TYR A CG    1 
ATOM   175  C  CD1   . TYR A 1 28  ? 0.062   14.379  -6.748  1.00 22.06 ? 35   TYR A CD1   1 
ATOM   176  C  CD2   . TYR A 1 28  ? 1.994   15.613  -7.426  1.00 22.04 ? 35   TYR A CD2   1 
ATOM   177  C  CE1   . TYR A 1 28  ? 0.098   13.656  -7.932  1.00 21.96 ? 35   TYR A CE1   1 
ATOM   178  C  CE2   . TYR A 1 28  ? 2.041   14.885  -8.621  1.00 23.02 ? 35   TYR A CE2   1 
ATOM   179  C  CZ    . TYR A 1 28  ? 1.086   13.917  -8.860  1.00 22.68 ? 35   TYR A CZ    1 
ATOM   180  O  OH    . TYR A 1 28  ? 1.121   13.197  -10.029 1.00 24.01 ? 35   TYR A OH    1 
ATOM   181  N  N     . ASP A 1 29  ? 2.197   16.002  -1.899  1.00 21.32 ? 36   ASP A N     1 
ATOM   182  C  CA    . ASP A 1 29  ? 2.008   16.545  -0.546  1.00 22.36 ? 36   ASP A CA    1 
ATOM   183  C  C     . ASP A 1 29  ? 0.669   17.279  -0.414  1.00 22.71 ? 36   ASP A C     1 
ATOM   184  O  O     . ASP A 1 29  ? 0.584   18.377  0.155   1.00 22.69 ? 36   ASP A O     1 
ATOM   185  C  CB    . ASP A 1 29  ? 3.178   17.450  -0.139  1.00 22.55 ? 36   ASP A CB    1 
ATOM   186  C  CG    . ASP A 1 29  ? 3.239   17.697  1.359   1.00 23.65 ? 36   ASP A CG    1 
ATOM   187  O  OD1   . ASP A 1 29  ? 2.722   16.858  2.129   1.00 23.18 ? 36   ASP A OD1   1 
ATOM   188  O  OD2   . ASP A 1 29  ? 3.801   18.743  1.764   1.00 26.21 ? 36   ASP A OD2   1 
ATOM   189  N  N     . SER A 1 30  ? -0.365  16.669  -0.975  1.00 23.44 ? 37   SER A N     1 
ATOM   190  C  CA    . SER A 1 30  ? -1.722  17.177  -0.863  1.00 24.64 ? 37   SER A CA    1 
ATOM   191  C  C     . SER A 1 30  ? -2.651  16.045  -0.471  1.00 25.24 ? 37   SER A C     1 
ATOM   192  O  O     . SER A 1 30  ? -2.276  14.865  -0.508  1.00 24.84 ? 37   SER A O     1 
ATOM   193  C  CB    . SER A 1 30  ? -2.179  17.797  -2.189  1.00 24.69 ? 37   SER A CB    1 
ATOM   194  O  OG    . SER A 1 30  ? -2.366  16.803  -3.188  1.00 25.26 ? 37   SER A OG    1 
ATOM   195  N  N     . PHE A 1 31  ? -3.869  16.425  -0.094  1.00 25.64 ? 38   PHE A N     1 
ATOM   196  C  CA    . PHE A 1 31  ? -4.893  15.490  0.315   1.00 25.94 ? 38   PHE A CA    1 
ATOM   197  C  C     . PHE A 1 31  ? -6.251  16.094  -0.018  1.00 26.76 ? 38   PHE A C     1 
ATOM   198  O  O     . PHE A 1 31  ? -6.469  17.299  0.176   1.00 26.53 ? 38   PHE A O     1 
ATOM   199  C  CB    . PHE A 1 31  ? -4.773  15.205  1.816   1.00 25.92 ? 38   PHE A CB    1 
ATOM   200  C  CG    . PHE A 1 31  ? -5.885  14.362  2.362   1.00 25.89 ? 38   PHE A CG    1 
ATOM   201  C  CD1   . PHE A 1 31  ? -5.815  12.973  2.298   1.00 25.42 ? 38   PHE A CD1   1 
ATOM   202  C  CD2   . PHE A 1 31  ? -7.012  14.956  2.932   1.00 25.30 ? 38   PHE A CD2   1 
ATOM   203  C  CE1   . PHE A 1 31  ? -6.835  12.193  2.795   1.00 25.63 ? 38   PHE A CE1   1 
ATOM   204  C  CE2   . PHE A 1 31  ? -8.041  14.177  3.436   1.00 25.84 ? 38   PHE A CE2   1 
ATOM   205  C  CZ    . PHE A 1 31  ? -7.953  12.792  3.369   1.00 25.22 ? 38   PHE A CZ    1 
ATOM   206  N  N     . ASP A 1 32  ? -7.143  15.249  -0.530  1.00 27.32 ? 39   ASP A N     1 
ATOM   207  C  CA    . ASP A 1 32  ? -8.505  15.636  -0.881  1.00 28.20 ? 39   ASP A CA    1 
ATOM   208  C  C     . ASP A 1 32  ? -9.452  14.782  -0.060  1.00 28.86 ? 39   ASP A C     1 
ATOM   209  O  O     . ASP A 1 32  ? -9.366  13.548  -0.072  1.00 28.51 ? 39   ASP A O     1 
ATOM   210  C  CB    . ASP A 1 32  ? -8.749  15.426  -2.382  1.00 28.51 ? 39   ASP A CB    1 
ATOM   211  C  CG    . ASP A 1 32  ? -10.023 16.110  -2.886  1.00 29.25 ? 39   ASP A CG    1 
ATOM   212  O  OD1   . ASP A 1 32  ? -10.902 16.472  -2.072  1.00 30.25 ? 39   ASP A OD1   1 
ATOM   213  O  OD2   . ASP A 1 32  ? -10.134 16.291  -4.117  1.00 30.46 ? 39   ASP A OD2   1 
ATOM   214  N  N     . ASN A 1 33  ? -10.336 15.447  0.680   1.00 29.24 ? 40   ASN A N     1 
ATOM   215  C  CA    . ASN A 1 33  ? -11.325 14.768  1.511   1.00 30.10 ? 40   ASN A CA    1 
ATOM   216  C  C     . ASN A 1 33  ? -12.395 14.068  0.686   1.00 30.21 ? 40   ASN A C     1 
ATOM   217  O  O     . ASN A 1 33  ? -13.007 13.110  1.146   1.00 30.09 ? 40   ASN A O     1 
ATOM   218  C  CB    . ASN A 1 33  ? -11.983 15.757  2.474   1.00 30.50 ? 40   ASN A CB    1 
ATOM   219  C  CG    . ASN A 1 33  ? -11.222 15.899  3.769   1.00 31.44 ? 40   ASN A CG    1 
ATOM   220  O  OD1   . ASN A 1 33  ? -11.147 14.958  4.564   1.00 33.27 ? 40   ASN A OD1   1 
ATOM   221  N  ND2   . ASN A 1 33  ? -10.660 17.081  4.001   1.00 33.71 ? 40   ASN A ND2   1 
ATOM   222  N  N     . THR A 1 34  ? -12.609 14.554  -0.532  1.00 30.84 ? 41   THR A N     1 
ATOM   223  C  CA    . THR A 1 34  ? -13.629 14.009  -1.420  1.00 31.48 ? 41   THR A CA    1 
ATOM   224  C  C     . THR A 1 34  ? -13.141 12.718  -2.065  1.00 31.37 ? 41   THR A C     1 
ATOM   225  O  O     . THR A 1 34  ? -12.072 12.691  -2.685  1.00 31.90 ? 41   THR A O     1 
ATOM   226  C  CB    . THR A 1 34  ? -14.027 15.036  -2.498  1.00 31.68 ? 41   THR A CB    1 
ATOM   227  O  OG1   . THR A 1 34  ? -14.494 16.229  -1.855  1.00 33.10 ? 41   THR A OG1   1 
ATOM   228  C  CG2   . THR A 1 34  ? -15.130 14.489  -3.393  1.00 31.98 ? 41   THR A CG2   1 
ATOM   229  N  N     . TYR A 1 35  ? -13.931 11.659  -1.913  1.00 31.01 ? 42   TYR A N     1 
ATOM   230  C  CA    . TYR A 1 35  ? -13.589 10.338  -2.435  1.00 30.81 ? 42   TYR A CA    1 
ATOM   231  C  C     . TYR A 1 35  ? -13.795 10.257  -3.947  1.00 30.66 ? 42   TYR A C     1 
ATOM   232  O  O     . TYR A 1 35  ? -14.910 10.427  -4.451  1.00 30.86 ? 42   TYR A O     1 
ATOM   233  C  CB    . TYR A 1 35  ? -14.392 9.252   -1.697  1.00 30.86 ? 42   TYR A CB    1 
ATOM   234  C  CG    . TYR A 1 35  ? -14.259 7.835   -2.230  1.00 30.80 ? 42   TYR A CG    1 
ATOM   235  C  CD1   . TYR A 1 35  ? -13.020 7.311   -2.616  1.00 30.35 ? 42   TYR A CD1   1 
ATOM   236  C  CD2   . TYR A 1 35  ? -15.380 7.001   -2.313  1.00 31.37 ? 42   TYR A CD2   1 
ATOM   237  C  CE1   . TYR A 1 35  ? -12.908 5.999   -3.097  1.00 30.16 ? 42   TYR A CE1   1 
ATOM   238  C  CE2   . TYR A 1 35  ? -15.276 5.692   -2.788  1.00 31.41 ? 42   TYR A CE2   1 
ATOM   239  C  CZ    . TYR A 1 35  ? -14.043 5.199   -3.177  1.00 30.84 ? 42   TYR A CZ    1 
ATOM   240  O  OH    . TYR A 1 35  ? -13.953 3.905   -3.642  1.00 30.21 ? 42   TYR A OH    1 
ATOM   241  N  N     . GLN A 1 36  ? -12.700 10.014  -4.660  1.00 30.24 ? 43   GLN A N     1 
ATOM   242  C  CA    . GLN A 1 36  ? -12.742 9.773   -6.097  1.00 29.74 ? 43   GLN A CA    1 
ATOM   243  C  C     . GLN A 1 36  ? -12.219 8.368   -6.371  1.00 29.51 ? 43   GLN A C     1 
ATOM   244  O  O     . GLN A 1 36  ? -11.009 8.159   -6.482  1.00 29.02 ? 43   GLN A O     1 
ATOM   245  C  CB    . GLN A 1 36  ? -11.924 10.814  -6.843  1.00 30.01 ? 43   GLN A CB    1 
ATOM   246  N  N     . ALA A 1 37  ? -13.145 7.413   -6.462  1.00 28.87 ? 44   ALA A N     1 
ATOM   247  C  CA    . ALA A 1 37  ? -12.813 6.009   -6.668  1.00 28.76 ? 44   ALA A CA    1 
ATOM   248  C  C     . ALA A 1 37  ? -11.935 5.792   -7.899  1.00 28.29 ? 44   ALA A C     1 
ATOM   249  O  O     . ALA A 1 37  ? -12.159 6.385   -8.948  1.00 27.92 ? 44   ALA A O     1 
ATOM   250  C  CB    . ALA A 1 37  ? -14.086 5.171   -6.758  1.00 28.91 ? 44   ALA A CB    1 
ATOM   251  N  N     . THR A 1 38  ? -10.913 4.953   -7.744  1.00 27.99 ? 45   THR A N     1 
ATOM   252  C  CA    . THR A 1 38  ? -10.040 4.594   -8.854  1.00 27.80 ? 45   THR A CA    1 
ATOM   253  C  C     . THR A 1 38  ? -10.812 3.685   -9.796  1.00 28.18 ? 45   THR A C     1 
ATOM   254  O  O     . THR A 1 38  ? -11.486 2.751   -9.360  1.00 28.16 ? 45   THR A O     1 
ATOM   255  C  CB    . THR A 1 38  ? -8.744  3.907   -8.357  1.00 27.87 ? 45   THR A CB    1 
ATOM   256  O  OG1   . THR A 1 38  ? -8.044  4.812   -7.494  1.00 26.55 ? 45   THR A OG1   1 
ATOM   257  C  CG2   . THR A 1 38  ? -7.829  3.511   -9.515  1.00 27.03 ? 45   THR A CG2   1 
ATOM   258  N  N     . ILE A 1 39  ? -10.726 3.985   -11.084 1.00 28.53 ? 46   ILE A N     1 
ATOM   259  C  CA    . ILE A 1 39  ? -11.363 3.161   -12.100 1.00 29.12 ? 46   ILE A CA    1 
ATOM   260  C  C     . ILE A 1 39  ? -10.334 2.206   -12.685 1.00 29.01 ? 46   ILE A C     1 
ATOM   261  O  O     . ILE A 1 39  ? -9.545  2.580   -13.562 1.00 29.47 ? 46   ILE A O     1 
ATOM   262  C  CB    . ILE A 1 39  ? -12.012 4.010   -13.235 1.00 29.17 ? 46   ILE A CB    1 
ATOM   263  C  CG1   . ILE A 1 39  ? -12.794 5.211   -12.674 1.00 29.39 ? 46   ILE A CG1   1 
ATOM   264  C  CG2   . ILE A 1 39  ? -12.868 3.116   -14.138 1.00 29.39 ? 46   ILE A CG2   1 
ATOM   265  C  CD1   . ILE A 1 39  ? -13.971 4.883   -11.747 1.00 30.66 ? 46   ILE A CD1   1 
ATOM   266  N  N     . GLY A 1 40  ? -10.332 0.975   -12.184 1.00 29.32 ? 47   GLY A N     1 
ATOM   267  C  CA    . GLY A 1 40  ? -9.386  -0.037  -12.640 1.00 29.20 ? 47   GLY A CA    1 
ATOM   268  C  C     . GLY A 1 40  ? -7.981  0.218   -12.130 1.00 29.36 ? 47   GLY A C     1 
ATOM   269  O  O     . GLY A 1 40  ? -7.570  -0.357  -11.118 1.00 29.20 ? 47   GLY A O     1 
ATOM   270  N  N     . ILE A 1 41  ? -7.251  1.082   -12.835 1.00 29.21 ? 48   ILE A N     1 
ATOM   271  C  CA    . ILE A 1 41  ? -5.851  1.370   -12.526 1.00 29.59 ? 48   ILE A CA    1 
ATOM   272  C  C     . ILE A 1 41  ? -5.396  2.747   -13.038 1.00 29.74 ? 48   ILE A C     1 
ATOM   273  O  O     . ILE A 1 41  ? -5.808  3.198   -14.111 1.00 29.89 ? 48   ILE A O     1 
ATOM   274  C  CB    . ILE A 1 41  ? -4.907  0.240   -13.038 1.00 29.54 ? 48   ILE A CB    1 
ATOM   275  C  CG1   . ILE A 1 41  ? -3.476  0.447   -12.535 1.00 30.17 ? 48   ILE A CG1   1 
ATOM   276  C  CG2   . ILE A 1 41  ? -4.956  0.113   -14.574 1.00 30.19 ? 48   ILE A CG2   1 
ATOM   277  C  CD1   . ILE A 1 41  ? -2.785  -0.820  -12.200 1.00 31.82 ? 48   ILE A CD1   1 
ATOM   278  N  N     . ASP A 1 42  ? -4.567  3.415   -12.242 1.00 29.30 ? 49   ASP A N     1 
ATOM   279  C  CA    . ASP A 1 42  ? -3.907  4.651   -12.651 1.00 29.44 ? 49   ASP A CA    1 
ATOM   280  C  C     . ASP A 1 42  ? -2.409  4.504   -12.446 1.00 29.35 ? 49   ASP A C     1 
ATOM   281  O  O     . ASP A 1 42  ? -1.969  3.941   -11.436 1.00 29.39 ? 49   ASP A O     1 
ATOM   282  C  CB    . ASP A 1 42  ? -4.449  5.847   -11.859 1.00 29.65 ? 49   ASP A CB    1 
ATOM   283  C  CG    . ASP A 1 42  ? -5.858  6.229   -12.274 1.00 30.62 ? 49   ASP A CG    1 
ATOM   284  O  OD1   . ASP A 1 42  ? -6.083  6.469   -13.483 1.00 31.73 ? 49   ASP A OD1   1 
ATOM   285  O  OD2   . ASP A 1 42  ? -6.744  6.281   -11.397 1.00 29.87 ? 49   ASP A OD2   1 
ATOM   286  N  N     . PHE A 1 43  ? -1.634  4.992   -13.413 1.00 29.31 ? 50   PHE A N     1 
ATOM   287  C  CA    . PHE A 1 43  ? -0.182  4.911   -13.362 1.00 29.33 ? 50   PHE A CA    1 
ATOM   288  C  C     . PHE A 1 43  ? 0.432   6.239   -12.987 1.00 29.06 ? 50   PHE A C     1 
ATOM   289  O  O     . PHE A 1 43  ? 0.012   7.294   -13.481 1.00 28.61 ? 50   PHE A O     1 
ATOM   290  C  CB    . PHE A 1 43  ? 0.395   4.472   -14.715 1.00 29.86 ? 50   PHE A CB    1 
ATOM   291  C  CG    . PHE A 1 43  ? -0.078  3.126   -15.174 1.00 30.44 ? 50   PHE A CG    1 
ATOM   292  C  CD1   . PHE A 1 43  ? -0.971  3.019   -16.234 1.00 31.90 ? 50   PHE A CD1   1 
ATOM   293  C  CD2   . PHE A 1 43  ? 0.369   1.969   -14.556 1.00 30.53 ? 50   PHE A CD2   1 
ATOM   294  C  CE1   . PHE A 1 43  ? -1.411  1.766   -16.676 1.00 32.65 ? 50   PHE A CE1   1 
ATOM   295  C  CE2   . PHE A 1 43  ? -0.073  0.719   -14.985 1.00 31.27 ? 50   PHE A CE2   1 
ATOM   296  C  CZ    . PHE A 1 43  ? -0.958  0.619   -16.045 1.00 32.02 ? 50   PHE A CZ    1 
ATOM   297  N  N     . LEU A 1 44  ? 1.436   6.180   -12.119 1.00 28.50 ? 51   LEU A N     1 
ATOM   298  C  CA    . LEU A 1 44  ? 2.290   7.320   -11.857 1.00 28.44 ? 51   LEU A CA    1 
ATOM   299  C  C     . LEU A 1 44  ? 3.733   6.864   -11.751 1.00 28.66 ? 51   LEU A C     1 
ATOM   300  O  O     . LEU A 1 44  ? 4.017   5.709   -11.404 1.00 28.77 ? 51   LEU A O     1 
ATOM   301  C  CB    . LEU A 1 44  ? 1.857   8.061   -10.585 1.00 28.29 ? 51   LEU A CB    1 
ATOM   302  C  CG    . LEU A 1 44  ? 0.613   8.954   -10.650 1.00 28.39 ? 51   LEU A CG    1 
ATOM   303  C  CD1   . LEU A 1 44  ? 0.308   9.517   -9.272  1.00 27.49 ? 51   LEU A CD1   1 
ATOM   304  C  CD2   . LEU A 1 44  ? 0.797   10.091  -11.682 1.00 27.61 ? 51   LEU A CD2   1 
ATOM   305  N  N     . SER A 1 45  ? 4.647   7.768   -12.063 1.00 28.89 ? 52   SER A N     1 
ATOM   306  C  CA    . SER A 1 45  ? 6.056   7.467   -11.972 1.00 29.18 ? 52   SER A CA    1 
ATOM   307  C  C     . SER A 1 45  ? 6.756   8.457   -11.079 1.00 29.30 ? 52   SER A C     1 
ATOM   308  O  O     . SER A 1 45  ? 6.517   9.666   -11.129 1.00 28.63 ? 52   SER A O     1 
ATOM   309  C  CB    . SER A 1 45  ? 6.711   7.439   -13.358 1.00 29.40 ? 52   SER A CB    1 
ATOM   310  O  OG    . SER A 1 45  ? 6.250   6.318   -14.087 1.00 30.89 ? 52   SER A OG    1 
ATOM   311  N  N     . LYS A 1 46  ? 7.620   7.918   -10.244 1.00 29.00 ? 53   LYS A N     1 
ATOM   312  C  CA    . LYS A 1 46  ? 8.439   8.722   -9.396  1.00 29.85 ? 53   LYS A CA    1 
ATOM   313  C  C     . LYS A 1 46  ? 9.756   8.015   -9.278  1.00 30.64 ? 53   LYS A C     1 
ATOM   314  O  O     . LYS A 1 46  ? 9.814   6.825   -8.961  1.00 31.37 ? 53   LYS A O     1 
ATOM   315  C  CB    . LYS A 1 46  ? 7.790   8.894   -8.021  1.00 29.58 ? 53   LYS A CB    1 
ATOM   316  C  CG    . LYS A 1 46  ? 8.330   10.073  -7.241  1.00 29.14 ? 53   LYS A CG    1 
ATOM   317  C  CD    . LYS A 1 46  ? 7.835   11.397  -7.830  1.00 28.51 ? 53   LYS A CD    1 
ATOM   318  C  CE    . LYS A 1 46  ? 8.721   12.541  -7.418  1.00 27.10 ? 53   LYS A CE    1 
ATOM   319  N  NZ    . LYS A 1 46  ? 8.141   13.833  -7.840  1.00 22.92 ? 53   LYS A NZ    1 
ATOM   320  N  N     . THR A 1 47  ? 10.817  8.746   -9.567  1.00 31.00 ? 54   THR A N     1 
ATOM   321  C  CA    . THR A 1 47  ? 12.138  8.214   -9.402  1.00 31.49 ? 54   THR A CA    1 
ATOM   322  C  C     . THR A 1 47  ? 12.696  8.761   -8.098  1.00 32.23 ? 54   THR A C     1 
ATOM   323  O  O     . THR A 1 47  ? 12.748  9.978   -7.874  1.00 32.01 ? 54   THR A O     1 
ATOM   324  C  CB    . THR A 1 47  ? 13.011  8.521   -10.612 1.00 31.50 ? 54   THR A CB    1 
ATOM   325  O  OG1   . THR A 1 47  ? 12.318  8.098   -11.793 1.00 30.43 ? 54   THR A OG1   1 
ATOM   326  C  CG2   . THR A 1 47  ? 14.319  7.774   -10.518 1.00 31.10 ? 54   THR A CG2   1 
ATOM   327  N  N     . MET A 1 48  ? 13.044  7.834   -7.215  1.00 32.55 ? 55   MET A N     1 
ATOM   328  C  CA    . MET A 1 48  ? 13.568  8.174   -5.914  1.00 33.76 ? 55   MET A CA    1 
ATOM   329  C  C     . MET A 1 48  ? 15.076  8.159   -6.002  1.00 33.52 ? 55   MET A C     1 
ATOM   330  O  O     . MET A 1 48  ? 15.688  7.160   -6.393  1.00 33.62 ? 55   MET A O     1 
ATOM   331  C  CB    . MET A 1 48  ? 13.058  7.194   -4.864  1.00 33.57 ? 55   MET A CB    1 
ATOM   332  C  CG    . MET A 1 48  ? 11.517  7.176   -4.727  1.00 34.14 ? 55   MET A CG    1 
ATOM   333  S  SD    . MET A 1 48  ? 10.888  6.245   -3.308  1.00 36.72 ? 55   MET A SD    1 
ATOM   334  C  CE    . MET A 1 48  ? 12.191  6.581   -2.124  1.00 34.60 ? 55   MET A CE    1 
ATOM   335  N  N     . TYR A 1 49  ? 15.677  9.283   -5.648  1.00 33.81 ? 56   TYR A N     1 
ATOM   336  C  CA    . TYR A 1 49  ? 17.075  9.501   -5.939  1.00 34.26 ? 56   TYR A CA    1 
ATOM   337  C  C     . TYR A 1 49  ? 17.926  9.333   -4.701  1.00 34.38 ? 56   TYR A C     1 
ATOM   338  O  O     . TYR A 1 49  ? 18.312  10.315  -4.060  1.00 34.75 ? 56   TYR A O     1 
ATOM   339  C  CB    . TYR A 1 49  ? 17.272  10.876  -6.586  1.00 34.48 ? 56   TYR A CB    1 
ATOM   340  C  CG    . TYR A 1 49  ? 16.656  10.956  -7.956  1.00 34.95 ? 56   TYR A CG    1 
ATOM   341  C  CD1   . TYR A 1 49  ? 15.364  11.447  -8.127  1.00 34.66 ? 56   TYR A CD1   1 
ATOM   342  C  CD2   . TYR A 1 49  ? 17.349  10.515  -9.080  1.00 34.43 ? 56   TYR A CD2   1 
ATOM   343  C  CE1   . TYR A 1 49  ? 14.785  11.510  -9.373  1.00 35.44 ? 56   TYR A CE1   1 
ATOM   344  C  CE2   . TYR A 1 49  ? 16.774  10.577  -10.343 1.00 35.81 ? 56   TYR A CE2   1 
ATOM   345  C  CZ    . TYR A 1 49  ? 15.491  11.080  -10.477 1.00 35.00 ? 56   TYR A CZ    1 
ATOM   346  O  OH    . TYR A 1 49  ? 14.900  11.154  -11.714 1.00 36.32 ? 56   TYR A OH    1 
ATOM   347  N  N     . LEU A 1 50  ? 18.209  8.070   -4.383  1.00 34.47 ? 57   LEU A N     1 
ATOM   348  C  CA    . LEU A 1 50  ? 19.057  7.710   -3.250  1.00 34.21 ? 57   LEU A CA    1 
ATOM   349  C  C     . LEU A 1 50  ? 20.529  7.914   -3.619  1.00 33.85 ? 57   LEU A C     1 
ATOM   350  O  O     . LEU A 1 50  ? 20.871  8.071   -4.796  1.00 33.72 ? 57   LEU A O     1 
ATOM   351  C  CB    . LEU A 1 50  ? 18.790  6.261   -2.811  1.00 34.74 ? 57   LEU A CB    1 
ATOM   352  C  CG    . LEU A 1 50  ? 17.344  5.743   -2.719  1.00 35.04 ? 57   LEU A CG    1 
ATOM   353  C  CD1   . LEU A 1 50  ? 17.318  4.312   -2.242  1.00 36.73 ? 57   LEU A CD1   1 
ATOM   354  C  CD2   . LEU A 1 50  ? 16.489  6.593   -1.802  1.00 36.36 ? 57   LEU A CD2   1 
ATOM   355  N  N     . GLU A 1 51  ? 21.405  7.923   -2.619  1.00 33.25 ? 58   GLU A N     1 
ATOM   356  C  CA    . GLU A 1 51  ? 22.828  8.179   -2.874  1.00 33.04 ? 58   GLU A CA    1 
ATOM   357  C  C     . GLU A 1 51  ? 23.487  7.094   -3.717  1.00 32.50 ? 58   GLU A C     1 
ATOM   358  O  O     . GLU A 1 51  ? 24.303  7.393   -4.586  1.00 32.37 ? 58   GLU A O     1 
ATOM   359  C  CB    . GLU A 1 51  ? 23.597  8.370   -1.559  1.00 33.47 ? 58   GLU A CB    1 
ATOM   360  N  N     . ASP A 1 52  ? 23.124  5.838   -3.454  1.00 32.01 ? 59   ASP A N     1 
ATOM   361  C  CA    . ASP A 1 52  ? 23.814  4.692   -4.048  1.00 31.11 ? 59   ASP A CA    1 
ATOM   362  C  C     . ASP A 1 52  ? 23.044  4.021   -5.169  1.00 30.57 ? 59   ASP A C     1 
ATOM   363  O  O     . ASP A 1 52  ? 23.591  3.184   -5.887  1.00 30.36 ? 59   ASP A O     1 
ATOM   364  C  CB    . ASP A 1 52  ? 24.155  3.665   -2.976  1.00 31.47 ? 59   ASP A CB    1 
ATOM   365  C  CG    . ASP A 1 52  ? 25.210  4.158   -2.022  1.00 31.54 ? 59   ASP A CG    1 
ATOM   366  O  OD1   . ASP A 1 52  ? 26.337  4.443   -2.478  1.00 31.62 ? 59   ASP A OD1   1 
ATOM   367  O  OD2   . ASP A 1 52  ? 24.910  4.257   -0.816  1.00 32.48 ? 59   ASP A OD2   1 
ATOM   368  N  N     . ARG A 1 53  ? 21.777  4.386   -5.320  1.00 29.82 ? 60   ARG A N     1 
ATOM   369  C  CA    . ARG A 1 53  ? 20.964  3.827   -6.386  1.00 29.79 ? 60   ARG A CA    1 
ATOM   370  C  C     . ARG A 1 53  ? 19.884  4.814   -6.807  1.00 29.65 ? 60   ARG A C     1 
ATOM   371  O  O     . ARG A 1 53  ? 19.584  5.762   -6.080  1.00 29.35 ? 60   ARG A O     1 
ATOM   372  C  CB    . ARG A 1 53  ? 20.341  2.499   -5.937  1.00 29.95 ? 60   ARG A CB    1 
ATOM   373  C  CG    . ARG A 1 53  ? 19.261  2.669   -4.890  1.00 30.15 ? 60   ARG A CG    1 
ATOM   374  C  CD    . ARG A 1 53  ? 19.142  1.470   -3.975  1.00 31.43 ? 60   ARG A CD    1 
ATOM   375  N  NE    . ARG A 1 53  ? 18.678  0.287   -4.677  1.00 31.44 ? 60   ARG A NE    1 
ATOM   376  C  CZ    . ARG A 1 53  ? 17.935  -0.682  -4.137  1.00 30.11 ? 60   ARG A CZ    1 
ATOM   377  N  NH1   . ARG A 1 53  ? 17.512  -0.628  -2.870  1.00 30.41 ? 60   ARG A NH1   1 
ATOM   378  N  NH2   . ARG A 1 53  ? 17.594  -1.704  -4.890  1.00 29.74 ? 60   ARG A NH2   1 
ATOM   379  N  N     . THR A 1 54  ? 19.329  4.573   -7.990  1.00 29.48 ? 61   THR A N     1 
ATOM   380  C  CA    . THR A 1 54  ? 18.203  5.314   -8.518  1.00 29.57 ? 61   THR A CA    1 
ATOM   381  C  C     . THR A 1 54  ? 17.084  4.304   -8.728  1.00 29.58 ? 61   THR A C     1 
ATOM   382  O  O     . THR A 1 54  ? 17.283  3.257   -9.369  1.00 29.44 ? 61   THR A O     1 
ATOM   383  C  CB    . THR A 1 54  ? 18.559  6.010   -9.848  1.00 29.79 ? 61   THR A CB    1 
ATOM   384  O  OG1   . THR A 1 54  ? 19.657  6.913   -9.638  1.00 31.07 ? 61   THR A OG1   1 
ATOM   385  C  CG2   . THR A 1 54  ? 17.377  6.788   -10.380 1.00 30.05 ? 61   THR A CG2   1 
ATOM   386  N  N     . ILE A 1 55  ? 15.923  4.622   -8.166  1.00 28.76 ? 62   ILE A N     1 
ATOM   387  C  CA    . ILE A 1 55  ? 14.796  3.707   -8.124  1.00 28.57 ? 62   ILE A CA    1 
ATOM   388  C  C     . ILE A 1 55  ? 13.586  4.323   -8.834  1.00 28.36 ? 62   ILE A C     1 
ATOM   389  O  O     . ILE A 1 55  ? 12.783  5.058   -8.235  1.00 27.80 ? 62   ILE A O     1 
ATOM   390  C  CB    . ILE A 1 55  ? 14.446  3.276   -6.668  1.00 28.64 ? 62   ILE A CB    1 
ATOM   391  C  CG1   . ILE A 1 55  ? 15.588  2.454   -6.059  1.00 29.65 ? 62   ILE A CG1   1 
ATOM   392  C  CG2   . ILE A 1 55  ? 13.182  2.435   -6.652  1.00 29.20 ? 62   ILE A CG2   1 
ATOM   393  C  CD1   . ILE A 1 55  ? 15.491  2.287   -4.560  1.00 30.40 ? 62   ILE A CD1   1 
ATOM   394  N  N     . ARG A 1 56  ? 13.469  4.019   -10.121 1.00 27.96 ? 63   ARG A N     1 
ATOM   395  C  CA    . ARG A 1 56  ? 12.328  4.481   -10.900 1.00 28.14 ? 63   ARG A CA    1 
ATOM   396  C  C     . ARG A 1 56  ? 11.109  3.663   -10.512 1.00 28.07 ? 63   ARG A C     1 
ATOM   397  O  O     . ARG A 1 56  ? 10.915  2.531   -10.976 1.00 28.13 ? 63   ARG A O     1 
ATOM   398  C  CB    . ARG A 1 56  ? 12.617  4.378   -12.406 1.00 28.25 ? 63   ARG A CB    1 
ATOM   399  N  N     . LEU A 1 57  ? 10.296  4.234   -9.626  1.00 27.79 ? 64   LEU A N     1 
ATOM   400  C  CA    . LEU A 1 57  ? 9.088   3.566   -9.187  1.00 27.87 ? 64   LEU A CA    1 
ATOM   401  C  C     . LEU A 1 57  ? 8.004   3.705   -10.238 1.00 27.89 ? 64   LEU A C     1 
ATOM   402  O  O     . LEU A 1 57  ? 7.734   4.802   -10.745 1.00 28.52 ? 64   LEU A O     1 
ATOM   403  C  CB    . LEU A 1 57  ? 8.592   4.127   -7.851  1.00 27.57 ? 64   LEU A CB    1 
ATOM   404  C  CG    . LEU A 1 57  ? 9.420   3.960   -6.586  1.00 28.06 ? 64   LEU A CG    1 
ATOM   405  C  CD1   . LEU A 1 57  ? 8.599   4.486   -5.411  1.00 27.35 ? 64   LEU A CD1   1 
ATOM   406  C  CD2   . LEU A 1 57  ? 9.818   2.508   -6.353  1.00 25.99 ? 64   LEU A CD2   1 
ATOM   407  N  N     . GLN A 1 58  ? 7.405   2.582   -10.579 1.00 27.76 ? 65   GLN A N     1 
ATOM   408  C  CA    . GLN A 1 58  ? 6.254   2.569   -11.451 1.00 28.26 ? 65   GLN A CA    1 
ATOM   409  C  C     . GLN A 1 58  ? 5.082   2.188   -10.571 1.00 27.02 ? 65   GLN A C     1 
ATOM   410  O  O     . GLN A 1 58  ? 4.933   1.026   -10.176 1.00 26.81 ? 65   GLN A O     1 
ATOM   411  C  CB    . GLN A 1 58  ? 6.468   1.614   -12.628 1.00 28.43 ? 65   GLN A CB    1 
ATOM   412  C  CG    . GLN A 1 58  ? 7.624   2.066   -13.529 1.00 30.10 ? 65   GLN A CG    1 
ATOM   413  C  CD    . GLN A 1 58  ? 7.882   1.154   -14.716 1.00 30.86 ? 65   GLN A CD    1 
ATOM   414  O  OE1   . GLN A 1 58  ? 7.015   0.957   -15.576 1.00 34.81 ? 65   GLN A OE1   1 
ATOM   415  N  NE2   . GLN A 1 58  ? 9.100   0.618   -14.789 1.00 34.51 ? 65   GLN A NE2   1 
ATOM   416  N  N     . LEU A 1 59  ? 4.277   3.196   -10.236 1.00 25.73 ? 66   LEU A N     1 
ATOM   417  C  CA    . LEU A 1 59  ? 3.203   3.028   -9.263  1.00 25.11 ? 66   LEU A CA    1 
ATOM   418  C  C     . LEU A 1 59  ? 1.921   2.591   -9.944  1.00 24.92 ? 66   LEU A C     1 
ATOM   419  O  O     . LEU A 1 59  ? 1.380   3.299   -10.801 1.00 25.17 ? 66   LEU A O     1 
ATOM   420  C  CB    . LEU A 1 59  ? 2.963   4.318   -8.458  1.00 24.59 ? 66   LEU A CB    1 
ATOM   421  C  CG    . LEU A 1 59  ? 4.132   5.033   -7.763  1.00 24.42 ? 66   LEU A CG    1 
ATOM   422  C  CD1   . LEU A 1 59  ? 3.613   6.208   -6.938  1.00 26.20 ? 66   LEU A CD1   1 
ATOM   423  C  CD2   . LEU A 1 59  ? 4.982   4.095   -6.884  1.00 24.87 ? 66   LEU A CD2   1 
ATOM   424  N  N     . TRP A 1 60  ? 1.447   1.417   -9.550  1.00 24.11 ? 67   TRP A N     1 
ATOM   425  C  CA    . TRP A 1 60  ? 0.200   0.871   -10.049 1.00 23.97 ? 67   TRP A CA    1 
ATOM   426  C  C     . TRP A 1 60  ? -0.861  1.057   -8.973  1.00 23.32 ? 67   TRP A C     1 
ATOM   427  O  O     . TRP A 1 60  ? -0.959  0.274   -8.023  1.00 23.01 ? 67   TRP A O     1 
ATOM   428  C  CB    . TRP A 1 60  ? 0.371   -0.607  -10.423 1.00 24.55 ? 67   TRP A CB    1 
ATOM   429  C  CG    . TRP A 1 60  ? 1.203   -0.837  -11.667 1.00 25.07 ? 67   TRP A CG    1 
ATOM   430  C  CD1   . TRP A 1 60  ? 2.458   -0.362  -11.918 1.00 25.93 ? 67   TRP A CD1   1 
ATOM   431  C  CD2   . TRP A 1 60  ? 0.837   -1.624  -12.814 1.00 25.78 ? 67   TRP A CD2   1 
ATOM   432  N  NE1   . TRP A 1 60  ? 2.892   -0.789  -13.156 1.00 26.73 ? 67   TRP A NE1   1 
ATOM   433  C  CE2   . TRP A 1 60  ? 1.915   -1.566  -13.722 1.00 26.68 ? 67   TRP A CE2   1 
ATOM   434  C  CE3   . TRP A 1 60  ? -0.300  -2.371  -13.161 1.00 26.33 ? 67   TRP A CE3   1 
ATOM   435  C  CZ2   . TRP A 1 60  ? 1.887   -2.225  -14.962 1.00 26.57 ? 67   TRP A CZ2   1 
ATOM   436  C  CZ3   . TRP A 1 60  ? -0.329  -3.023  -14.394 1.00 26.22 ? 67   TRP A CZ3   1 
ATOM   437  C  CH2   . TRP A 1 60  ? 0.758   -2.944  -15.275 1.00 26.19 ? 67   TRP A CH2   1 
ATOM   438  N  N     . ASP A 1 61  ? -1.640  2.122   -9.128  1.00 22.64 ? 68   ASP A N     1 
ATOM   439  C  CA    . ASP A 1 61  ? -2.695  2.442   -8.189  1.00 22.83 ? 68   ASP A CA    1 
ATOM   440  C  C     . ASP A 1 61  ? -3.952  1.694   -8.610  1.00 23.82 ? 68   ASP A C     1 
ATOM   441  O  O     . ASP A 1 61  ? -4.628  2.097   -9.550  1.00 24.77 ? 68   ASP A O     1 
ATOM   442  C  CB    . ASP A 1 61  ? -2.937  3.962   -8.167  1.00 22.21 ? 68   ASP A CB    1 
ATOM   443  C  CG    . ASP A 1 61  ? -3.896  4.387   -7.069  1.00 20.31 ? 68   ASP A CG    1 
ATOM   444  O  OD1   . ASP A 1 61  ? -4.170  3.568   -6.183  1.00 21.24 ? 68   ASP A OD1   1 
ATOM   445  O  OD2   . ASP A 1 61  ? -4.398  5.536   -7.097  1.00 20.57 ? 68   ASP A OD2   1 
ATOM   446  N  N     . THR A 1 62  ? -4.258  0.601   -7.918  1.00 24.55 ? 69   THR A N     1 
ATOM   447  C  CA    . THR A 1 62  ? -5.358  -0.270  -8.322  1.00 24.92 ? 69   THR A CA    1 
ATOM   448  C  C     . THR A 1 62  ? -6.657  0.070   -7.612  1.00 25.01 ? 69   THR A C     1 
ATOM   449  O  O     . THR A 1 62  ? -6.660  0.651   -6.523  1.00 24.75 ? 69   THR A O     1 
ATOM   450  C  CB    . THR A 1 62  ? -5.031  -1.768  -8.094  1.00 25.32 ? 69   THR A CB    1 
ATOM   451  O  OG1   . THR A 1 62  ? -5.059  -2.062  -6.696  1.00 26.19 ? 69   THR A OG1   1 
ATOM   452  C  CG2   . THR A 1 62  ? -3.675  -2.127  -8.667  1.00 25.49 ? 69   THR A CG2   1 
ATOM   453  N  N     . ALA A 1 63  ? -7.766  -0.298  -8.245  1.00 25.10 ? 70   ALA A N     1 
ATOM   454  C  CA    . ALA A 1 63  ? -9.087  -0.081  -7.689  1.00 25.23 ? 70   ALA A CA    1 
ATOM   455  C  C     . ALA A 1 63  ? -9.434  -1.169  -6.685  1.00 25.33 ? 70   ALA A C     1 
ATOM   456  O  O     . ALA A 1 63  ? -9.138  -2.343  -6.900  1.00 25.79 ? 70   ALA A O     1 
ATOM   457  C  CB    . ALA A 1 63  ? -10.118 -0.043  -8.808  1.00 25.17 ? 70   ALA A CB    1 
ATOM   458  N  N     . GLY A 1 64  ? -10.054 -0.762  -5.584  1.00 25.95 ? 71   GLY A N     1 
ATOM   459  C  CA    . GLY A 1 64  ? -10.536 -1.687  -4.567  1.00 26.10 ? 71   GLY A CA    1 
ATOM   460  C  C     . GLY A 1 64  ? -11.987 -2.082  -4.779  1.00 26.79 ? 71   GLY A C     1 
ATOM   461  O  O     . GLY A 1 64  ? -12.486 -3.011  -4.138  1.00 26.19 ? 71   GLY A O     1 
ATOM   462  N  N     . GLN A 1 65  ? -12.669 -1.376  -5.680  1.00 27.49 ? 72   GLN A N     1 
ATOM   463  C  CA    . GLN A 1 65  ? -14.067 -1.684  -5.977  1.00 28.94 ? 72   GLN A CA    1 
ATOM   464  C  C     . GLN A 1 65  ? -14.197 -3.065  -6.609  1.00 28.92 ? 72   GLN A C     1 
ATOM   465  O  O     . GLN A 1 65  ? -13.420 -3.432  -7.491  1.00 28.61 ? 72   GLN A O     1 
ATOM   466  C  CB    . GLN A 1 65  ? -14.702 -0.605  -6.858  1.00 28.90 ? 72   GLN A CB    1 
ATOM   467  C  CG    . GLN A 1 65  ? -15.235 0.587   -6.066  1.00 30.68 ? 72   GLN A CG    1 
ATOM   468  C  CD    . GLN A 1 65  ? -15.854 1.660   -6.945  1.00 30.63 ? 72   GLN A CD    1 
ATOM   469  O  OE1   . GLN A 1 65  ? -17.036 1.974   -6.810  1.00 35.36 ? 72   GLN A OE1   1 
ATOM   470  N  NE2   . GLN A 1 65  ? -15.061 2.225   -7.853  1.00 33.09 ? 72   GLN A NE2   1 
ATOM   471  N  N     . GLU A 1 66  ? -15.186 -3.815  -6.134  1.00 29.76 ? 73   GLU A N     1 
ATOM   472  C  CA    . GLU A 1 66  ? -15.430 -5.204  -6.539  1.00 30.17 ? 73   GLU A CA    1 
ATOM   473  C  C     . GLU A 1 66  ? -15.480 -5.464  -8.048  1.00 30.25 ? 73   GLU A C     1 
ATOM   474  O  O     . GLU A 1 66  ? -15.066 -6.527  -8.498  1.00 30.19 ? 73   GLU A O     1 
ATOM   475  C  CB    . GLU A 1 66  ? -16.705 -5.726  -5.873  1.00 30.32 ? 73   GLU A CB    1 
ATOM   476  N  N     . ARG A 1 67  ? -15.975 -4.504  -8.825  1.00 30.39 ? 74   ARG A N     1 
ATOM   477  C  CA    . ARG A 1 67  ? -16.151 -4.717  -10.269 1.00 30.56 ? 74   ARG A CA    1 
ATOM   478  C  C     . ARG A 1 67  ? -14.830 -4.811  -11.040 1.00 29.82 ? 74   ARG A C     1 
ATOM   479  O  O     . ARG A 1 67  ? -14.816 -5.211  -12.204 1.00 29.49 ? 74   ARG A O     1 
ATOM   480  C  CB    . ARG A 1 67  ? -17.100 -3.674  -10.887 1.00 30.93 ? 74   ARG A CB    1 
ATOM   481  C  CG    . ARG A 1 67  ? -16.562 -2.251  -10.990 1.00 31.67 ? 74   ARG A CG    1 
ATOM   482  C  CD    . ARG A 1 67  ? -17.650 -1.326  -11.545 1.00 32.02 ? 74   ARG A CD    1 
ATOM   483  N  NE    . ARG A 1 67  ? -17.201 0.055   -11.702 1.00 35.01 ? 74   ARG A NE    1 
ATOM   484  C  CZ    . ARG A 1 67  ? -17.259 0.984   -10.749 1.00 35.74 ? 74   ARG A CZ    1 
ATOM   485  N  NH1   . ARG A 1 67  ? -17.745 0.692   -9.548  1.00 37.40 ? 74   ARG A NH1   1 
ATOM   486  N  NH2   . ARG A 1 67  ? -16.828 2.212   -10.993 1.00 36.36 ? 74   ARG A NH2   1 
ATOM   487  N  N     . PHE A 1 68  ? -13.726 -4.468  -10.373 1.00 28.69 ? 75   PHE A N     1 
ATOM   488  C  CA    . PHE A 1 68  ? -12.399 -4.552  -10.976 1.00 28.01 ? 75   PHE A CA    1 
ATOM   489  C  C     . PHE A 1 68  ? -11.587 -5.727  -10.438 1.00 27.54 ? 75   PHE A C     1 
ATOM   490  O  O     . PHE A 1 68  ? -10.452 -5.952  -10.870 1.00 27.13 ? 75   PHE A O     1 
ATOM   491  C  CB    . PHE A 1 68  ? -11.627 -3.244  -10.756 1.00 28.01 ? 75   PHE A CB    1 
ATOM   492  C  CG    . PHE A 1 68  ? -12.354 -2.022  -11.227 1.00 27.59 ? 75   PHE A CG    1 
ATOM   493  C  CD1   . PHE A 1 68  ? -12.949 -1.162  -10.312 1.00 27.85 ? 75   PHE A CD1   1 
ATOM   494  C  CD2   . PHE A 1 68  ? -12.461 -1.734  -12.585 1.00 28.68 ? 75   PHE A CD2   1 
ATOM   495  C  CE1   . PHE A 1 68  ? -13.628 -0.020  -10.735 1.00 28.36 ? 75   PHE A CE1   1 
ATOM   496  C  CE2   . PHE A 1 68  ? -13.139 -0.600  -13.021 1.00 28.12 ? 75   PHE A CE2   1 
ATOM   497  C  CZ    . PHE A 1 68  ? -13.724 0.260   -12.091 1.00 28.78 ? 75   PHE A CZ    1 
ATOM   498  N  N     . ARG A 1 69  ? -12.171 -6.483  -9.510  1.00 26.99 ? 76   ARG A N     1 
ATOM   499  C  CA    . ARG A 1 69  ? -11.452 -7.570  -8.838  1.00 26.70 ? 76   ARG A CA    1 
ATOM   500  C  C     . ARG A 1 69  ? -10.783 -8.569  -9.781  1.00 26.51 ? 76   ARG A C     1 
ATOM   501  O  O     . ARG A 1 69  ? -9.682  -9.053  -9.501  1.00 26.24 ? 76   ARG A O     1 
ATOM   502  C  CB    . ARG A 1 69  ? -12.356 -8.287  -7.847  1.00 26.75 ? 76   ARG A CB    1 
ATOM   503  N  N     . SER A 1 70  ? -11.440 -8.872  -10.902 1.00 25.84 ? 77   SER A N     1 
ATOM   504  C  CA    . SER A 1 70  ? -10.923 -9.861  -11.841 1.00 25.47 ? 77   SER A CA    1 
ATOM   505  C  C     . SER A 1 70  ? -9.599  -9.448  -12.467 1.00 25.01 ? 77   SER A C     1 
ATOM   506  O  O     . SER A 1 70  ? -8.866  -10.297 -12.959 1.00 25.15 ? 77   SER A O     1 
ATOM   507  C  CB    . SER A 1 70  ? -11.962 -10.171 -12.939 1.00 25.45 ? 77   SER A CB    1 
ATOM   508  O  OG    . SER A 1 70  ? -12.210 -9.032  -13.744 1.00 25.55 ? 77   SER A OG    1 
ATOM   509  N  N     . LEU A 1 71  ? -9.297  -8.148  -12.424 1.00 24.59 ? 78   LEU A N     1 
ATOM   510  C  CA    . LEU A 1 71  ? -8.094  -7.584  -13.037 1.00 24.71 ? 78   LEU A CA    1 
ATOM   511  C  C     . LEU A 1 71  ? -6.887  -7.555  -12.101 1.00 24.88 ? 78   LEU A C     1 
ATOM   512  O  O     . LEU A 1 71  ? -5.750  -7.373  -12.550 1.00 24.33 ? 78   LEU A O     1 
ATOM   513  C  CB    . LEU A 1 71  ? -8.372  -6.163  -13.521 1.00 24.77 ? 78   LEU A CB    1 
ATOM   514  C  CG    . LEU A 1 71  ? -9.367  -5.957  -14.661 1.00 24.80 ? 78   LEU A CG    1 
ATOM   515  C  CD1   . LEU A 1 71  ? -9.878  -4.529  -14.640 1.00 25.32 ? 78   LEU A CD1   1 
ATOM   516  C  CD2   . LEU A 1 71  ? -8.724  -6.318  -16.004 1.00 26.04 ? 78   LEU A CD2   1 
ATOM   517  N  N     . ILE A 1 72  ? -7.152  -7.727  -10.811 1.00 25.11 ? 79   ILE A N     1 
ATOM   518  C  CA    . ILE A 1 72  ? -6.103  -7.691  -9.786  1.00 25.79 ? 79   ILE A CA    1 
ATOM   519  C  C     . ILE A 1 72  ? -4.920  -8.637  -10.062 1.00 26.03 ? 79   ILE A C     1 
ATOM   520  O  O     . ILE A 1 72  ? -3.775  -8.208  -9.969  1.00 25.47 ? 79   ILE A O     1 
ATOM   521  C  CB    . ILE A 1 72  ? -6.674  -7.898  -8.354  1.00 25.68 ? 79   ILE A CB    1 
ATOM   522  C  CG1   . ILE A 1 72  ? -7.679  -6.788  -7.994  1.00 26.21 ? 79   ILE A CG1   1 
ATOM   523  C  CG2   . ILE A 1 72  ? -5.534  -8.017  -7.331  1.00 26.38 ? 79   ILE A CG2   1 
ATOM   524  C  CD1   . ILE A 1 72  ? -7.163  -5.342  -8.149  1.00 27.24 ? 79   ILE A CD1   1 
ATOM   525  N  N     . PRO A 1 73  ? -5.183  -9.922  -10.408 1.00 26.43 ? 80   PRO A N     1 
ATOM   526  C  CA    . PRO A 1 73  ? -4.020  -10.742 -10.753 1.00 26.77 ? 80   PRO A CA    1 
ATOM   527  C  C     . PRO A 1 73  ? -3.105  -10.115 -11.809 1.00 27.20 ? 80   PRO A C     1 
ATOM   528  O  O     . PRO A 1 73  ? -1.879  -10.143 -11.647 1.00 27.15 ? 80   PRO A O     1 
ATOM   529  C  CB    . PRO A 1 73  ? -4.652  -12.048 -11.260 1.00 26.96 ? 80   PRO A CB    1 
ATOM   530  C  CG    . PRO A 1 73  ? -5.935  -12.129 -10.492 1.00 26.77 ? 80   PRO A CG    1 
ATOM   531  C  CD    . PRO A 1 73  ? -6.433  -10.707 -10.470 1.00 26.46 ? 80   PRO A CD    1 
ATOM   532  N  N     . SER A 1 74  ? -3.686  -9.523  -12.856 1.00 26.83 ? 81   SER A N     1 
ATOM   533  C  CA    . SER A 1 74  ? -2.885  -8.880  -13.905 1.00 27.31 ? 81   SER A CA    1 
ATOM   534  C  C     . SER A 1 74  ? -2.106  -7.682  -13.381 1.00 27.63 ? 81   SER A C     1 
ATOM   535  O  O     . SER A 1 74  ? -0.982  -7.429  -13.811 1.00 28.21 ? 81   SER A O     1 
ATOM   536  C  CB    . SER A 1 74  ? -3.733  -8.485  -15.124 1.00 26.81 ? 81   SER A CB    1 
ATOM   537  O  OG    . SER A 1 74  ? -4.582  -7.377  -14.862 1.00 27.86 ? 81   SER A OG    1 
ATOM   538  N  N     . TYR A 1 75  ? -2.698  -6.973  -12.428 1.00 27.90 ? 82   TYR A N     1 
ATOM   539  C  CA    . TYR A 1 75  ? -2.064  -5.807  -11.832 1.00 28.65 ? 82   TYR A CA    1 
ATOM   540  C  C     . TYR A 1 75  ? -0.893  -6.184  -10.939 1.00 28.99 ? 82   TYR A C     1 
ATOM   541  O  O     . TYR A 1 75  ? 0.090   -5.450  -10.875 1.00 29.49 ? 82   TYR A O     1 
ATOM   542  C  CB    . TYR A 1 75  ? -3.076  -4.987  -11.041 1.00 28.38 ? 82   TYR A CB    1 
ATOM   543  C  CG    . TYR A 1 75  ? -4.148  -4.334  -11.888 1.00 28.77 ? 82   TYR A CG    1 
ATOM   544  C  CD1   . TYR A 1 75  ? -5.336  -3.910  -11.312 1.00 28.88 ? 82   TYR A CD1   1 
ATOM   545  C  CD2   . TYR A 1 75  ? -3.973  -4.141  -13.264 1.00 29.37 ? 82   TYR A CD2   1 
ATOM   546  C  CE1   . TYR A 1 75  ? -6.326  -3.305  -12.068 1.00 28.38 ? 82   TYR A CE1   1 
ATOM   547  C  CE2   . TYR A 1 75  ? -4.964  -3.539  -14.035 1.00 28.32 ? 82   TYR A CE2   1 
ATOM   548  C  CZ    . TYR A 1 75  ? -6.132  -3.122  -13.426 1.00 28.42 ? 82   TYR A CZ    1 
ATOM   549  O  OH    . TYR A 1 75  ? -7.119  -2.519  -14.162 1.00 29.36 ? 82   TYR A OH    1 
ATOM   550  N  N     . ILE A 1 76  ? -1.008  -7.322  -10.255 1.00 29.34 ? 83   ILE A N     1 
ATOM   551  C  CA    . ILE A 1 76  ? 0.059   -7.818  -9.377  1.00 29.40 ? 83   ILE A CA    1 
ATOM   552  C  C     . ILE A 1 76  ? 1.232   -8.402  -10.174 1.00 29.83 ? 83   ILE A C     1 
ATOM   553  O  O     . ILE A 1 76  ? 2.383   -8.312  -9.749  1.00 29.85 ? 83   ILE A O     1 
ATOM   554  C  CB    . ILE A 1 76  ? -0.466  -8.856  -8.355  1.00 29.69 ? 83   ILE A CB    1 
ATOM   555  C  CG1   . ILE A 1 76  ? -1.569  -8.241  -7.486  1.00 29.46 ? 83   ILE A CG1   1 
ATOM   556  C  CG2   . ILE A 1 76  ? 0.680   -9.385  -7.475  1.00 30.08 ? 83   ILE A CG2   1 
ATOM   557  C  CD1   . ILE A 1 76  ? -2.238  -9.207  -6.532  1.00 28.85 ? 83   ILE A CD1   1 
ATOM   558  N  N     . ARG A 1 77  ? 0.928   -8.993  -11.328 1.00 29.58 ? 84   ARG A N     1 
ATOM   559  C  CA    . ARG A 1 77  ? 1.934   -9.579  -12.212 1.00 30.04 ? 84   ARG A CA    1 
ATOM   560  C  C     . ARG A 1 77  ? 3.202   -8.732  -12.306 1.00 29.21 ? 84   ARG A C     1 
ATOM   561  O  O     . ARG A 1 77  ? 3.147   -7.543  -12.633 1.00 29.21 ? 84   ARG A O     1 
ATOM   562  C  CB    . ARG A 1 77  ? 1.353   -9.753  -13.619 1.00 30.36 ? 84   ARG A CB    1 
ATOM   563  C  CG    . ARG A 1 77  ? 1.808   -11.003 -14.350 1.00 32.91 ? 84   ARG A CG    1 
ATOM   564  C  CD    . ARG A 1 77  ? 0.678   -12.027 -14.383 1.00 35.36 ? 84   ARG A CD    1 
ATOM   565  N  NE    . ARG A 1 77  ? -0.382  -11.625 -15.304 1.00 36.89 ? 84   ARG A NE    1 
ATOM   566  C  CZ    . ARG A 1 77  ? -1.669  -11.931 -15.162 1.00 37.48 ? 84   ARG A CZ    1 
ATOM   567  N  NH1   . ARG A 1 77  ? -2.084  -12.635 -14.116 1.00 37.59 ? 84   ARG A NH1   1 
ATOM   568  N  NH2   . ARG A 1 77  ? -2.549  -11.515 -16.062 1.00 38.05 ? 84   ARG A NH2   1 
ATOM   569  N  N     . ASP A 1 78  ? 4.337   -9.365  -12.012 1.00 28.71 ? 85   ASP A N     1 
ATOM   570  C  CA    . ASP A 1 78  ? 5.665   -8.774  -12.187 1.00 28.38 ? 85   ASP A CA    1 
ATOM   571  C  C     . ASP A 1 78  ? 5.985   -7.638  -11.221 1.00 27.37 ? 85   ASP A C     1 
ATOM   572  O  O     . ASP A 1 78  ? 6.961   -6.920  -11.422 1.00 27.41 ? 85   ASP A O     1 
ATOM   573  C  CB    . ASP A 1 78  ? 5.866   -8.291  -13.630 1.00 28.85 ? 85   ASP A CB    1 
ATOM   574  C  CG    . ASP A 1 78  ? 5.695   -9.403  -14.645 1.00 30.88 ? 85   ASP A CG    1 
ATOM   575  O  OD1   . ASP A 1 78  ? 6.490   -10.368 -14.622 1.00 32.45 ? 85   ASP A OD1   1 
ATOM   576  O  OD2   . ASP A 1 78  ? 4.762   -9.299  -15.469 1.00 34.29 ? 85   ASP A OD2   1 
ATOM   577  N  N     . SER A 1 79  ? 5.171   -7.469  -10.185 1.00 26.65 ? 86   SER A N     1 
ATOM   578  C  CA    . SER A 1 79  ? 5.432   -6.414  -9.210  1.00 25.67 ? 86   SER A CA    1 
ATOM   579  C  C     . SER A 1 79  ? 6.694   -6.723  -8.410  1.00 24.44 ? 86   SER A C     1 
ATOM   580  O  O     . SER A 1 79  ? 6.935   -7.876  -8.018  1.00 24.38 ? 86   SER A O     1 
ATOM   581  C  CB    . SER A 1 79  ? 4.226   -6.179  -8.292  1.00 25.78 ? 86   SER A CB    1 
ATOM   582  O  OG    . SER A 1 79  ? 3.789   -7.377  -7.683  1.00 29.16 ? 86   SER A OG    1 
ATOM   583  N  N     . ALA A 1 80  ? 7.504   -5.688  -8.211  1.00 23.11 ? 87   ALA A N     1 
ATOM   584  C  CA    . ALA A 1 80  ? 8.679   -5.758  -7.355  1.00 21.18 ? 87   ALA A CA    1 
ATOM   585  C  C     . ALA A 1 80  ? 8.270   -5.510  -5.902  1.00 20.56 ? 87   ALA A C     1 
ATOM   586  O  O     . ALA A 1 80  ? 8.889   -6.031  -4.973  1.00 19.71 ? 87   ALA A O     1 
ATOM   587  C  CB    . ALA A 1 80  ? 9.692   -4.730  -7.792  1.00 21.81 ? 87   ALA A CB    1 
ATOM   588  N  N     . ALA A 1 81  ? 7.223   -4.709  -5.719  1.00 19.04 ? 88   ALA A N     1 
ATOM   589  C  CA    . ALA A 1 81  ? 6.727   -4.387  -4.386  1.00 18.62 ? 88   ALA A CA    1 
ATOM   590  C  C     . ALA A 1 81  ? 5.223   -4.320  -4.387  1.00 18.58 ? 88   ALA A C     1 
ATOM   591  O  O     . ALA A 1 81  ? 4.610   -3.958  -5.401  1.00 18.14 ? 88   ALA A O     1 
ATOM   592  C  CB    . ALA A 1 81  ? 7.322   -3.071  -3.901  1.00 19.19 ? 88   ALA A CB    1 
ATOM   593  N  N     . ALA A 1 82  ? 4.625   -4.683  -3.255  1.00 17.24 ? 89   ALA A N     1 
ATOM   594  C  CA    . ALA A 1 82  ? 3.189   -4.608  -3.077  1.00 17.78 ? 89   ALA A CA    1 
ATOM   595  C  C     . ALA A 1 82  ? 2.927   -3.883  -1.776  1.00 17.68 ? 89   ALA A C     1 
ATOM   596  O  O     . ALA A 1 82  ? 3.457   -4.263  -0.737  1.00 17.85 ? 89   ALA A O     1 
ATOM   597  C  CB    . ALA A 1 82  ? 2.576   -5.986  -3.019  1.00 17.55 ? 89   ALA A CB    1 
ATOM   598  N  N     . VAL A 1 83  ? 2.109   -2.845  -1.846  1.00 17.86 ? 90   VAL A N     1 
ATOM   599  C  CA    . VAL A 1 83  ? 1.710   -2.113  -0.646  1.00 17.71 ? 90   VAL A CA    1 
ATOM   600  C  C     . VAL A 1 83  ? 0.251   -2.433  -0.395  1.00 18.10 ? 90   VAL A C     1 
ATOM   601  O  O     . VAL A 1 83  ? -0.621  -2.092  -1.199  1.00 17.22 ? 90   VAL A O     1 
ATOM   602  C  CB    . VAL A 1 83  ? 1.946   -0.591  -0.790  1.00 17.79 ? 90   VAL A CB    1 
ATOM   603  C  CG1   . VAL A 1 83  ? 1.457   0.145   0.452   1.00 16.94 ? 90   VAL A CG1   1 
ATOM   604  C  CG2   . VAL A 1 83  ? 3.427   -0.311  -1.003  1.00 17.20 ? 90   VAL A CG2   1 
ATOM   605  N  N     . VAL A 1 84  ? 0.000   -3.121  0.712   1.00 18.28 ? 91   VAL A N     1 
ATOM   606  C  CA    . VAL A 1 84  ? -1.332  -3.631  1.020   1.00 19.14 ? 91   VAL A CA    1 
ATOM   607  C  C     . VAL A 1 84  ? -1.883  -2.763  2.137   1.00 19.09 ? 91   VAL A C     1 
ATOM   608  O  O     . VAL A 1 84  ? -1.323  -2.727  3.236   1.00 18.84 ? 91   VAL A O     1 
ATOM   609  C  CB    . VAL A 1 84  ? -1.306  -5.121  1.433   1.00 18.84 ? 91   VAL A CB    1 
ATOM   610  C  CG1   . VAL A 1 84  ? -2.675  -5.552  1.917   1.00 20.94 ? 91   VAL A CG1   1 
ATOM   611  C  CG2   . VAL A 1 84  ? -0.855  -5.995  0.260   1.00 19.99 ? 91   VAL A CG2   1 
ATOM   612  N  N     . VAL A 1 85  ? -2.953  -2.033  1.829   1.00 19.10 ? 92   VAL A N     1 
ATOM   613  C  CA    . VAL A 1 85  ? -3.458  -0.979  2.710   1.00 19.11 ? 92   VAL A CA    1 
ATOM   614  C  C     . VAL A 1 85  ? -4.805  -1.357  3.325   1.00 19.99 ? 92   VAL A C     1 
ATOM   615  O  O     . VAL A 1 85  ? -5.702  -1.872  2.639   1.00 19.27 ? 92   VAL A O     1 
ATOM   616  C  CB    . VAL A 1 85  ? -3.580  0.383   1.948   1.00 19.62 ? 92   VAL A CB    1 
ATOM   617  C  CG1   . VAL A 1 85  ? -3.943  1.539   2.897   1.00 19.76 ? 92   VAL A CG1   1 
ATOM   618  C  CG2   . VAL A 1 85  ? -2.295  0.701   1.192   1.00 17.76 ? 92   VAL A CG2   1 
ATOM   619  N  N     . TYR A 1 86  ? -4.914  -1.100  4.624   1.00 19.27 ? 93   TYR A N     1 
ATOM   620  C  CA    . TYR A 1 86  ? -6.174  -1.149  5.326   1.00 20.37 ? 93   TYR A CA    1 
ATOM   621  C  C     . TYR A 1 86  ? -6.426  0.165   6.057   1.00 20.78 ? 93   TYR A C     1 
ATOM   622  O  O     . TYR A 1 86  ? -5.547  1.045   6.116   1.00 20.61 ? 93   TYR A O     1 
ATOM   623  C  CB    . TYR A 1 86  ? -6.236  -2.357  6.279   1.00 20.17 ? 93   TYR A CB    1 
ATOM   624  C  CG    . TYR A 1 86  ? -5.300  -2.333  7.477   1.00 20.18 ? 93   TYR A CG    1 
ATOM   625  C  CD1   . TYR A 1 86  ? -5.745  -1.888  8.725   1.00 19.59 ? 93   TYR A CD1   1 
ATOM   626  C  CD2   . TYR A 1 86  ? -3.986  -2.799  7.376   1.00 20.95 ? 93   TYR A CD2   1 
ATOM   627  C  CE1   . TYR A 1 86  ? -4.901  -1.877  9.835   1.00 19.03 ? 93   TYR A CE1   1 
ATOM   628  C  CE2   . TYR A 1 86  ? -3.129  -2.792  8.484   1.00 19.95 ? 93   TYR A CE2   1 
ATOM   629  C  CZ    . TYR A 1 86  ? -3.594  -2.335  9.706   1.00 19.22 ? 93   TYR A CZ    1 
ATOM   630  O  OH    . TYR A 1 86  ? -2.756  -2.334  10.801  1.00 20.73 ? 93   TYR A OH    1 
ATOM   631  N  N     . ASP A 1 87  ? -7.634  0.275   6.602   1.00 21.50 ? 94   ASP A N     1 
ATOM   632  C  CA    . ASP A 1 87  ? -8.129  1.450   7.303   1.00 22.61 ? 94   ASP A CA    1 
ATOM   633  C  C     . ASP A 1 87  ? -8.253  1.038   8.769   1.00 22.99 ? 94   ASP A C     1 
ATOM   634  O  O     . ASP A 1 87  ? -9.036  0.145   9.100   1.00 23.38 ? 94   ASP A O     1 
ATOM   635  C  CB    . ASP A 1 87  ? -9.493  1.826   6.691   1.00 22.66 ? 94   ASP A CB    1 
ATOM   636  C  CG    . ASP A 1 87  ? -10.212 2.952   7.427   1.00 23.48 ? 94   ASP A CG    1 
ATOM   637  O  OD1   . ASP A 1 87  ? -9.819  3.345   8.545   1.00 24.60 ? 94   ASP A OD1   1 
ATOM   638  O  OD2   . ASP A 1 87  ? -11.210 3.444   6.861   1.00 26.19 ? 94   ASP A OD2   1 
ATOM   639  N  N     . ILE A 1 88  ? -7.459  1.663   9.636   1.00 23.42 ? 95   ILE A N     1 
ATOM   640  C  CA    . ILE A 1 88  ? -7.406  1.300   11.067  1.00 24.46 ? 95   ILE A CA    1 
ATOM   641  C  C     . ILE A 1 88  ? -8.756  1.404   11.787  1.00 25.28 ? 95   ILE A C     1 
ATOM   642  O  O     . ILE A 1 88  ? -8.922  0.868   12.895  1.00 25.91 ? 95   ILE A O     1 
ATOM   643  C  CB    . ILE A 1 88  ? -6.375  2.146   11.863  1.00 24.11 ? 95   ILE A CB    1 
ATOM   644  C  CG1   . ILE A 1 88  ? -6.749  3.636   11.830  1.00 24.98 ? 95   ILE A CG1   1 
ATOM   645  C  CG2   . ILE A 1 88  ? -4.949  1.873   11.391  1.00 24.39 ? 95   ILE A CG2   1 
ATOM   646  C  CD1   . ILE A 1 88  ? -6.539  4.343   13.162  1.00 27.43 ? 95   ILE A CD1   1 
ATOM   647  N  N     . THR A 1 89  ? -9.694  2.112   11.164  1.00 26.16 ? 96   THR A N     1 
ATOM   648  C  CA    . THR A 1 89  ? -11.057 2.256   11.680  1.00 27.15 ? 96   THR A CA    1 
ATOM   649  C  C     . THR A 1 89  ? -11.988 1.168   11.140  1.00 27.69 ? 96   THR A C     1 
ATOM   650  O  O     . THR A 1 89  ? -13.142 1.069   11.562  1.00 27.85 ? 96   THR A O     1 
ATOM   651  C  CB    . THR A 1 89  ? -11.672 3.640   11.328  1.00 26.93 ? 96   THR A CB    1 
ATOM   652  O  OG1   . THR A 1 89  ? -12.034 3.678   9.939   1.00 27.32 ? 96   THR A OG1   1 
ATOM   653  C  CG2   . THR A 1 89  ? -10.716 4.773   11.647  1.00 27.63 ? 96   THR A CG2   1 
ATOM   654  N  N     . ASN A 1 90  ? -11.485 0.367   10.203  1.00 27.81 ? 97   ASN A N     1 
ATOM   655  C  CA    . ASN A 1 90  ? -12.299 -0.623  9.511   1.00 28.48 ? 97   ASN A CA    1 
ATOM   656  C  C     . ASN A 1 90  ? -11.720 -2.030  9.656   1.00 28.31 ? 97   ASN A C     1 
ATOM   657  O  O     . ASN A 1 90  ? -10.788 -2.411  8.940   1.00 28.36 ? 97   ASN A O     1 
ATOM   658  C  CB    . ASN A 1 90  ? -12.449 -0.235  8.034   1.00 28.63 ? 97   ASN A CB    1 
ATOM   659  C  CG    . ASN A 1 90  ? -13.622 -0.919  7.361   1.00 30.42 ? 97   ASN A CG    1 
ATOM   660  O  OD1   . ASN A 1 90  ? -14.643 -0.285  7.079   1.00 34.46 ? 97   ASN A OD1   1 
ATOM   661  N  ND2   . ASN A 1 90  ? -13.485 -2.208  7.088   1.00 31.13 ? 97   ASN A ND2   1 
ATOM   662  N  N     . VAL A 1 91  ? -12.290 -2.795  10.586  1.00 28.23 ? 98   VAL A N     1 
ATOM   663  C  CA    . VAL A 1 91  ? -11.857 -4.175  10.862  1.00 28.24 ? 98   VAL A CA    1 
ATOM   664  C  C     . VAL A 1 91  ? -11.875 -5.049  9.607   1.00 27.73 ? 98   VAL A C     1 
ATOM   665  O  O     . VAL A 1 91  ? -10.911 -5.768  9.333   1.00 27.69 ? 98   VAL A O     1 
ATOM   666  C  CB    . VAL A 1 91  ? -12.712 -4.833  11.987  1.00 28.31 ? 98   VAL A CB    1 
ATOM   667  C  CG1   . VAL A 1 91  ? -12.481 -6.337  12.046  1.00 29.31 ? 98   VAL A CG1   1 
ATOM   668  C  CG2   . VAL A 1 91  ? -12.411 -4.201  13.332  1.00 29.37 ? 98   VAL A CG2   1 
ATOM   669  N  N     . ASN A 1 92  ? -12.963 -4.984  8.845   1.00 27.46 ? 99   ASN A N     1 
ATOM   670  C  CA    . ASN A 1 92  ? -13.056 -5.761  7.610   1.00 27.48 ? 99   ASN A CA    1 
ATOM   671  C  C     . ASN A 1 92  ? -11.876 -5.513  6.667   1.00 26.81 ? 99   ASN A C     1 
ATOM   672  O  O     . ASN A 1 92  ? -11.300 -6.455  6.128   1.00 26.65 ? 99   ASN A O     1 
ATOM   673  C  CB    . ASN A 1 92  ? -14.369 -5.504  6.877   1.00 27.65 ? 99   ASN A CB    1 
ATOM   674  C  CG    . ASN A 1 92  ? -14.469 -6.294  5.585   1.00 29.44 ? 99   ASN A CG    1 
ATOM   675  O  OD1   . ASN A 1 92  ? -14.383 -7.525  5.588   1.00 31.37 ? 99   ASN A OD1   1 
ATOM   676  N  ND2   . ASN A 1 92  ? -14.629 -5.590  4.471   1.00 30.89 ? 99   ASN A ND2   1 
ATOM   677  N  N     . SER A 1 93  ? -11.521 -4.245  6.478   1.00 26.27 ? 100  SER A N     1 
ATOM   678  C  CA    . SER A 1 93  ? -10.417 -3.893  5.590   1.00 25.31 ? 100  SER A CA    1 
ATOM   679  C  C     . SER A 1 93  ? -9.103  -4.522  6.057   1.00 25.33 ? 100  SER A C     1 
ATOM   680  O  O     . SER A 1 93  ? -8.292  -4.955  5.229   1.00 24.95 ? 100  SER A O     1 
ATOM   681  C  CB    . SER A 1 93  ? -10.284 -2.373  5.445   1.00 25.48 ? 100  SER A CB    1 
ATOM   682  O  OG    . SER A 1 93  ? -9.697  -1.792  6.594   1.00 23.58 ? 100  SER A OG    1 
ATOM   683  N  N     . PHE A 1 94  ? -8.908  -4.570  7.377   1.00 25.12 ? 101  PHE A N     1 
ATOM   684  C  CA    . PHE A 1 94  ? -7.747  -5.229  7.988   1.00 25.68 ? 101  PHE A CA    1 
ATOM   685  C  C     . PHE A 1 94  ? -7.743  -6.744  7.768   1.00 26.08 ? 101  PHE A C     1 
ATOM   686  O  O     . PHE A 1 94  ? -6.721  -7.320  7.410   1.00 26.16 ? 101  PHE A O     1 
ATOM   687  C  CB    . PHE A 1 94  ? -7.668  -4.913  9.493   1.00 25.15 ? 101  PHE A CB    1 
ATOM   688  C  CG    . PHE A 1 94  ? -6.519  -5.592  10.202  1.00 25.59 ? 101  PHE A CG    1 
ATOM   689  C  CD1   . PHE A 1 94  ? -5.198  -5.298  9.862   1.00 24.39 ? 101  PHE A CD1   1 
ATOM   690  C  CD2   . PHE A 1 94  ? -6.756  -6.530  11.205  1.00 26.14 ? 101  PHE A CD2   1 
ATOM   691  C  CE1   . PHE A 1 94  ? -4.130  -5.920  10.505  1.00 24.00 ? 101  PHE A CE1   1 
ATOM   692  C  CE2   . PHE A 1 94  ? -5.695  -7.164  11.857  1.00 26.02 ? 101  PHE A CE2   1 
ATOM   693  C  CZ    . PHE A 1 94  ? -4.374  -6.854  11.506  1.00 25.59 ? 101  PHE A CZ    1 
ATOM   694  N  N     . GLN A 1 95  ? -8.893  -7.374  8.002   1.00 26.76 ? 102  GLN A N     1 
ATOM   695  C  CA    . GLN A 1 95  ? -9.056  -8.820  7.819   1.00 27.58 ? 102  GLN A CA    1 
ATOM   696  C  C     . GLN A 1 95  ? -8.772  -9.251  6.373   1.00 27.20 ? 102  GLN A C     1 
ATOM   697  O  O     . GLN A 1 95  ? -8.106  -10.267 6.136   1.00 27.35 ? 102  GLN A O     1 
ATOM   698  C  CB    . GLN A 1 95  ? -10.462 -9.248  8.266   1.00 27.65 ? 102  GLN A CB    1 
ATOM   699  C  CG    . GLN A 1 95  ? -10.775 -8.839  9.711   1.00 29.05 ? 102  GLN A CG    1 
ATOM   700  C  CD    . GLN A 1 95  ? -12.177 -9.217  10.175  1.00 29.55 ? 102  GLN A CD    1 
ATOM   701  O  OE1   . GLN A 1 95  ? -13.168 -9.036  9.457   1.00 32.41 ? 102  GLN A OE1   1 
ATOM   702  N  NE2   . GLN A 1 95  ? -12.264 -9.717  11.403  1.00 31.51 ? 102  GLN A NE2   1 
ATOM   703  N  N     . GLN A 1 96  ? -9.252  -8.453  5.422   1.00 26.82 ? 103  GLN A N     1 
ATOM   704  C  CA    . GLN A 1 96  ? -9.062  -8.714  3.997   1.00 27.01 ? 103  GLN A CA    1 
ATOM   705  C  C     . GLN A 1 96  ? -7.611  -8.672  3.529   1.00 26.58 ? 103  GLN A C     1 
ATOM   706  O  O     . GLN A 1 96  ? -7.286  -9.217  2.473   1.00 26.42 ? 103  GLN A O     1 
ATOM   707  C  CB    . GLN A 1 96  ? -9.902  -7.745  3.155   1.00 27.33 ? 103  GLN A CB    1 
ATOM   708  C  CG    . GLN A 1 96  ? -11.413 -7.944  3.303   1.00 28.48 ? 103  GLN A CG    1 
ATOM   709  C  CD    . GLN A 1 96  ? -11.843 -9.388  3.089   1.00 30.93 ? 103  GLN A CD    1 
ATOM   710  O  OE1   . GLN A 1 96  ? -12.605 -9.942  3.885   1.00 33.78 ? 103  GLN A OE1   1 
ATOM   711  N  NE2   . GLN A 1 96  ? -11.349 -10.004 2.024   1.00 29.79 ? 103  GLN A NE2   1 
ATOM   712  N  N     . THR A 1 97  ? -6.739  -8.036  4.307   1.00 26.11 ? 104  THR A N     1 
ATOM   713  C  CA    . THR A 1 97  ? -5.330  -7.918  3.911   1.00 25.79 ? 104  THR A CA    1 
ATOM   714  C  C     . THR A 1 97  ? -4.605  -9.265  3.848   1.00 26.34 ? 104  THR A C     1 
ATOM   715  O  O     . THR A 1 97  ? -3.639  -9.412  3.100   1.00 26.20 ? 104  THR A O     1 
ATOM   716  C  CB    . THR A 1 97  ? -4.535  -6.937  4.804   1.00 25.57 ? 104  THR A CB    1 
ATOM   717  O  OG1   . THR A 1 97  ? -4.421  -7.462  6.133   1.00 24.27 ? 104  THR A OG1   1 
ATOM   718  C  CG2   . THR A 1 97  ? -5.206  -5.563  4.834   1.00 25.64 ? 104  THR A CG2   1 
ATOM   719  N  N     . THR A 1 98  ? -5.075  -10.255 4.603   1.00 27.09 ? 105  THR A N     1 
ATOM   720  C  CA    . THR A 1 98  ? -4.466  -11.588 4.529   1.00 27.56 ? 105  THR A CA    1 
ATOM   721  C  C     . THR A 1 98  ? -4.597  -12.172 3.122   1.00 27.77 ? 105  THR A C     1 
ATOM   722  O  O     . THR A 1 98  ? -3.630  -12.686 2.574   1.00 27.70 ? 105  THR A O     1 
ATOM   723  C  CB    . THR A 1 98  ? -5.022  -12.562 5.590   1.00 28.14 ? 105  THR A CB    1 
ATOM   724  O  OG1   . THR A 1 98  ? -4.832  -11.999 6.892   1.00 27.60 ? 105  THR A OG1   1 
ATOM   725  C  CG2   . THR A 1 98  ? -4.285  -13.898 5.524   1.00 28.63 ? 105  THR A CG2   1 
ATOM   726  N  N     . LYS A 1 99  ? -5.781  -12.054 2.530   1.00 28.30 ? 106  LYS A N     1 
ATOM   727  C  CA    . LYS A 1 99  ? -5.994  -12.559 1.171   1.00 28.24 ? 106  LYS A CA    1 
ATOM   728  C  C     . LYS A 1 99  ? -5.293  -11.729 0.083   1.00 27.72 ? 106  LYS A C     1 
ATOM   729  O  O     . LYS A 1 99  ? -4.780  -12.300 -0.879  1.00 27.79 ? 106  LYS A O     1 
ATOM   730  C  CB    . LYS A 1 99  ? -7.482  -12.806 0.882   1.00 28.95 ? 106  LYS A CB    1 
ATOM   731  C  CG    . LYS A 1 99  ? -8.347  -11.581 0.638   1.00 30.32 ? 106  LYS A CG    1 
ATOM   732  C  CD    . LYS A 1 99  ? -8.787  -11.525 -0.824  1.00 31.78 ? 106  LYS A CD    1 
ATOM   733  C  CE    . LYS A 1 99  ? -10.131 -10.822 -0.986  1.00 33.29 ? 106  LYS A CE    1 
ATOM   734  N  NZ    . LYS A 1 99  ? -10.102 -9.348  -0.698  1.00 34.42 ? 106  LYS A NZ    1 
ATOM   735  N  N     . TRP A 1 100 ? -5.240  -10.407 0.252   1.00 27.01 ? 107  TRP A N     1 
ATOM   736  C  CA    . TRP A 1 100 ? -4.456  -9.545  -0.640  1.00 26.29 ? 107  TRP A CA    1 
ATOM   737  C  C     . TRP A 1 100 ? -2.998  -9.973  -0.648  1.00 26.07 ? 107  TRP A C     1 
ATOM   738  O  O     . TRP A 1 100 ? -2.407  -10.121 -1.712  1.00 25.34 ? 107  TRP A O     1 
ATOM   739  C  CB    . TRP A 1 100 ? -4.549  -8.073  -0.235  1.00 25.92 ? 107  TRP A CB    1 
ATOM   740  C  CG    . TRP A 1 100 ? -5.860  -7.427  -0.560  1.00 25.58 ? 107  TRP A CG    1 
ATOM   741  C  CD1   . TRP A 1 100 ? -6.845  -7.095  0.316   1.00 25.15 ? 107  TRP A CD1   1 
ATOM   742  C  CD2   . TRP A 1 100 ? -6.320  -7.026  -1.854  1.00 25.40 ? 107  TRP A CD2   1 
ATOM   743  N  NE1   . TRP A 1 100 ? -7.897  -6.509  -0.345  1.00 24.76 ? 107  TRP A NE1   1 
ATOM   744  C  CE2   . TRP A 1 100 ? -7.605  -6.463  -1.683  1.00 26.28 ? 107  TRP A CE2   1 
ATOM   745  C  CE3   . TRP A 1 100 ? -5.776  -7.098  -3.147  1.00 25.43 ? 107  TRP A CE3   1 
ATOM   746  C  CZ2   . TRP A 1 100 ? -8.354  -5.967  -2.751  1.00 26.44 ? 107  TRP A CZ2   1 
ATOM   747  C  CZ3   . TRP A 1 100 ? -6.520  -6.592  -4.209  1.00 25.30 ? 107  TRP A CZ3   1 
ATOM   748  C  CH2   . TRP A 1 100 ? -7.793  -6.041  -4.005  1.00 26.37 ? 107  TRP A CH2   1 
ATOM   749  N  N     . ILE A 1 101 ? -2.431  -10.170 0.544   1.00 26.19 ? 108  ILE A N     1 
ATOM   750  C  CA    . ILE A 1 101 ? -1.046  -10.622 0.696   1.00 26.65 ? 108  ILE A CA    1 
ATOM   751  C  C     . ILE A 1 101 ? -0.889  -12.051 0.167   1.00 27.73 ? 108  ILE A C     1 
ATOM   752  O  O     . ILE A 1 101 ? 0.092   -12.358 -0.510  1.00 27.49 ? 108  ILE A O     1 
ATOM   753  C  CB    . ILE A 1 101 ? -0.544  -10.464 2.165   1.00 26.20 ? 108  ILE A CB    1 
ATOM   754  C  CG1   . ILE A 1 101 ? -0.446  -8.973  2.517   1.00 26.46 ? 108  ILE A CG1   1 
ATOM   755  C  CG2   . ILE A 1 101 ? 0.831   -11.088 2.369   1.00 25.47 ? 108  ILE A CG2   1 
ATOM   756  C  CD1   . ILE A 1 101 ? -0.398  -8.674  4.015   1.00 25.79 ? 108  ILE A CD1   1 
ATOM   757  N  N     . ASP A 1 102 ? -1.879  -12.898 0.458   1.00 29.43 ? 109  ASP A N     1 
ATOM   758  C  CA    . ASP A 1 102 ? -1.977  -14.238 -0.144  1.00 31.20 ? 109  ASP A CA    1 
ATOM   759  C  C     . ASP A 1 102 ? -1.941  -14.185 -1.674  1.00 31.65 ? 109  ASP A C     1 
ATOM   760  O  O     . ASP A 1 102 ? -1.161  -14.911 -2.292  1.00 32.46 ? 109  ASP A O     1 
ATOM   761  C  CB    . ASP A 1 102 ? -3.243  -14.960 0.332   1.00 31.46 ? 109  ASP A CB    1 
ATOM   762  C  CG    . ASP A 1 102 ? -2.951  -16.056 1.338   1.00 33.44 ? 109  ASP A CG    1 
ATOM   763  O  OD1   . ASP A 1 102 ? -3.365  -15.928 2.512   1.00 35.14 ? 109  ASP A OD1   1 
ATOM   764  O  OD2   . ASP A 1 102 ? -2.310  -17.056 0.946   1.00 36.18 ? 109  ASP A OD2   1 
ATOM   765  N  N     . ASP A 1 103 ? -2.772  -13.320 -2.266  1.00 32.68 ? 110  ASP A N     1 
ATOM   766  C  CA    . ASP A 1 103 ? -2.820  -13.107 -3.725  1.00 33.04 ? 110  ASP A CA    1 
ATOM   767  C  C     . ASP A 1 103 ? -1.475  -12.680 -4.305  1.00 33.23 ? 110  ASP A C     1 
ATOM   768  O  O     . ASP A 1 103 ? -1.109  -13.091 -5.408  1.00 33.28 ? 110  ASP A O     1 
ATOM   769  C  CB    . ASP A 1 103 ? -3.870  -12.052 -4.095  1.00 33.77 ? 110  ASP A CB    1 
ATOM   770  C  CG    . ASP A 1 103 ? -5.305  -12.551 -3.943  1.00 34.57 ? 110  ASP A CG    1 
ATOM   771  O  OD1   . ASP A 1 103 ? -5.516  -13.762 -3.723  1.00 34.82 ? 110  ASP A OD1   1 
ATOM   772  O  OD2   . ASP A 1 103 ? -6.224  -11.708 -4.035  1.00 36.18 ? 110  ASP A OD2   1 
ATOM   773  N  N     . VAL A 1 104 ? -0.749  -11.835 -3.572  1.00 32.91 ? 111  VAL A N     1 
ATOM   774  C  CA    . VAL A 1 104 ? 0.573   -11.400 -4.005  1.00 32.96 ? 111  VAL A CA    1 
ATOM   775  C  C     . VAL A 1 104 ? 1.555   -12.568 -3.984  1.00 33.63 ? 111  VAL A C     1 
ATOM   776  O  O     . VAL A 1 104 ? 2.319   -12.758 -4.930  1.00 33.63 ? 111  VAL A O     1 
ATOM   777  C  CB    . VAL A 1 104 ? 1.108   -10.236 -3.138  1.00 32.53 ? 111  VAL A CB    1 
ATOM   778  C  CG1   . VAL A 1 104 ? 2.534   -9.885  -3.521  1.00 32.17 ? 111  VAL A CG1   1 
ATOM   779  C  CG2   . VAL A 1 104 ? 0.217   -9.019  -3.298  1.00 31.87 ? 111  VAL A CG2   1 
ATOM   780  N  N     . ARG A 1 105 ? 1.512   -13.339 -2.902  1.00 34.78 ? 112  ARG A N     1 
ATOM   781  C  CA    . ARG A 1 105 ? 2.384   -14.498 -2.702  1.00 36.18 ? 112  ARG A CA    1 
ATOM   782  C  C     . ARG A 1 105 ? 2.214   -15.594 -3.758  1.00 36.89 ? 112  ARG A C     1 
ATOM   783  O  O     . ARG A 1 105 ? 3.198   -16.190 -4.194  1.00 37.46 ? 112  ARG A O     1 
ATOM   784  C  CB    . ARG A 1 105 ? 2.182   -15.067 -1.295  1.00 36.10 ? 112  ARG A CB    1 
ATOM   785  C  CG    . ARG A 1 105 ? 2.824   -14.223 -0.199  1.00 37.12 ? 112  ARG A CG    1 
ATOM   786  C  CD    . ARG A 1 105 ? 4.179   -14.769 0.197   1.00 38.39 ? 112  ARG A CD    1 
ATOM   787  N  NE    . ARG A 1 105 ? 5.009   -13.801 0.917   1.00 37.50 ? 112  ARG A NE    1 
ATOM   788  C  CZ    . ARG A 1 105 ? 4.854   -13.451 2.195   1.00 37.35 ? 112  ARG A CZ    1 
ATOM   789  N  NH1   . ARG A 1 105 ? 3.867   -13.959 2.932   1.00 36.34 ? 112  ARG A NH1   1 
ATOM   790  N  NH2   . ARG A 1 105 ? 5.691   -12.572 2.733   1.00 35.77 ? 112  ARG A NH2   1 
ATOM   791  N  N     . THR A 1 106 ? 0.981   -15.842 -4.186  1.00 37.91 ? 113  THR A N     1 
ATOM   792  C  CA    . THR A 1 106 ? 0.734   -16.895 -5.174  1.00 38.86 ? 113  THR A CA    1 
ATOM   793  C  C     . THR A 1 106 ? 1.049   -16.426 -6.599  1.00 38.88 ? 113  THR A C     1 
ATOM   794  O  O     . THR A 1 106 ? 1.174   -17.238 -7.517  1.00 39.28 ? 113  THR A O     1 
ATOM   795  C  CB    . THR A 1 106 ? -0.692  -17.490 -5.074  1.00 39.05 ? 113  THR A CB    1 
ATOM   796  O  OG1   . THR A 1 106 ? -1.670  -16.451 -5.220  1.00 40.35 ? 113  THR A OG1   1 
ATOM   797  C  CG2   . THR A 1 106 ? -0.888  -18.193 -3.732  1.00 39.34 ? 113  THR A CG2   1 
ATOM   798  N  N     . GLU A 1 107 ? 1.193   -15.116 -6.776  1.00 38.75 ? 114  GLU A N     1 
ATOM   799  C  CA    . GLU A 1 107 ? 1.639   -14.575 -8.049  1.00 38.40 ? 114  GLU A CA    1 
ATOM   800  C  C     . GLU A 1 107 ? 3.161   -14.381 -8.077  1.00 38.06 ? 114  GLU A C     1 
ATOM   801  O  O     . GLU A 1 107 ? 3.805   -14.635 -9.098  1.00 38.32 ? 114  GLU A O     1 
ATOM   802  C  CB    . GLU A 1 107 ? 0.905   -13.266 -8.364  1.00 38.60 ? 114  GLU A CB    1 
ATOM   803  C  CG    . GLU A 1 107 ? 1.309   -12.599 -9.679  1.00 39.21 ? 114  GLU A CG    1 
ATOM   804  C  CD    . GLU A 1 107 ? 0.971   -13.435 -10.902 1.00 39.93 ? 114  GLU A CD    1 
ATOM   805  O  OE1   . GLU A 1 107 ? -0.229  -13.594 -11.204 1.00 40.27 ? 114  GLU A OE1   1 
ATOM   806  O  OE2   . GLU A 1 107 ? 1.910   -13.925 -11.567 1.00 40.92 ? 114  GLU A OE2   1 
ATOM   807  N  N     . ARG A 1 108 ? 3.733   -13.955 -6.954  1.00 37.24 ? 115  ARG A N     1 
ATOM   808  C  CA    . ARG A 1 108 ? 5.117   -13.477 -6.932  1.00 36.57 ? 115  ARG A CA    1 
ATOM   809  C  C     . ARG A 1 108 ? 6.090   -14.321 -6.110  1.00 36.39 ? 115  ARG A C     1 
ATOM   810  O  O     . ARG A 1 108 ? 7.310   -14.176 -6.244  1.00 36.23 ? 115  ARG A O     1 
ATOM   811  C  CB    . ARG A 1 108 ? 5.161   -12.020 -6.441  1.00 36.38 ? 115  ARG A CB    1 
ATOM   812  C  CG    . ARG A 1 108 ? 4.198   -11.059 -7.162  1.00 35.26 ? 115  ARG A CG    1 
ATOM   813  C  CD    . ARG A 1 108 ? 4.587   -10.804 -8.611  1.00 33.64 ? 115  ARG A CD    1 
ATOM   814  N  NE    . ARG A 1 108 ? 5.971   -10.362 -8.734  1.00 33.40 ? 115  ARG A NE    1 
ATOM   815  C  CZ    . ARG A 1 108 ? 6.933   -11.029 -9.363  1.00 33.54 ? 115  ARG A CZ    1 
ATOM   816  N  NH1   . ARG A 1 108 ? 6.674   -12.185 -9.968  1.00 32.94 ? 115  ARG A NH1   1 
ATOM   817  N  NH2   . ARG A 1 108 ? 8.158   -10.530 -9.404  1.00 34.01 ? 115  ARG A NH2   1 
ATOM   818  N  N     . GLY A 1 109 ? 5.560   -15.188 -5.255  1.00 36.33 ? 116  GLY A N     1 
ATOM   819  C  CA    . GLY A 1 109 ? 6.394   -15.983 -4.368  1.00 35.95 ? 116  GLY A CA    1 
ATOM   820  C  C     . GLY A 1 109 ? 7.196   -15.070 -3.467  1.00 35.78 ? 116  GLY A C     1 
ATOM   821  O  O     . GLY A 1 109 ? 6.629   -14.238 -2.752  1.00 36.07 ? 116  GLY A O     1 
ATOM   822  N  N     . SER A 1 110 ? 8.517   -15.209 -3.531  1.00 35.21 ? 117  SER A N     1 
ATOM   823  C  CA    . SER A 1 110 ? 9.426   -14.415 -2.714  1.00 34.62 ? 117  SER A CA    1 
ATOM   824  C  C     . SER A 1 110 ? 10.032  -13.228 -3.464  1.00 33.87 ? 117  SER A C     1 
ATOM   825  O  O     . SER A 1 110 ? 10.769  -12.433 -2.877  1.00 34.05 ? 117  SER A O     1 
ATOM   826  C  CB    . SER A 1 110 ? 10.531  -15.307 -2.156  1.00 34.83 ? 117  SER A CB    1 
ATOM   827  O  OG    . SER A 1 110 ? 10.011  -16.124 -1.125  1.00 35.68 ? 117  SER A OG    1 
ATOM   828  N  N     . ASP A 1 111 ? 9.717   -13.107 -4.753  1.00 32.54 ? 118  ASP A N     1 
ATOM   829  C  CA    . ASP A 1 111 ? 10.281  -12.045 -5.588  1.00 31.28 ? 118  ASP A CA    1 
ATOM   830  C  C     . ASP A 1 111 ? 9.449   -10.762 -5.495  1.00 29.56 ? 118  ASP A C     1 
ATOM   831  O  O     . ASP A 1 111 ? 9.214   -10.084 -6.498  1.00 29.05 ? 118  ASP A O     1 
ATOM   832  C  CB    . ASP A 1 111 ? 10.437  -12.507 -7.045  1.00 31.97 ? 118  ASP A CB    1 
ATOM   833  C  CG    . ASP A 1 111 ? 11.744  -13.257 -7.290  1.00 34.39 ? 118  ASP A CG    1 
ATOM   834  O  OD1   . ASP A 1 111 ? 12.826  -12.746 -6.913  1.00 37.18 ? 118  ASP A OD1   1 
ATOM   835  O  OD2   . ASP A 1 111 ? 11.694  -14.357 -7.878  1.00 37.62 ? 118  ASP A OD2   1 
ATOM   836  N  N     . VAL A 1 112 ? 9.016   -10.450 -4.273  1.00 27.57 ? 119  VAL A N     1 
ATOM   837  C  CA    . VAL A 1 112 ? 8.274   -9.226  -3.984  1.00 25.51 ? 119  VAL A CA    1 
ATOM   838  C  C     . VAL A 1 112 ? 8.533   -8.721  -2.556  1.00 24.82 ? 119  VAL A C     1 
ATOM   839  O  O     . VAL A 1 112 ? 8.617   -9.511  -1.605  1.00 24.78 ? 119  VAL A O     1 
ATOM   840  C  CB    . VAL A 1 112 ? 6.747   -9.420  -4.238  1.00 25.58 ? 119  VAL A CB    1 
ATOM   841  C  CG1   . VAL A 1 112 ? 6.161   -10.452 -3.281  1.00 24.95 ? 119  VAL A CG1   1 
ATOM   842  C  CG2   . VAL A 1 112 ? 5.994   -8.087  -4.154  1.00 24.74 ? 119  VAL A CG2   1 
ATOM   843  N  N     . ILE A 1 113 ? 8.678   -7.404  -2.430  1.00 22.83 ? 120  ILE A N     1 
ATOM   844  C  CA    . ILE A 1 113 ? 8.674   -6.728  -1.138  1.00 21.96 ? 120  ILE A CA    1 
ATOM   845  C  C     . ILE A 1 113 ? 7.243   -6.365  -0.781  1.00 20.85 ? 120  ILE A C     1 
ATOM   846  O  O     . ILE A 1 113 ? 6.578   -5.661  -1.541  1.00 20.31 ? 120  ILE A O     1 
ATOM   847  C  CB    . ILE A 1 113 ? 9.498   -5.422  -1.195  1.00 22.08 ? 120  ILE A CB    1 
ATOM   848  C  CG1   . ILE A 1 113 ? 10.927  -5.699  -1.680  1.00 22.92 ? 120  ILE A CG1   1 
ATOM   849  C  CG2   . ILE A 1 113 ? 9.455   -4.684  0.159   1.00 22.82 ? 120  ILE A CG2   1 
ATOM   850  C  CD1   . ILE A 1 113 ? 11.628  -6.857  -0.998  1.00 24.71 ? 120  ILE A CD1   1 
ATOM   851  N  N     . ILE A 1 114 ? 6.781   -6.811  0.380   1.00 19.34 ? 121  ILE A N     1 
ATOM   852  C  CA    . ILE A 1 114 ? 5.415   -6.521  0.798   1.00 19.40 ? 121  ILE A CA    1 
ATOM   853  C  C     . ILE A 1 114 ? 5.388   -5.647  2.051   1.00 19.29 ? 121  ILE A C     1 
ATOM   854  O  O     . ILE A 1 114 ? 6.025   -5.967  3.064   1.00 19.68 ? 121  ILE A O     1 
ATOM   855  C  CB    . ILE A 1 114 ? 4.612   -7.820  1.022   1.00 19.30 ? 121  ILE A CB    1 
ATOM   856  C  CG1   . ILE A 1 114 ? 4.736   -8.724  -0.215  1.00 19.83 ? 121  ILE A CG1   1 
ATOM   857  C  CG2   . ILE A 1 114 ? 3.152   -7.497  1.366   1.00 18.87 ? 121  ILE A CG2   1 
ATOM   858  C  CD1   . ILE A 1 114 ? 4.150   -10.109 -0.033  1.00 21.62 ? 121  ILE A CD1   1 
ATOM   859  N  N     . MET A 1 115 ? 4.659   -4.539  1.953   1.00 18.53 ? 122  MET A N     1 
ATOM   860  C  CA    . MET A 1 115 ? 4.407   -3.649  3.087   1.00 18.59 ? 122  MET A CA    1 
ATOM   861  C  C     . MET A 1 115 ? 2.925   -3.627  3.450   1.00 17.87 ? 122  MET A C     1 
ATOM   862  O  O     . MET A 1 115 ? 2.069   -3.355  2.603   1.00 18.46 ? 122  MET A O     1 
ATOM   863  C  CB    . MET A 1 115 ? 4.891   -2.226  2.774   1.00 18.49 ? 122  MET A CB    1 
ATOM   864  C  CG    . MET A 1 115 ? 4.527   -1.199  3.852   1.00 20.16 ? 122  MET A CG    1 
ATOM   865  S  SD    . MET A 1 115 ? 5.510   -1.319  5.356   1.00 21.63 ? 122  MET A SD    1 
ATOM   866  C  CE    . MET A 1 115 ? 7.041   -0.566  4.806   1.00 20.09 ? 122  MET A CE    1 
ATOM   867  N  N     . LEU A 1 116 ? 2.638   -3.917  4.711   1.00 17.33 ? 123  LEU A N     1 
ATOM   868  C  CA    . LEU A 1 116 ? 1.289   -3.818  5.253   1.00 17.43 ? 123  LEU A CA    1 
ATOM   869  C  C     . LEU A 1 116 ? 1.115   -2.456  5.919   1.00 17.80 ? 123  LEU A C     1 
ATOM   870  O  O     . LEU A 1 116 ? 1.871   -2.096  6.828   1.00 17.88 ? 123  LEU A O     1 
ATOM   871  C  CB    . LEU A 1 116 ? 1.028   -4.940  6.261   1.00 17.72 ? 123  LEU A CB    1 
ATOM   872  C  CG    . LEU A 1 116 ? -0.338  -4.935  6.971   1.00 17.32 ? 123  LEU A CG    1 
ATOM   873  C  CD1   . LEU A 1 116 ? -1.493  -5.001  5.977   1.00 19.14 ? 123  LEU A CD1   1 
ATOM   874  C  CD2   . LEU A 1 116 ? -0.409  -6.101  7.962   1.00 17.71 ? 123  LEU A CD2   1 
ATOM   875  N  N     . VAL A 1 117 ? 0.128   -1.702  5.442   1.00 17.28 ? 124  VAL A N     1 
ATOM   876  C  CA    . VAL A 1 117 ? -0.072  -0.320  5.888   1.00 17.41 ? 124  VAL A CA    1 
ATOM   877  C  C     . VAL A 1 117 ? -1.409  -0.146  6.590   1.00 17.73 ? 124  VAL A C     1 
ATOM   878  O  O     . VAL A 1 117 ? -2.459  -0.401  5.999   1.00 17.87 ? 124  VAL A O     1 
ATOM   879  C  CB    . VAL A 1 117 ? -0.051  0.662   4.695   1.00 17.33 ? 124  VAL A CB    1 
ATOM   880  C  CG1   . VAL A 1 117 ? -0.316  2.094   5.164   1.00 17.63 ? 124  VAL A CG1   1 
ATOM   881  C  CG2   . VAL A 1 117 ? 1.259   0.590   3.952   1.00 16.08 ? 124  VAL A CG2   1 
ATOM   882  N  N     . GLY A 1 118 ? -1.369  0.301   7.843   1.00 17.80 ? 125  GLY A N     1 
ATOM   883  C  CA    . GLY A 1 118 ? -2.583  0.712   8.544   1.00 18.63 ? 125  GLY A CA    1 
ATOM   884  C  C     . GLY A 1 118 ? -2.739  2.216   8.422   1.00 18.99 ? 125  GLY A C     1 
ATOM   885  O  O     . GLY A 1 118 ? -2.055  2.978   9.115   1.00 19.87 ? 125  GLY A O     1 
ATOM   886  N  N     . ASN A 1 119 ? -3.646  2.631   7.545   1.00 19.23 ? 126  ASN A N     1 
ATOM   887  C  CA    . ASN A 1 119 ? -3.847  4.049   7.212   1.00 19.42 ? 126  ASN A CA    1 
ATOM   888  C  C     . ASN A 1 119 ? -4.972  4.690   8.038   1.00 19.61 ? 126  ASN A C     1 
ATOM   889  O  O     . ASN A 1 119 ? -5.795  3.984   8.624   1.00 20.03 ? 126  ASN A O     1 
ATOM   890  C  CB    . ASN A 1 119 ? -4.099  4.169   5.697   1.00 19.37 ? 126  ASN A CB    1 
ATOM   891  C  CG    . ASN A 1 119 ? -4.184  5.611   5.205   1.00 19.41 ? 126  ASN A CG    1 
ATOM   892  O  OD1   . ASN A 1 119 ? -5.083  5.955   4.421   1.00 21.64 ? 126  ASN A OD1   1 
ATOM   893  N  ND2   . ASN A 1 119 ? -3.257  6.452   5.644   1.00 18.35 ? 126  ASN A ND2   1 
ATOM   894  N  N     . LYS A 1 120 ? -4.979  6.029   8.074   1.00 20.11 ? 127  LYS A N     1 
ATOM   895  C  CA    . LYS A 1 120 ? -6.005  6.882   8.729   1.00 21.11 ? 127  LYS A CA    1 
ATOM   896  C  C     . LYS A 1 120 ? -5.816  7.010   10.244  1.00 21.58 ? 127  LYS A C     1 
ATOM   897  O  O     . LYS A 1 120 ? -6.796  7.103   10.986  1.00 21.86 ? 127  LYS A O     1 
ATOM   898  C  CB    . LYS A 1 120 ? -7.449  6.456   8.400   1.00 20.95 ? 127  LYS A CB    1 
ATOM   899  C  CG    . LYS A 1 120 ? -7.740  6.254   6.919   1.00 21.77 ? 127  LYS A CG    1 
ATOM   900  C  CD    . LYS A 1 120 ? -9.225  6.285   6.628   1.00 22.02 ? 127  LYS A CD    1 
ATOM   901  C  CE    . LYS A 1 120 ? -9.489  5.947   5.158   1.00 22.36 ? 127  LYS A CE    1 
ATOM   902  N  NZ    . LYS A 1 120 ? -10.946 6.064   4.809   1.00 22.95 ? 127  LYS A NZ    1 
ATOM   903  N  N     . THR A 1 121 ? -4.562  7.056   10.688  1.00 22.15 ? 128  THR A N     1 
ATOM   904  C  CA    . THR A 1 121 ? -4.266  7.158   12.121  1.00 23.09 ? 128  THR A CA    1 
ATOM   905  C  C     . THR A 1 121 ? -4.677  8.507   12.707  1.00 23.47 ? 128  THR A C     1 
ATOM   906  O  O     . THR A 1 121 ? -4.634  8.687   13.924  1.00 23.52 ? 128  THR A O     1 
ATOM   907  C  CB    . THR A 1 121 ? -2.783  6.921   12.455  1.00 23.09 ? 128  THR A CB    1 
ATOM   908  O  OG1   . THR A 1 121 ? -1.972  7.923   11.827  1.00 24.20 ? 128  THR A OG1   1 
ATOM   909  C  CG2   . THR A 1 121 ? -2.317  5.499   12.043  1.00 22.86 ? 128  THR A CG2   1 
ATOM   910  N  N     . ASP A 1 122 ? -5.049  9.449   11.840  1.00 23.77 ? 129  ASP A N     1 
ATOM   911  C  CA    . ASP A 1 122 ? -5.601  10.736  12.279  1.00 24.78 ? 129  ASP A CA    1 
ATOM   912  C  C     . ASP A 1 122 ? -7.004  10.537  12.858  1.00 25.75 ? 129  ASP A C     1 
ATOM   913  O  O     . ASP A 1 122 ? -7.513  11.396  13.583  1.00 25.61 ? 129  ASP A O     1 
ATOM   914  C  CB    . ASP A 1 122 ? -5.671  11.721  11.120  1.00 24.32 ? 129  ASP A CB    1 
ATOM   915  C  CG    . ASP A 1 122 ? -6.513  11.204  9.980   1.00 24.64 ? 129  ASP A CG    1 
ATOM   916  O  OD1   . ASP A 1 122 ? -7.645  11.710  9.798   1.00 23.78 ? 129  ASP A OD1   1 
ATOM   917  O  OD2   . ASP A 1 122 ? -6.059  10.261  9.294   1.00 21.92 ? 129  ASP A OD2   1 
ATOM   918  N  N     . LEU A 1 123 ? -7.626  9.409   12.520  1.00 26.29 ? 130  LEU A N     1 
ATOM   919  C  CA    . LEU A 1 123 ? -8.940  9.060   13.061  1.00 27.33 ? 130  LEU A CA    1 
ATOM   920  C  C     . LEU A 1 123 ? -8.772  8.185   14.306  1.00 28.09 ? 130  LEU A C     1 
ATOM   921  O  O     . LEU A 1 123 ? -9.441  7.163   14.464  1.00 28.19 ? 130  LEU A O     1 
ATOM   922  C  CB    . LEU A 1 123 ? -9.788  8.364   11.989  1.00 27.17 ? 130  LEU A CB    1 
ATOM   923  C  CG    . LEU A 1 123 ? -10.093 9.135   10.697  1.00 26.94 ? 130  LEU A CG    1 
ATOM   924  C  CD1   . LEU A 1 123 ? -10.885 8.272   9.706   1.00 27.07 ? 130  LEU A CD1   1 
ATOM   925  C  CD2   . LEU A 1 123 ? -10.835 10.439  10.985  1.00 28.05 ? 130  LEU A CD2   1 
ATOM   926  N  N     . ALA A 1 124 ? -7.879  8.618   15.195  1.00 29.29 ? 131  ALA A N     1 
ATOM   927  C  CA    . ALA A 1 124 ? -7.457  7.841   16.362  1.00 30.73 ? 131  ALA A CA    1 
ATOM   928  C  C     . ALA A 1 124 ? -8.619  7.486   17.276  1.00 31.85 ? 131  ALA A C     1 
ATOM   929  O  O     . ALA A 1 124 ? -8.596  6.447   17.939  1.00 32.38 ? 131  ALA A O     1 
ATOM   930  C  CB    . ALA A 1 124 ? -6.394  8.595   17.143  1.00 30.46 ? 131  ALA A CB    1 
ATOM   931  N  N     . ASP A 1 125 ? -9.620  8.365   17.293  1.00 33.22 ? 132  ASP A N     1 
ATOM   932  C  CA    . ASP A 1 125 ? -10.824 8.229   18.110  1.00 34.43 ? 132  ASP A CA    1 
ATOM   933  C  C     . ASP A 1 125 ? -11.649 7.031   17.640  1.00 34.51 ? 132  ASP A C     1 
ATOM   934  O  O     . ASP A 1 125 ? -12.356 6.397   18.431  1.00 34.66 ? 132  ASP A O     1 
ATOM   935  C  CB    . ASP A 1 125 ? -11.650 9.520   17.988  1.00 35.09 ? 132  ASP A CB    1 
ATOM   936  C  CG    . ASP A 1 125 ? -12.560 9.765   19.182  1.00 36.72 ? 132  ASP A CG    1 
ATOM   937  O  OD1   . ASP A 1 125 ? -13.265 8.834   19.627  1.00 39.91 ? 132  ASP A OD1   1 
ATOM   938  O  OD2   . ASP A 1 125 ? -12.586 10.913  19.671  1.00 40.63 ? 132  ASP A OD2   1 
ATOM   939  N  N     . LYS A 1 126 ? -11.531 6.712   16.354  1.00 34.08 ? 133  LYS A N     1 
ATOM   940  C  CA    . LYS A 1 126 ? -12.362 5.688   15.733  1.00 33.89 ? 133  LYS A CA    1 
ATOM   941  C  C     . LYS A 1 126 ? -11.608 4.389   15.425  1.00 33.69 ? 133  LYS A C     1 
ATOM   942  O  O     . LYS A 1 126 ? -12.119 3.530   14.700  1.00 33.67 ? 133  LYS A O     1 
ATOM   943  C  CB    . LYS A 1 126 ? -13.005 6.247   14.462  1.00 34.02 ? 133  LYS A CB    1 
ATOM   944  C  CG    . LYS A 1 126 ? -13.778 7.539   14.679  1.00 34.75 ? 133  LYS A CG    1 
ATOM   945  C  CD    . LYS A 1 126 ? -14.470 7.991   13.406  1.00 36.59 ? 133  LYS A CD    1 
ATOM   946  C  CE    . LYS A 1 126 ? -15.503 9.070   13.697  1.00 37.96 ? 133  LYS A CE    1 
ATOM   947  N  NZ    . LYS A 1 126 ? -16.591 8.574   14.590  1.00 39.25 ? 133  LYS A NZ    1 
ATOM   948  N  N     . ARG A 1 127 ? -10.411 4.242   15.992  1.00 33.39 ? 134  ARG A N     1 
ATOM   949  C  CA    . ARG A 1 127 ? -9.572  3.062   15.765  1.00 33.04 ? 134  ARG A CA    1 
ATOM   950  C  C     . ARG A 1 127 ? -10.291 1.754   16.111  1.00 33.17 ? 134  ARG A C     1 
ATOM   951  O  O     . ARG A 1 127 ? -10.888 1.624   17.185  1.00 33.07 ? 134  ARG A O     1 
ATOM   952  C  CB    . ARG A 1 127 ? -8.265  3.175   16.551  1.00 32.85 ? 134  ARG A CB    1 
ATOM   953  C  CG    . ARG A 1 127 ? -7.308  2.015   16.333  1.00 32.64 ? 134  ARG A CG    1 
ATOM   954  C  CD    . ARG A 1 127 ? -6.061  2.117   17.209  1.00 32.49 ? 134  ARG A CD    1 
ATOM   955  N  NE    . ARG A 1 127 ? -5.108  3.107   16.707  1.00 31.37 ? 134  ARG A NE    1 
ATOM   956  C  CZ    . ARG A 1 127 ? -4.165  2.864   15.796  1.00 31.35 ? 134  ARG A CZ    1 
ATOM   957  N  NH1   . ARG A 1 127 ? -4.039  1.653   15.257  1.00 30.98 ? 134  ARG A NH1   1 
ATOM   958  N  NH2   . ARG A 1 127 ? -3.353  3.842   15.414  1.00 29.54 ? 134  ARG A NH2   1 
ATOM   959  N  N     . GLN A 1 128 ? -10.237 0.793   15.191  1.00 32.86 ? 135  GLN A N     1 
ATOM   960  C  CA    . GLN A 1 128 ? -10.824 -0.525  15.423  1.00 32.91 ? 135  GLN A CA    1 
ATOM   961  C  C     . GLN A 1 128 ? -9.771  -1.632  15.379  1.00 32.35 ? 135  GLN A C     1 
ATOM   962  O  O     . GLN A 1 128 ? -10.024 -2.760  15.826  1.00 32.44 ? 135  GLN A O     1 
ATOM   963  C  CB    . GLN A 1 128 ? -11.962 -0.797  14.427  1.00 33.15 ? 135  GLN A CB    1 
ATOM   964  C  CG    . GLN A 1 128 ? -13.158 0.148   14.557  1.00 35.39 ? 135  GLN A CG    1 
ATOM   965  C  CD    . GLN A 1 128 ? -14.003 -0.099  15.796  1.00 37.91 ? 135  GLN A CD    1 
ATOM   966  O  OE1   . GLN A 1 128 ? -14.001 -1.195  16.361  1.00 40.12 ? 135  GLN A OE1   1 
ATOM   967  N  NE2   . GLN A 1 128 ? -14.744 0.921   16.215  1.00 39.21 ? 135  GLN A NE2   1 
ATOM   968  N  N     . VAL A 1 129 ? -8.595  -1.303  14.837  1.00 31.31 ? 136  VAL A N     1 
ATOM   969  C  CA    . VAL A 1 129 ? -7.450  -2.211  14.779  1.00 30.39 ? 136  VAL A CA    1 
ATOM   970  C  C     . VAL A 1 129 ? -6.277  -1.567  15.510  1.00 30.16 ? 136  VAL A C     1 
ATOM   971  O  O     . VAL A 1 129 ? -5.862  -0.463  15.159  1.00 29.70 ? 136  VAL A O     1 
ATOM   972  C  CB    . VAL A 1 129 ? -7.004  -2.504  13.319  1.00 30.16 ? 136  VAL A CB    1 
ATOM   973  C  CG1   . VAL A 1 129 ? -5.905  -3.570  13.295  1.00 29.96 ? 136  VAL A CG1   1 
ATOM   974  C  CG2   . VAL A 1 129 ? -8.177  -2.933  12.469  1.00 29.78 ? 136  VAL A CG2   1 
ATOM   975  N  N     . SER A 1 130 ? -5.740  -2.257  16.513  1.00 29.73 ? 137  SER A N     1 
ATOM   976  C  CA    . SER A 1 130 ? -4.609  -1.725  17.271  1.00 29.85 ? 137  SER A CA    1 
ATOM   977  C  C     . SER A 1 130 ? -3.326  -1.839  16.459  1.00 29.86 ? 137  SER A C     1 
ATOM   978  O  O     . SER A 1 130 ? -3.255  -2.636  15.519  1.00 29.40 ? 137  SER A O     1 
ATOM   979  C  CB    . SER A 1 130 ? -4.447  -2.468  18.595  1.00 29.78 ? 137  SER A CB    1 
ATOM   980  O  OG    . SER A 1 130 ? -3.998  -3.796  18.387  1.00 29.17 ? 137  SER A OG    1 
ATOM   981  N  N     . ILE A 1 131 ? -2.315  -1.051  16.825  1.00 29.99 ? 138  ILE A N     1 
ATOM   982  C  CA    . ILE A 1 131 ? -1.010  -1.145  16.166  1.00 30.48 ? 138  ILE A CA    1 
ATOM   983  C  C     . ILE A 1 131 ? -0.371  -2.511  16.426  1.00 30.39 ? 138  ILE A C     1 
ATOM   984  O  O     . ILE A 1 131 ? 0.358   -3.034  15.583  1.00 30.23 ? 138  ILE A O     1 
ATOM   985  C  CB    . ILE A 1 131 ? -0.053  0.043   16.543  1.00 30.84 ? 138  ILE A CB    1 
ATOM   986  C  CG1   . ILE A 1 131 ? 1.123   0.130   15.557  1.00 31.00 ? 138  ILE A CG1   1 
ATOM   987  C  CG2   . ILE A 1 131 ? 0.430   -0.058  17.986  1.00 31.26 ? 138  ILE A CG2   1 
ATOM   988  C  CD1   . ILE A 1 131 ? 1.769   1.497   15.466  1.00 32.19 ? 138  ILE A CD1   1 
ATOM   989  N  N     . GLU A 1 132 ? -0.670  -3.092  17.588  1.00 30.55 ? 139  GLU A N     1 
ATOM   990  C  CA    . GLU A 1 132 ? -0.145  -4.409  17.949  1.00 30.73 ? 139  GLU A CA    1 
ATOM   991  C  C     . GLU A 1 132 ? -0.742  -5.512  17.066  1.00 30.39 ? 139  GLU A C     1 
ATOM   992  O  O     . GLU A 1 132 ? -0.016  -6.404  16.616  1.00 29.82 ? 139  GLU A O     1 
ATOM   993  C  CB    . GLU A 1 132 ? -0.372  -4.704  19.433  1.00 31.20 ? 139  GLU A CB    1 
ATOM   994  C  CG    . GLU A 1 132 ? 0.518   -3.880  20.376  1.00 32.88 ? 139  GLU A CG    1 
ATOM   995  C  CD    . GLU A 1 132 ? -0.028  -2.486  20.679  1.00 35.73 ? 139  GLU A CD    1 
ATOM   996  O  OE1   . GLU A 1 132 ? -1.180  -2.179  20.297  1.00 36.22 ? 139  GLU A OE1   1 
ATOM   997  O  OE2   . GLU A 1 132 ? 0.702   -1.691  21.322  1.00 37.89 ? 139  GLU A OE2   1 
ATOM   998  N  N     . GLU A 1 133 ? -2.047  -5.433  16.809  1.00 30.26 ? 140  GLU A N     1 
ATOM   999  C  CA    . GLU A 1 133 ? -2.715  -6.361  15.891  1.00 30.43 ? 140  GLU A CA    1 
ATOM   1000 C  C     . GLU A 1 133 ? -2.115  -6.260  14.487  1.00 30.08 ? 140  GLU A C     1 
ATOM   1001 O  O     . GLU A 1 133 ? -1.882  -7.278  13.822  1.00 29.50 ? 140  GLU A O     1 
ATOM   1002 C  CB    . GLU A 1 133 ? -4.221  -6.093  15.842  1.00 30.73 ? 140  GLU A CB    1 
ATOM   1003 C  CG    . GLU A 1 133 ? -5.020  -6.805  16.942  1.00 31.72 ? 140  GLU A CG    1 
ATOM   1004 C  CD    . GLU A 1 133 ? -6.420  -6.229  17.158  1.00 32.00 ? 140  GLU A CD    1 
ATOM   1005 O  OE1   . GLU A 1 133 ? -6.768  -5.194  16.551  1.00 33.38 ? 140  GLU A OE1   1 
ATOM   1006 O  OE2   . GLU A 1 133 ? -7.180  -6.815  17.963  1.00 35.61 ? 140  GLU A OE2   1 
ATOM   1007 N  N     . GLY A 1 134 ? -1.854  -5.027  14.053  1.00 29.42 ? 141  GLY A N     1 
ATOM   1008 C  CA    . GLY A 1 134 ? -1.208  -4.782  12.765  1.00 28.82 ? 141  GLY A CA    1 
ATOM   1009 C  C     . GLY A 1 134 ? 0.191   -5.368  12.709  1.00 28.84 ? 141  GLY A C     1 
ATOM   1010 O  O     . GLY A 1 134 ? 0.528   -6.086  11.767  1.00 28.13 ? 141  GLY A O     1 
ATOM   1011 N  N     . GLU A 1 135 ? 0.999   -5.076  13.727  1.00 28.42 ? 142  GLU A N     1 
ATOM   1012 C  CA    . GLU A 1 135 ? 2.362   -5.596  13.805  1.00 29.11 ? 142  GLU A CA    1 
ATOM   1013 C  C     . GLU A 1 135 ? 2.367   -7.126  13.798  1.00 28.83 ? 142  GLU A C     1 
ATOM   1014 O  O     . GLU A 1 135 ? 3.158   -7.754  13.085  1.00 28.48 ? 142  GLU A O     1 
ATOM   1015 C  CB    . GLU A 1 135 ? 3.083   -5.042  15.042  1.00 29.21 ? 142  GLU A CB    1 
ATOM   1016 C  CG    . GLU A 1 135 ? 3.576   -3.607  14.859  1.00 31.72 ? 142  GLU A CG    1 
ATOM   1017 C  CD    . GLU A 1 135 ? 3.815   -2.852  16.160  1.00 35.17 ? 142  GLU A CD    1 
ATOM   1018 O  OE1   . GLU A 1 135 ? 3.425   -3.340  17.246  1.00 37.08 ? 142  GLU A OE1   1 
ATOM   1019 O  OE2   . GLU A 1 135 ? 4.382   -1.737  16.085  1.00 37.07 ? 142  GLU A OE2   1 
ATOM   1020 N  N     . ARG A 1 136 ? 1.460   -7.707  14.581  1.00 28.97 ? 143  ARG A N     1 
ATOM   1021 C  CA    . ARG A 1 136 ? 1.341   -9.158  14.723  1.00 29.15 ? 143  ARG A CA    1 
ATOM   1022 C  C     . ARG A 1 136 ? 1.063   -9.816  13.379  1.00 28.37 ? 143  ARG A C     1 
ATOM   1023 O  O     . ARG A 1 136 ? 1.716   -10.796 13.021  1.00 28.20 ? 143  ARG A O     1 
ATOM   1024 C  CB    . ARG A 1 136 ? 0.229   -9.493  15.714  1.00 29.24 ? 143  ARG A CB    1 
ATOM   1025 C  CG    . ARG A 1 136 ? 0.082   -10.974 16.044  1.00 30.72 ? 143  ARG A CG    1 
ATOM   1026 C  CD    . ARG A 1 136 ? -1.078  -11.225 17.018  1.00 31.20 ? 143  ARG A CD    1 
ATOM   1027 N  NE    . ARG A 1 136 ? -1.141  -10.249 18.109  1.00 36.51 ? 143  ARG A NE    1 
ATOM   1028 C  CZ    . ARG A 1 136 ? -2.246  -9.598  18.480  1.00 37.68 ? 143  ARG A CZ    1 
ATOM   1029 N  NH1   . ARG A 1 136 ? -3.401  -9.830  17.866  1.00 40.37 ? 143  ARG A NH1   1 
ATOM   1030 N  NH2   . ARG A 1 136 ? -2.201  -8.721  19.476  1.00 38.63 ? 143  ARG A NH2   1 
ATOM   1031 N  N     . LYS A 1 137 ? 0.103   -9.264  12.638  1.00 27.89 ? 144  LYS A N     1 
ATOM   1032 C  CA    . LYS A 1 137 ? -0.247  -9.807  11.327  1.00 27.75 ? 144  LYS A CA    1 
ATOM   1033 C  C     . LYS A 1 137 ? 0.945   -9.730  10.375  1.00 27.09 ? 144  LYS A C     1 
ATOM   1034 O  O     . LYS A 1 137 ? 1.227   -10.689 9.665   1.00 27.01 ? 144  LYS A O     1 
ATOM   1035 C  CB    . LYS A 1 137 ? -1.477  -9.117  10.728  1.00 27.39 ? 144  LYS A CB    1 
ATOM   1036 C  CG    . LYS A 1 137 ? -1.826  -9.634  9.324   1.00 27.78 ? 144  LYS A CG    1 
ATOM   1037 C  CD    . LYS A 1 137 ? -3.126  -9.073  8.797   1.00 28.85 ? 144  LYS A CD    1 
ATOM   1038 C  CE    . LYS A 1 137 ? -4.328  -9.824  9.339   1.00 30.67 ? 144  LYS A CE    1 
ATOM   1039 N  NZ    . LYS A 1 137 ? -5.533  -9.495  8.531   1.00 32.54 ? 144  LYS A NZ    1 
ATOM   1040 N  N     . ALA A 1 138 ? 1.641   -8.591  10.367  1.00 27.18 ? 145  ALA A N     1 
ATOM   1041 C  CA    . ALA A 1 138 ? 2.822   -8.424  9.522   1.00 26.97 ? 145  ALA A CA    1 
ATOM   1042 C  C     . ALA A 1 138 ? 3.887   -9.487  9.807   1.00 27.24 ? 145  ALA A C     1 
ATOM   1043 O  O     . ALA A 1 138 ? 4.441   -10.074 8.886   1.00 26.57 ? 145  ALA A O     1 
ATOM   1044 C  CB    . ALA A 1 138 ? 3.409   -7.031  9.674   1.00 27.08 ? 145  ALA A CB    1 
ATOM   1045 N  N     . LYS A 1 139 ? 4.165   -9.723  11.088  1.00 27.72 ? 146  LYS A N     1 
ATOM   1046 C  CA    . LYS A 1 139 ? 5.145   -10.732 11.486  1.00 28.53 ? 146  LYS A CA    1 
ATOM   1047 C  C     . LYS A 1 139 ? 4.696   -12.137 11.069  1.00 28.87 ? 146  LYS A C     1 
ATOM   1048 O  O     . LYS A 1 139 ? 5.494   -12.914 10.536  1.00 29.29 ? 146  LYS A O     1 
ATOM   1049 C  CB    . LYS A 1 139 ? 5.411   -10.662 12.992  1.00 28.93 ? 146  LYS A CB    1 
ATOM   1050 N  N     . GLU A 1 140 ? 3.418   -12.446 11.292  1.00 29.19 ? 147  GLU A N     1 
ATOM   1051 C  CA    . GLU A 1 140 ? 2.849   -13.748 10.919  1.00 29.53 ? 147  GLU A CA    1 
ATOM   1052 C  C     . GLU A 1 140 ? 2.970   -13.997 9.425   1.00 28.88 ? 147  GLU A C     1 
ATOM   1053 O  O     . GLU A 1 140 ? 3.300   -15.107 9.004   1.00 29.18 ? 147  GLU A O     1 
ATOM   1054 C  CB    . GLU A 1 140 ? 1.378   -13.851 11.319  1.00 29.57 ? 147  GLU A CB    1 
ATOM   1055 C  CG    . GLU A 1 140 ? 1.130   -14.009 12.807  1.00 31.15 ? 147  GLU A CG    1 
ATOM   1056 C  CD    . GLU A 1 140 ? -0.336  -13.835 13.179  1.00 31.68 ? 147  GLU A CD    1 
ATOM   1057 O  OE1   . GLU A 1 140 ? -1.161  -13.519 12.288  1.00 34.52 ? 147  GLU A OE1   1 
ATOM   1058 O  OE2   . GLU A 1 140 ? -0.662  -14.000 14.372  1.00 35.46 ? 147  GLU A OE2   1 
ATOM   1059 N  N     . LEU A 1 141 ? 2.714   -12.949 8.640   1.00 27.79 ? 148  LEU A N     1 
ATOM   1060 C  CA    . LEU A 1 141 ? 2.745   -13.019 7.179   1.00 26.97 ? 148  LEU A CA    1 
ATOM   1061 C  C     . LEU A 1 141 ? 4.109   -12.666 6.583   1.00 25.97 ? 148  LEU A C     1 
ATOM   1062 O  O     . LEU A 1 141 ? 4.271   -12.612 5.355   1.00 25.60 ? 148  LEU A O     1 
ATOM   1063 C  CB    . LEU A 1 141 ? 1.631   -12.140 6.585   1.00 26.61 ? 148  LEU A CB    1 
ATOM   1064 C  CG    . LEU A 1 141 ? 0.190   -12.584 6.880   1.00 27.70 ? 148  LEU A CG    1 
ATOM   1065 C  CD1   . LEU A 1 141 ? -0.838  -11.614 6.298   1.00 27.31 ? 148  LEU A CD1   1 
ATOM   1066 C  CD2   . LEU A 1 141 ? -0.069  -14.012 6.372   1.00 28.50 ? 148  LEU A CD2   1 
ATOM   1067 N  N     . ASN A 1 142 ? 5.091   -12.441 7.460   1.00 25.53 ? 149  ASN A N     1 
ATOM   1068 C  CA    . ASN A 1 142 ? 6.456   -12.104 7.051   1.00 25.27 ? 149  ASN A CA    1 
ATOM   1069 C  C     . ASN A 1 142 ? 6.520   -10.922 6.101   1.00 24.26 ? 149  ASN A C     1 
ATOM   1070 O  O     . ASN A 1 142 ? 7.142   -10.991 5.046   1.00 24.06 ? 149  ASN A O     1 
ATOM   1071 C  CB    . ASN A 1 142 ? 7.139   -13.314 6.414   1.00 25.72 ? 149  ASN A CB    1 
ATOM   1072 C  CG    . ASN A 1 142 ? 7.507   -14.348 7.421   1.00 27.32 ? 149  ASN A CG    1 
ATOM   1073 O  OD1   . ASN A 1 142 ? 8.408   -14.135 8.234   1.00 30.78 ? 149  ASN A OD1   1 
ATOM   1074 N  ND2   . ASN A 1 142 ? 6.823   -15.483 7.380   1.00 26.86 ? 149  ASN A ND2   1 
ATOM   1075 N  N     . VAL A 1 143 ? 5.858   -9.835  6.481   1.00 23.75 ? 150  VAL A N     1 
ATOM   1076 C  CA    . VAL A 1 143 ? 5.891   -8.615  5.691   1.00 22.98 ? 150  VAL A CA    1 
ATOM   1077 C  C     . VAL A 1 143 ? 6.290   -7.435  6.580   1.00 22.79 ? 150  VAL A C     1 
ATOM   1078 O  O     . VAL A 1 143 ? 6.325   -7.547  7.811   1.00 22.45 ? 150  VAL A O     1 
ATOM   1079 C  CB    . VAL A 1 143 ? 4.526   -8.367  4.967   1.00 22.89 ? 150  VAL A CB    1 
ATOM   1080 C  CG1   . VAL A 1 143 ? 4.155   -9.571  4.100   1.00 22.33 ? 150  VAL A CG1   1 
ATOM   1081 C  CG2   . VAL A 1 143 ? 3.413   -8.089  5.956   1.00 23.12 ? 150  VAL A CG2   1 
ATOM   1082 N  N     . MET A 1 144 ? 6.628   -6.316  5.961   1.00 22.50 ? 151  MET A N     1 
ATOM   1083 C  CA    . MET A 1 144 ? 6.897   -5.112  6.733   1.00 23.19 ? 151  MET A CA    1 
ATOM   1084 C  C     . MET A 1 144 ? 5.597   -4.436  7.154   1.00 21.50 ? 151  MET A C     1 
ATOM   1085 O  O     . MET A 1 144 ? 4.523   -4.723  6.615   1.00 21.41 ? 151  MET A O     1 
ATOM   1086 C  CB    . MET A 1 144 ? 7.809   -4.158  5.961   1.00 22.86 ? 151  MET A CB    1 
ATOM   1087 C  CG    . MET A 1 144 ? 9.272   -4.600  5.986   1.00 23.78 ? 151  MET A CG    1 
ATOM   1088 S  SD    . MET A 1 144 ? 10.363  -3.450  5.157   1.00 28.39 ? 151  MET A SD    1 
ATOM   1089 C  CE    . MET A 1 144 ? 9.507   -3.360  3.586   1.00 13.84 ? 151  MET A CE    1 
ATOM   1090 N  N     . PHE A 1 145 ? 5.702   -3.546  8.136   1.00 20.33 ? 152  PHE A N     1 
ATOM   1091 C  CA    . PHE A 1 145 ? 4.527   -2.888  8.681   1.00 19.28 ? 152  PHE A CA    1 
ATOM   1092 C  C     . PHE A 1 145 ? 4.804   -1.440  8.991   1.00 19.30 ? 152  PHE A C     1 
ATOM   1093 O  O     . PHE A 1 145 ? 5.897   -1.094  9.447   1.00 18.60 ? 152  PHE A O     1 
ATOM   1094 C  CB    . PHE A 1 145 ? 4.066   -3.572  9.969   1.00 19.46 ? 152  PHE A CB    1 
ATOM   1095 C  CG    . PHE A 1 145 ? 2.838   -2.948  10.572  1.00 19.05 ? 152  PHE A CG    1 
ATOM   1096 C  CD1   . PHE A 1 145 ? 1.590   -3.145  9.994   1.00 19.21 ? 152  PHE A CD1   1 
ATOM   1097 C  CD2   . PHE A 1 145 ? 2.930   -2.132  11.696  1.00 19.66 ? 152  PHE A CD2   1 
ATOM   1098 C  CE1   . PHE A 1 145 ? 0.452   -2.562  10.534  1.00 20.23 ? 152  PHE A CE1   1 
ATOM   1099 C  CE2   . PHE A 1 145 ? 1.789   -1.539  12.245  1.00 18.88 ? 152  PHE A CE2   1 
ATOM   1100 C  CZ    . PHE A 1 145 ? 0.557   -1.749  11.668  1.00 19.10 ? 152  PHE A CZ    1 
ATOM   1101 N  N     . ILE A 1 146 ? 3.776   -0.624  8.779   1.00 18.89 ? 153  ILE A N     1 
ATOM   1102 C  CA    . ILE A 1 146 ? 3.795   0.791   9.104   1.00 19.05 ? 153  ILE A CA    1 
ATOM   1103 C  C     . ILE A 1 146 ? 2.361   1.285   9.271   1.00 19.02 ? 153  ILE A C     1 
ATOM   1104 O  O     . ILE A 1 146 ? 1.429   0.758   8.642   1.00 19.59 ? 153  ILE A O     1 
ATOM   1105 C  CB    . ILE A 1 146 ? 4.545   1.615   8.016   1.00 18.53 ? 153  ILE A CB    1 
ATOM   1106 C  CG1   . ILE A 1 146 ? 4.965   2.986   8.569   1.00 18.58 ? 153  ILE A CG1   1 
ATOM   1107 C  CG2   . ILE A 1 146 ? 3.709   1.729   6.722   1.00 18.82 ? 153  ILE A CG2   1 
ATOM   1108 C  CD1   . ILE A 1 146 ? 5.983   3.741   7.694   1.00 18.66 ? 153  ILE A CD1   1 
ATOM   1109 N  N     . GLU A 1 147 ? 2.178   2.276   10.138  1.00 19.25 ? 154  GLU A N     1 
ATOM   1110 C  CA    . GLU A 1 147 ? 0.920   3.005   10.199  1.00 18.77 ? 154  GLU A CA    1 
ATOM   1111 C  C     . GLU A 1 147 ? 1.132   4.408   9.656   1.00 18.31 ? 154  GLU A C     1 
ATOM   1112 O  O     . GLU A 1 147 ? 2.199   5.014   9.865   1.00 17.69 ? 154  GLU A O     1 
ATOM   1113 C  CB    . GLU A 1 147 ? 0.363   3.050   11.621  1.00 19.61 ? 154  GLU A CB    1 
ATOM   1114 C  CG    . GLU A 1 147 ? -0.219  1.733   12.109  1.00 21.07 ? 154  GLU A CG    1 
ATOM   1115 C  CD    . GLU A 1 147 ? -1.113  1.898   13.325  1.00 25.19 ? 154  GLU A CD    1 
ATOM   1116 O  OE1   . GLU A 1 147 ? -1.040  2.971   13.969  1.00 25.84 ? 154  GLU A OE1   1 
ATOM   1117 O  OE2   . GLU A 1 147 ? -1.894  0.960   13.625  1.00 24.88 ? 154  GLU A OE2   1 
ATOM   1118 N  N     . THR A 1 148 ? 0.114   4.901   8.949   1.00 17.90 ? 155  THR A N     1 
ATOM   1119 C  CA    . THR A 1 148 ? 0.168   6.167   8.224   1.00 17.57 ? 155  THR A CA    1 
ATOM   1120 C  C     . THR A 1 148 ? -1.100  6.996   8.416   1.00 17.44 ? 155  THR A C     1 
ATOM   1121 O  O     . THR A 1 148 ? -2.144  6.463   8.783   1.00 17.93 ? 155  THR A O     1 
ATOM   1122 C  CB    . THR A 1 148 ? 0.278   5.929   6.700   1.00 17.65 ? 155  THR A CB    1 
ATOM   1123 O  OG1   . THR A 1 148 ? -0.849  5.164   6.258   1.00 16.40 ? 155  THR A OG1   1 
ATOM   1124 C  CG2   . THR A 1 148 ? 1.590   5.214   6.332   1.00 17.94 ? 155  THR A CG2   1 
ATOM   1125 N  N     . SER A 1 149 ? -0.998  8.297   8.153   1.00 17.44 ? 156  SER A N     1 
ATOM   1126 C  CA    . SER A 1 149 ? -2.165  9.131   7.854   1.00 17.94 ? 156  SER A CA    1 
ATOM   1127 C  C     . SER A 1 149 ? -1.922  9.899   6.571   1.00 18.06 ? 156  SER A C     1 
ATOM   1128 O  O     . SER A 1 149 ? -1.104  10.818  6.542   1.00 18.74 ? 156  SER A O     1 
ATOM   1129 C  CB    . SER A 1 149 ? -2.486  10.110  8.996   1.00 18.06 ? 156  SER A CB    1 
ATOM   1130 O  OG    . SER A 1 149 ? -3.450  11.066  8.555   1.00 17.13 ? 156  SER A OG    1 
ATOM   1131 N  N     . ALA A 1 150 ? -2.612  9.522   5.496   1.00 18.91 ? 157  ALA A N     1 
ATOM   1132 C  CA    . ALA A 1 150 ? -2.505  10.283  4.256   1.00 18.81 ? 157  ALA A CA    1 
ATOM   1133 C  C     . ALA A 1 150 ? -3.008  11.710  4.485   1.00 19.37 ? 157  ALA A C     1 
ATOM   1134 O  O     . ALA A 1 150 ? -2.475  12.661  3.914   1.00 19.39 ? 157  ALA A O     1 
ATOM   1135 C  CB    . ALA A 1 150 ? -3.283  9.604   3.120   1.00 18.90 ? 157  ALA A CB    1 
ATOM   1136 N  N     . LYS A 1 151 ? -4.016  11.851  5.346   1.00 19.49 ? 158  LYS A N     1 
ATOM   1137 C  CA    . LYS A 1 151 ? -4.617  13.158  5.615   1.00 19.80 ? 158  LYS A CA    1 
ATOM   1138 C  C     . LYS A 1 151 ? -3.646  14.106  6.304   1.00 19.52 ? 158  LYS A C     1 
ATOM   1139 O  O     . LYS A 1 151 ? -3.543  15.271  5.920   1.00 20.14 ? 158  LYS A O     1 
ATOM   1140 C  CB    . LYS A 1 151 ? -5.887  13.018  6.458   1.00 19.90 ? 158  LYS A CB    1 
ATOM   1141 C  CG    . LYS A 1 151 ? -6.538  14.361  6.809   1.00 21.55 ? 158  LYS A CG    1 
ATOM   1142 C  CD    . LYS A 1 151 ? -7.978  14.196  7.257   1.00 25.29 ? 158  LYS A CD    1 
ATOM   1143 C  CE    . LYS A 1 151 ? -8.541  15.531  7.746   1.00 27.31 ? 158  LYS A CE    1 
ATOM   1144 N  NZ    . LYS A 1 151 ? -9.917  15.405  8.300   1.00 29.70 ? 158  LYS A NZ    1 
ATOM   1145 N  N     . ALA A 1 152 ? -2.964  13.612  7.329   1.00 19.91 ? 159  ALA A N     1 
ATOM   1146 C  CA    . ALA A 1 152 ? -2.002  14.424  8.080   1.00 19.90 ? 159  ALA A CA    1 
ATOM   1147 C  C     . ALA A 1 152 ? -0.622  14.474  7.422   1.00 19.98 ? 159  ALA A C     1 
ATOM   1148 O  O     . ALA A 1 152 ? 0.144   15.427  7.620   1.00 19.85 ? 159  ALA A O     1 
ATOM   1149 C  CB    . ALA A 1 152 ? -1.884  13.919  9.486   1.00 20.40 ? 159  ALA A CB    1 
ATOM   1150 N  N     . GLY A 1 153 ? -0.311  13.445  6.638   1.00 19.50 ? 160  GLY A N     1 
ATOM   1151 C  CA    . GLY A 1 153 ? 1.018   13.291  6.047   1.00 19.16 ? 160  GLY A CA    1 
ATOM   1152 C  C     . GLY A 1 153 ? 1.910   12.353  6.849   1.00 19.15 ? 160  GLY A C     1 
ATOM   1153 O  O     . GLY A 1 153 ? 2.992   11.990  6.400   1.00 19.53 ? 160  GLY A O     1 
ATOM   1154 N  N     . TYR A 1 154 ? 1.444   11.950  8.032   1.00 18.52 ? 161  TYR A N     1 
ATOM   1155 C  CA    . TYR A 1 154 ? 2.241   11.150  8.952   1.00 17.74 ? 161  TYR A CA    1 
ATOM   1156 C  C     . TYR A 1 154 ? 2.701   9.821   8.346   1.00 17.13 ? 161  TYR A C     1 
ATOM   1157 O  O     . TYR A 1 154 ? 1.879   9.029   7.884   1.00 17.37 ? 161  TYR A O     1 
ATOM   1158 C  CB    . TYR A 1 154 ? 1.461   10.874  10.239  1.00 18.15 ? 161  TYR A CB    1 
ATOM   1159 C  CG    . TYR A 1 154 ? 2.190   9.921   11.157  1.00 18.09 ? 161  TYR A CG    1 
ATOM   1160 C  CD1   . TYR A 1 154 ? 3.313   10.336  11.875  1.00 18.35 ? 161  TYR A CD1   1 
ATOM   1161 C  CD2   . TYR A 1 154 ? 1.755   8.608   11.301  1.00 18.01 ? 161  TYR A CD2   1 
ATOM   1162 C  CE1   . TYR A 1 154 ? 3.984   9.470   12.713  1.00 19.41 ? 161  TYR A CE1   1 
ATOM   1163 C  CE2   . TYR A 1 154 ? 2.426   7.721   12.127  1.00 19.47 ? 161  TYR A CE2   1 
ATOM   1164 C  CZ    . TYR A 1 154 ? 3.532   8.161   12.835  1.00 18.95 ? 161  TYR A CZ    1 
ATOM   1165 O  OH    . TYR A 1 154 ? 4.194   7.299   13.660  1.00 20.65 ? 161  TYR A OH    1 
ATOM   1166 N  N     . ASN A 1 155 ? 4.016   9.605   8.361   1.00 16.66 ? 162  ASN A N     1 
ATOM   1167 C  CA    . ASN A 1 155 ? 4.658   8.359   7.920   1.00 16.45 ? 162  ASN A CA    1 
ATOM   1168 C  C     . ASN A 1 155 ? 4.537   8.024   6.429   1.00 16.34 ? 162  ASN A C     1 
ATOM   1169 O  O     . ASN A 1 155 ? 4.917   6.920   6.022   1.00 16.16 ? 162  ASN A O     1 
ATOM   1170 C  CB    . ASN A 1 155 ? 4.193   7.148   8.753   1.00 16.61 ? 162  ASN A CB    1 
ATOM   1171 C  CG    . ASN A 1 155 ? 5.200   6.734   9.834   1.00 17.24 ? 162  ASN A CG    1 
ATOM   1172 O  OD1   . ASN A 1 155 ? 4.914   5.851   10.649  1.00 20.08 ? 162  ASN A OD1   1 
ATOM   1173 N  ND2   . ASN A 1 155 ? 6.372   7.345   9.830   1.00 15.33 ? 162  ASN A ND2   1 
ATOM   1174 N  N     . VAL A 1 156 ? 4.043   8.964   5.626   1.00 15.03 ? 163  VAL A N     1 
ATOM   1175 C  CA    . VAL A 1 156 ? 3.875   8.691   4.191   1.00 15.48 ? 163  VAL A CA    1 
ATOM   1176 C  C     . VAL A 1 156 ? 5.236   8.649   3.483   1.00 15.20 ? 163  VAL A C     1 
ATOM   1177 O  O     . VAL A 1 156 ? 5.523   7.712   2.728   1.00 14.70 ? 163  VAL A O     1 
ATOM   1178 C  CB    . VAL A 1 156 ? 2.888   9.688   3.523   1.00 15.46 ? 163  VAL A CB    1 
ATOM   1179 C  CG1   . VAL A 1 156 ? 2.741   9.397   2.051   1.00 15.86 ? 163  VAL A CG1   1 
ATOM   1180 C  CG2   . VAL A 1 156 ? 1.520   9.614   4.195   1.00 15.47 ? 163  VAL A CG2   1 
ATOM   1181 N  N     . LYS A 1 157 ? 6.089   9.638   3.746   1.00 15.56 ? 164  LYS A N     1 
ATOM   1182 C  CA    . LYS A 1 157 ? 7.424   9.632   3.144   1.00 16.22 ? 164  LYS A CA    1 
ATOM   1183 C  C     . LYS A 1 157 ? 8.172   8.375   3.601   1.00 16.50 ? 164  LYS A C     1 
ATOM   1184 O  O     . LYS A 1 157 ? 8.848   7.717   2.812   1.00 16.75 ? 164  LYS A O     1 
ATOM   1185 C  CB    . LYS A 1 157 ? 8.181   10.910  3.514   1.00 16.66 ? 164  LYS A CB    1 
ATOM   1186 C  CG    . LYS A 1 157 ? 9.442   11.158  2.715   1.00 17.33 ? 164  LYS A CG    1 
ATOM   1187 C  CD    . LYS A 1 157 ? 10.023  12.516  3.066   1.00 20.77 ? 164  LYS A CD    1 
ATOM   1188 C  CE    . LYS A 1 157 ? 11.324  12.778  2.328   1.00 22.73 ? 164  LYS A CE    1 
ATOM   1189 N  NZ    . LYS A 1 157 ? 11.121  13.077  0.882   1.00 22.59 ? 164  LYS A NZ    1 
ATOM   1190 N  N     . GLN A 1 158 ? 7.993   8.035   4.875   1.00 16.39 ? 165  GLN A N     1 
ATOM   1191 C  CA    . GLN A 1 158 ? 8.653   6.888   5.494   1.00 16.76 ? 165  GLN A CA    1 
ATOM   1192 C  C     . GLN A 1 158 ? 8.211   5.575   4.853   1.00 16.25 ? 165  GLN A C     1 
ATOM   1193 O  O     . GLN A 1 158 ? 9.026   4.695   4.626   1.00 16.28 ? 165  GLN A O     1 
ATOM   1194 C  CB    . GLN A 1 158 ? 8.386   6.883   7.000   1.00 17.12 ? 165  GLN A CB    1 
ATOM   1195 C  CG    . GLN A 1 158 ? 9.142   8.014   7.754   1.00 19.10 ? 165  GLN A CG    1 
ATOM   1196 C  CD    . GLN A 1 158 ? 8.499   9.415   7.634   1.00 22.71 ? 165  GLN A CD    1 
ATOM   1197 O  OE1   . GLN A 1 158 ? 7.410   9.588   7.084   1.00 19.09 ? 165  GLN A OE1   1 
ATOM   1198 N  NE2   . GLN A 1 158 ? 9.190   10.421  8.175   1.00 25.92 ? 165  GLN A NE2   1 
ATOM   1199 N  N     . LEU A 1 159 ? 6.917   5.458   4.583   1.00 15.55 ? 166  LEU A N     1 
ATOM   1200 C  CA    . LEU A 1 159 ? 6.368   4.304   3.884   1.00 14.62 ? 166  LEU A CA    1 
ATOM   1201 C  C     . LEU A 1 159 ? 7.153   4.054   2.593   1.00 14.31 ? 166  LEU A C     1 
ATOM   1202 O  O     . LEU A 1 159 ? 7.702   2.979   2.378   1.00 13.61 ? 166  LEU A O     1 
ATOM   1203 C  CB    . LEU A 1 159 ? 4.890   4.559   3.567   1.00 14.79 ? 166  LEU A CB    1 
ATOM   1204 C  CG    . LEU A 1 159 ? 4.177   3.664   2.536   1.00 14.19 ? 166  LEU A CG    1 
ATOM   1205 C  CD1   . LEU A 1 159 ? 4.295   2.196   2.891   1.00 15.69 ? 166  LEU A CD1   1 
ATOM   1206 C  CD2   . LEU A 1 159 ? 2.736   4.057   2.449   1.00 15.44 ? 166  LEU A CD2   1 
ATOM   1207 N  N     . PHE A 1 160 ? 7.226   5.072   1.751   1.00 13.91 ? 167  PHE A N     1 
ATOM   1208 C  CA    . PHE A 1 160 ? 7.856   4.895   0.450   1.00 14.28 ? 167  PHE A CA    1 
ATOM   1209 C  C     . PHE A 1 160 ? 9.354   4.683   0.576   1.00 14.31 ? 167  PHE A C     1 
ATOM   1210 O  O     . PHE A 1 160 ? 9.946   3.876   -0.138  1.00 14.22 ? 167  PHE A O     1 
ATOM   1211 C  CB    . PHE A 1 160 ? 7.522   6.072   -0.448  1.00 14.37 ? 167  PHE A CB    1 
ATOM   1212 C  CG    . PHE A 1 160 ? 6.162   5.972   -1.042  1.00 13.88 ? 167  PHE A CG    1 
ATOM   1213 C  CD1   . PHE A 1 160 ? 5.055   6.411   -0.330  1.00 14.05 ? 167  PHE A CD1   1 
ATOM   1214 C  CD2   . PHE A 1 160 ? 5.980   5.400   -2.294  1.00 14.94 ? 167  PHE A CD2   1 
ATOM   1215 C  CE1   . PHE A 1 160 ? 3.772   6.299   -0.863  1.00 15.39 ? 167  PHE A CE1   1 
ATOM   1216 C  CE2   . PHE A 1 160 ? 4.699   5.293   -2.832  1.00 13.96 ? 167  PHE A CE2   1 
ATOM   1217 C  CZ    . PHE A 1 160 ? 3.605   5.743   -2.114  1.00 14.57 ? 167  PHE A CZ    1 
ATOM   1218 N  N     . ARG A 1 161 ? 9.966   5.396   1.508   1.00 15.03 ? 168  ARG A N     1 
ATOM   1219 C  CA    . ARG A 1 161 ? 11.395  5.252   1.726   1.00 15.54 ? 168  ARG A CA    1 
ATOM   1220 C  C     . ARG A 1 161 ? 11.768  3.845   2.223   1.00 15.32 ? 168  ARG A C     1 
ATOM   1221 O  O     . ARG A 1 161 ? 12.765  3.273   1.774   1.00 15.47 ? 168  ARG A O     1 
ATOM   1222 C  CB    . ARG A 1 161 ? 11.909  6.345   2.675   1.00 16.29 ? 168  ARG A CB    1 
ATOM   1223 C  CG    . ARG A 1 161 ? 11.933  7.742   2.034   1.00 19.22 ? 168  ARG A CG    1 
ATOM   1224 C  CD    . ARG A 1 161 ? 13.150  7.993   1.126   1.00 23.31 ? 168  ARG A CD    1 
ATOM   1225 N  NE    . ARG A 1 161 ? 12.923  9.109   0.202   1.00 26.92 ? 168  ARG A NE    1 
ATOM   1226 C  CZ    . ARG A 1 161 ? 13.859  9.678   -0.560  1.00 28.83 ? 168  ARG A CZ    1 
ATOM   1227 N  NH1   . ARG A 1 161 ? 15.117  9.258   -0.520  1.00 30.08 ? 168  ARG A NH1   1 
ATOM   1228 N  NH2   . ARG A 1 161 ? 13.536  10.674  -1.373  1.00 30.01 ? 168  ARG A NH2   1 
ATOM   1229 N  N     . ARG A 1 162 ? 10.972  3.287   3.129   1.00 14.78 ? 169  ARG A N     1 
ATOM   1230 C  CA    . ARG A 1 162 ? 11.236  1.941   3.640   1.00 14.95 ? 169  ARG A CA    1 
ATOM   1231 C  C     . ARG A 1 162 ? 11.030  0.880   2.570   1.00 15.10 ? 169  ARG A C     1 
ATOM   1232 O  O     . ARG A 1 162 ? 11.823  -0.060  2.453   1.00 15.18 ? 169  ARG A O     1 
ATOM   1233 C  CB    . ARG A 1 162 ? 10.371  1.645   4.859   1.00 15.36 ? 169  ARG A CB    1 
ATOM   1234 C  CG    . ARG A 1 162 ? 10.801  2.420   6.086   1.00 17.13 ? 169  ARG A CG    1 
ATOM   1235 C  CD    . ARG A 1 162 ? 9.887   2.087   7.245   1.00 18.45 ? 169  ARG A CD    1 
ATOM   1236 N  NE    . ARG A 1 162 ? 9.961   0.650   7.533   1.00 21.82 ? 169  ARG A NE    1 
ATOM   1237 C  CZ    . ARG A 1 162 ? 9.027   -0.044  8.180   1.00 21.03 ? 169  ARG A CZ    1 
ATOM   1238 N  NH1   . ARG A 1 162 ? 7.943   0.557   8.631   1.00 22.86 ? 169  ARG A NH1   1 
ATOM   1239 N  NH2   . ARG A 1 162 ? 9.180   -1.352  8.363   1.00 23.63 ? 169  ARG A NH2   1 
ATOM   1240 N  N     . VAL A 1 163 ? 9.974   1.034   1.779   1.00 15.01 ? 170  VAL A N     1 
ATOM   1241 C  CA    . VAL A 1 163 ? 9.748   0.103   0.661   1.00 15.20 ? 170  VAL A CA    1 
ATOM   1242 C  C     . VAL A 1 163 ? 10.934  0.135   -0.306  1.00 15.59 ? 170  VAL A C     1 
ATOM   1243 O  O     . VAL A 1 163 ? 11.489  -0.910  -0.643  1.00 15.14 ? 170  VAL A O     1 
ATOM   1244 C  CB    . VAL A 1 163 ? 8.413   0.378   -0.086  1.00 15.37 ? 170  VAL A CB    1 
ATOM   1245 C  CG1   . VAL A 1 163 ? 8.349   -0.447  -1.379  1.00 15.79 ? 170  VAL A CG1   1 
ATOM   1246 C  CG2   . VAL A 1 163 ? 7.233   0.040   0.795   1.00 16.50 ? 170  VAL A CG2   1 
ATOM   1247 N  N     . ALA A 1 164 ? 11.328  1.335   -0.728  1.00 15.93 ? 171  ALA A N     1 
ATOM   1248 C  CA    . ALA A 1 164 ? 12.436  1.480   -1.658  1.00 16.88 ? 171  ALA A CA    1 
ATOM   1249 C  C     . ALA A 1 164 ? 13.753  0.914   -1.072  1.00 17.53 ? 171  ALA A C     1 
ATOM   1250 O  O     . ALA A 1 164 ? 14.533  0.270   -1.774  1.00 19.01 ? 171  ALA A O     1 
ATOM   1251 C  CB    . ALA A 1 164 ? 12.596  2.935   -2.061  1.00 16.75 ? 171  ALA A CB    1 
ATOM   1252 N  N     . ALA A 1 165 ? 13.990  1.149   0.212   1.00 17.12 ? 172  ALA A N     1 
ATOM   1253 C  CA    . ALA A 1 165 ? 15.190  0.626   0.872   1.00 17.88 ? 172  ALA A CA    1 
ATOM   1254 C  C     . ALA A 1 165 ? 15.241  -0.904  0.822   1.00 17.80 ? 172  ALA A C     1 
ATOM   1255 O  O     . ALA A 1 165 ? 16.316  -1.485  0.692   1.00 18.53 ? 172  ALA A O     1 
ATOM   1256 C  CB    . ALA A 1 165 ? 15.245  1.096   2.300   1.00 17.48 ? 172  ALA A CB    1 
ATOM   1257 N  N     . ALA A 1 166 ? 14.072  -1.536  0.886   1.00 17.00 ? 173  ALA A N     1 
ATOM   1258 C  CA    . ALA A 1 166 ? 13.945  -2.991  0.909   1.00 16.89 ? 173  ALA A CA    1 
ATOM   1259 C  C     . ALA A 1 166 ? 14.061  -3.667  -0.459  1.00 17.01 ? 173  ALA A C     1 
ATOM   1260 O  O     . ALA A 1 166 ? 14.315  -4.870  -0.542  1.00 16.66 ? 173  ALA A O     1 
ATOM   1261 C  CB    . ALA A 1 166 ? 12.630  -3.379  1.556   1.00 17.10 ? 173  ALA A CB    1 
ATOM   1262 N  N     . LEU A 1 167 ? 13.840  -2.914  -1.533  1.00 16.21 ? 174  LEU A N     1 
ATOM   1263 C  CA    . LEU A 1 167 ? 13.962  -3.474  -2.870  1.00 16.86 ? 174  LEU A CA    1 
ATOM   1264 C  C     . LEU A 1 167 ? 15.350  -4.085  -3.062  1.00 17.37 ? 174  LEU A C     1 
ATOM   1265 O  O     . LEU A 1 167 ? 16.343  -3.459  -2.714  1.00 17.53 ? 174  LEU A O     1 
ATOM   1266 C  CB    . LEU A 1 167 ? 13.672  -2.419  -3.941  1.00 16.71 ? 174  LEU A CB    1 
ATOM   1267 C  CG    . LEU A 1 167 ? 12.251  -1.840  -3.957  1.00 16.32 ? 174  LEU A CG    1 
ATOM   1268 C  CD1   . LEU A 1 167 ? 12.240  -0.540  -4.758  1.00 16.45 ? 174  LEU A CD1   1 
ATOM   1269 C  CD2   . LEU A 1 167 ? 11.226  -2.841  -4.522  1.00 17.87 ? 174  LEU A CD2   1 
ATOM   1270 N  N     . PRO A 1 168 ? 15.414  -5.331  -3.570  1.00 18.73 ? 175  PRO A N     1 
ATOM   1271 C  CA    . PRO A 1 168 ? 16.728  -5.958  -3.771  1.00 19.42 ? 175  PRO A CA    1 
ATOM   1272 C  C     . PRO A 1 168 ? 17.567  -5.171  -4.769  1.00 19.66 ? 175  PRO A C     1 
ATOM   1273 O  O     . PRO A 1 168 ? 17.027  -4.519  -5.683  1.00 19.88 ? 175  PRO A O     1 
ATOM   1274 C  CB    . PRO A 1 168 ? 16.394  -7.356  -4.307  1.00 19.59 ? 175  PRO A CB    1 
ATOM   1275 C  CG    . PRO A 1 168 ? 14.992  -7.277  -4.774  1.00 20.82 ? 175  PRO A CG    1 
ATOM   1276 C  CD    . PRO A 1 168 ? 14.307  -6.218  -3.968  1.00 18.91 ? 175  PRO A CD    1 
ATOM   1277 N  N     . GLY A 1 169 ? 18.880  -5.208  -4.571  1.00 19.82 ? 176  GLY A N     1 
ATOM   1278 C  CA    . GLY A 1 169 ? 19.793  -4.499  -5.444  1.00 19.91 ? 176  GLY A CA    1 
ATOM   1279 C  C     . GLY A 1 169 ? 19.678  -5.008  -6.862  1.00 20.12 ? 176  GLY A C     1 
ATOM   1280 O  O     . GLY A 1 169 ? 19.617  -4.208  -7.804  1.00 20.24 ? 176  GLY A O     1 
ATOM   1281 N  N     . MET A 1 170 ? 19.630  -6.339  -6.994  1.00 20.50 ? 177  MET A N     1 
ATOM   1282 C  CA    . MET A 1 170 ? 19.565  -7.018  -8.287  1.00 20.90 ? 177  MET A CA    1 
ATOM   1283 C  C     . MET A 1 170 ? 18.190  -7.639  -8.569  1.00 21.01 ? 177  MET A C     1 
ATOM   1284 O  O     . MET A 1 170 ? 17.544  -8.195  -7.660  1.00 21.58 ? 177  MET A O     1 
ATOM   1285 C  CB    . MET A 1 170 ? 20.653  -8.090  -8.372  1.00 20.36 ? 177  MET A CB    1 
ATOM   1286 C  CG    . MET A 1 170 ? 22.040  -7.551  -8.088  1.00 21.17 ? 177  MET A CG    1 
ATOM   1287 S  SD    . MET A 1 170 ? 23.321  -8.791  -8.263  1.00 22.07 ? 177  MET A SD    1 
ATOM   1288 C  CE    . MET A 1 170 ? 23.369  -8.923  -10.048 1.00 22.44 ? 177  MET A CE    1 
HETATM 1289 MG MG    . MG  B 2 .   ? -7.951  4.766   -5.364  1.00 21.30 ? 901  MG  A MG    1 
HETATM 1290 P  PG    . GNP C 3 .   ? -10.299 2.994   -4.259  1.00 23.43 ? 900  GNP A PG    1 
HETATM 1291 O  O1G   . GNP C 3 .   ? -11.785 2.989   -4.536  1.00 25.57 ? 900  GNP A O1G   1 
HETATM 1292 O  O2G   . GNP C 3 .   ? -9.464  3.760   -5.244  1.00 23.48 ? 900  GNP A O2G   1 
HETATM 1293 O  O3G   . GNP C 3 .   ? -9.949  1.549   -4.035  1.00 24.18 ? 900  GNP A O3G   1 
HETATM 1294 N  N3B   . GNP C 3 .   ? -10.093 3.720   -2.850  1.00 22.02 ? 900  GNP A N3B   1 
HETATM 1295 P  PB    . GNP C 3 .   ? -8.710  4.234   -2.238  1.00 22.43 ? 900  GNP A PB    1 
HETATM 1296 O  O1B   . GNP C 3 .   ? -8.135  3.165   -1.383  1.00 21.26 ? 900  GNP A O1B   1 
HETATM 1297 O  O2B   . GNP C 3 .   ? -7.886  4.792   -3.318  1.00 20.31 ? 900  GNP A O2B   1 
HETATM 1298 O  O3A   . GNP C 3 .   ? -9.013  5.369   -1.245  1.00 19.74 ? 900  GNP A O3A   1 
HETATM 1299 P  PA    . GNP C 3 .   ? -8.947  6.905   -1.438  1.00 21.05 ? 900  GNP A PA    1 
HETATM 1300 O  O1A   . GNP C 3 .   ? -7.555  7.401   -1.434  1.00 19.28 ? 900  GNP A O1A   1 
HETATM 1301 O  O2A   . GNP C 3 .   ? -9.747  7.333   -2.619  1.00 21.93 ? 900  GNP A O2A   1 
HETATM 1302 O  "O5'" . GNP C 3 .   ? -9.568  7.503   -0.136  1.00 20.05 ? 900  GNP A "O5'" 1 
HETATM 1303 C  "C5'" . GNP C 3 .   ? -10.877 7.092   0.264   1.00 21.06 ? 900  GNP A "C5'" 1 
HETATM 1304 C  "C4'" . GNP C 3 .   ? -11.466 8.123   1.207   1.00 23.23 ? 900  GNP A "C4'" 1 
HETATM 1305 O  "O4'" . GNP C 3 .   ? -10.730 8.092   2.455   1.00 23.05 ? 900  GNP A "O4'" 1 
HETATM 1306 C  "C3'" . GNP C 3 .   ? -11.417 9.561   0.693   1.00 23.05 ? 900  GNP A "C3'" 1 
HETATM 1307 O  "O3'" . GNP C 3 .   ? -12.620 10.263  1.041   1.00 24.21 ? 900  GNP A "O3'" 1 
HETATM 1308 C  "C2'" . GNP C 3 .   ? -10.197 10.152  1.401   1.00 23.82 ? 900  GNP A "C2'" 1 
HETATM 1309 O  "O2'" . GNP C 3 .   ? -10.345 11.544  1.602   1.00 23.76 ? 900  GNP A "O2'" 1 
HETATM 1310 C  "C1'" . GNP C 3 .   ? -10.184 9.370   2.718   1.00 23.10 ? 900  GNP A "C1'" 1 
HETATM 1311 N  N9    . GNP C 3 .   ? -8.851  9.147   3.291   1.00 23.14 ? 900  GNP A N9    1 
HETATM 1312 C  C8    . GNP C 3 .   ? -7.749  8.584   2.681   1.00 22.76 ? 900  GNP A C8    1 
HETATM 1313 N  N7    . GNP C 3 .   ? -6.697  8.520   3.456   1.00 22.06 ? 900  GNP A N7    1 
HETATM 1314 C  C5    . GNP C 3 .   ? -7.125  9.075   4.662   1.00 22.25 ? 900  GNP A C5    1 
HETATM 1315 C  C6    . GNP C 3 .   ? -6.433  9.289   5.883   1.00 22.17 ? 900  GNP A C6    1 
HETATM 1316 O  O6    . GNP C 3 .   ? -5.263  9.008   6.181   1.00 22.62 ? 900  GNP A O6    1 
HETATM 1317 N  N1    . GNP C 3 .   ? -7.248  9.870   6.861   1.00 23.53 ? 900  GNP A N1    1 
HETATM 1318 C  C2    . GNP C 3 .   ? -8.569  10.219  6.679   1.00 23.30 ? 900  GNP A C2    1 
HETATM 1319 N  N2    . GNP C 3 .   ? -9.176  10.777  7.738   1.00 22.99 ? 900  GNP A N2    1 
HETATM 1320 N  N3    . GNP C 3 .   ? -9.232  10.036  5.537   1.00 23.23 ? 900  GNP A N3    1 
HETATM 1321 C  C4    . GNP C 3 .   ? -8.453  9.461   4.573   1.00 22.68 ? 900  GNP A C4    1 
HETATM 1322 O  O     . HOH D 4 .   ? 10.454  10.874  -0.880  1.00 13.11 ? 902  HOH A O     1 
HETATM 1323 O  O     . HOH D 4 .   ? 18.867  1.579   -1.100  1.00 20.17 ? 903  HOH A O     1 
HETATM 1324 O  O     . HOH D 4 .   ? 13.344  -0.785  4.593   1.00 20.49 ? 904  HOH A O     1 
HETATM 1325 O  O     . HOH D 4 .   ? 11.341  -7.270  -5.214  1.00 26.39 ? 905  HOH A O     1 
HETATM 1326 O  O     . HOH D 4 .   ? 5.717   11.730  5.880   1.00 16.73 ? 906  HOH A O     1 
HETATM 1327 O  O     . HOH D 4 .   ? 3.295   4.767   13.970  1.00 25.55 ? 907  HOH A O     1 
HETATM 1328 O  O     . HOH D 4 .   ? 8.300   -3.672  9.638   1.00 22.03 ? 908  HOH A O     1 
HETATM 1329 O  O     . HOH D 4 .   ? -3.608  12.486  -0.254  1.00 22.79 ? 909  HOH A O     1 
HETATM 1330 O  O     . HOH D 4 .   ? 19.666  -6.462  -2.151  1.00 22.12 ? 910  HOH A O     1 
HETATM 1331 O  O     . HOH D 4 .   ? -7.712  -3.618  2.750   1.00 25.15 ? 911  HOH A O     1 
HETATM 1332 O  O     . HOH D 4 .   ? 22.369  5.372   -1.023  1.00 37.40 ? 912  HOH A O     1 
HETATM 1333 O  O     . HOH D 4 .   ? 20.335  -8.194  -4.969  1.00 19.27 ? 913  HOH A O     1 
HETATM 1334 O  O     . HOH D 4 .   ? -3.423  -1.179  12.919  1.00 24.01 ? 914  HOH A O     1 
HETATM 1335 O  O     . HOH D 4 .   ? 4.123   2.732   12.304  1.00 19.65 ? 915  HOH A O     1 
HETATM 1336 O  O     . HOH D 4 .   ? 15.107  1.043   5.597   1.00 26.57 ? 916  HOH A O     1 
HETATM 1337 O  O     . HOH D 4 .   ? 10.288  10.795  -4.200  1.00 21.69 ? 917  HOH A O     1 
HETATM 1338 O  O     . HOH D 4 .   ? 0.459   4.961   14.746  1.00 29.16 ? 918  HOH A O     1 
HETATM 1339 O  O     . HOH D 4 .   ? 12.266  -0.873  7.082   1.00 26.64 ? 919  HOH A O     1 
HETATM 1340 O  O     . HOH D 4 .   ? -7.028  -2.844  -4.650  1.00 24.59 ? 920  HOH A O     1 
HETATM 1341 O  O     . HOH D 4 .   ? 12.407  11.923  -12.541 1.00 29.75 ? 921  HOH A O     1 
HETATM 1342 O  O     . HOH D 4 .   ? -5.326  -12.029 -16.194 1.00 21.39 ? 922  HOH A O     1 
HETATM 1343 O  O     . HOH D 4 .   ? 7.313   13.775  6.267   1.00 43.75 ? 923  HOH A O     1 
HETATM 1344 O  O     . HOH D 4 .   ? 10.556  11.831  -11.113 1.00 21.32 ? 924  HOH A O     1 
HETATM 1345 O  O     . HOH D 4 .   ? 8.380   3.000   10.097  1.00 27.10 ? 925  HOH A O     1 
HETATM 1346 O  O     . HOH D 4 .   ? 5.798   11.599  9.104   1.00 27.92 ? 926  HOH A O     1 
HETATM 1347 O  O     . HOH D 4 .   ? -0.455  7.740   14.193  1.00 26.78 ? 927  HOH A O     1 
HETATM 1348 O  O     . HOH D 4 .   ? 15.457  -7.182  -0.210  1.00 23.23 ? 928  HOH A O     1 
HETATM 1349 O  O     . HOH D 4 .   ? -6.147  -10.226 -14.041 1.00 28.13 ? 929  HOH A O     1 
HETATM 1350 O  O     . HOH D 4 .   ? 9.315   -4.530  -11.273 1.00 29.92 ? 930  HOH A O     1 
HETATM 1351 O  O     . HOH D 4 .   ? 15.951  -5.025  -8.471  1.00 50.69 ? 931  HOH A O     1 
HETATM 1352 O  O     . HOH D 4 .   ? -6.213  12.535  -1.233  1.00 25.03 ? 932  HOH A O     1 
HETATM 1353 O  O     . HOH D 4 .   ? -6.752  3.149   -5.514  1.00 21.46 ? 933  HOH A O     1 
HETATM 1354 O  O     . HOH D 4 .   ? -10.339 9.727   -3.472  1.00 27.33 ? 934  HOH A O     1 
HETATM 1355 O  O     . HOH D 4 .   ? -3.182  0.995   19.098  1.00 27.20 ? 935  HOH A O     1 
HETATM 1356 O  O     . HOH D 4 .   ? 14.419  11.409  -4.100  1.00 26.70 ? 936  HOH A O     1 
HETATM 1357 O  O     . HOH D 4 .   ? 5.028   14.387  8.438   1.00 33.27 ? 937  HOH A O     1 
HETATM 1358 O  O     . HOH D 4 .   ? 6.792   4.089   12.363  1.00 30.95 ? 938  HOH A O     1 
HETATM 1359 O  O     . HOH D 4 .   ? -13.532 -3.193  -1.144  1.00 36.27 ? 939  HOH A O     1 
HETATM 1360 O  O     . HOH D 4 .   ? -5.935  12.147  -3.956  1.00 32.65 ? 940  HOH A O     1 
HETATM 1361 O  O     . HOH D 4 .   ? -14.121 -7.697  -12.308 1.00 35.95 ? 941  HOH A O     1 
HETATM 1362 O  O     . HOH D 4 .   ? -12.208 1.734   -6.756  1.00 32.46 ? 942  HOH A O     1 
HETATM 1363 O  O     . HOH D 4 .   ? 12.872  -6.028  -7.683  1.00 29.44 ? 943  HOH A O     1 
HETATM 1364 O  O     . HOH D 4 .   ? 15.821  -3.761  -11.382 1.00 42.02 ? 944  HOH A O     1 
HETATM 1365 O  O     . HOH D 4 .   ? -18.085 -2.109  -7.951  1.00 31.61 ? 945  HOH A O     1 
HETATM 1366 O  O     . HOH D 4 .   ? -17.222 -5.846  -13.272 1.00 28.81 ? 946  HOH A O     1 
HETATM 1367 O  O     . HOH D 4 .   ? -6.709  -2.355  -16.778 1.00 27.33 ? 947  HOH A O     1 
HETATM 1368 O  O     . HOH D 4 .   ? -12.080 11.875  7.396   1.00 35.66 ? 948  HOH A O     1 
HETATM 1369 O  O     . HOH D 4 .   ? 6.840   7.548   14.005  1.00 34.02 ? 949  HOH A O     1 
HETATM 1370 O  O     . HOH D 4 .   ? 8.608   -6.602  3.067   1.00 60.18 ? 950  HOH A O     1 
HETATM 1371 O  O     . HOH D 4 .   ? -9.124  11.379  -1.583  1.00 39.30 ? 951  HOH A O     1 
HETATM 1372 O  O     . HOH D 4 .   ? -5.914  0.158   20.153  1.00 38.32 ? 952  HOH A O     1 
HETATM 1373 O  O     . HOH D 4 .   ? 23.308  1.814   -8.322  1.00 26.40 ? 953  HOH A O     1 
HETATM 1374 O  O     . HOH D 4 .   ? 7.673   8.862   11.555  1.00 29.51 ? 954  HOH A O     1 
HETATM 1375 O  O     . HOH D 4 .   ? -3.098  6.101   17.272  1.00 31.21 ? 955  HOH A O     1 
HETATM 1376 O  O     . HOH D 4 .   ? -8.199  11.151  -5.241  1.00 35.06 ? 956  HOH A O     1 
HETATM 1377 O  O     . HOH D 4 .   ? -5.994  14.741  -5.219  1.00 30.71 ? 957  HOH A O     1 
HETATM 1378 O  O     . HOH D 4 .   ? -2.314  17.757  -5.602  1.00 33.33 ? 958  HOH A O     1 
HETATM 1379 O  O     . HOH D 4 .   ? -10.902 -4.550  -6.977  1.00 27.52 ? 959  HOH A O     1 
HETATM 1380 O  O     . HOH D 4 .   ? 19.274  -1.569  -7.129  1.00 32.30 ? 960  HOH A O     1 
HETATM 1381 O  O     . HOH D 4 .   ? 8.192   -8.911  1.798   1.00 33.26 ? 961  HOH A O     1 
HETATM 1382 O  O     . HOH D 4 .   ? -11.963 8.419   5.630   1.00 32.60 ? 962  HOH A O     1 
HETATM 1383 O  O     . HOH D 4 .   ? 13.979  13.621  0.325   1.00 30.22 ? 963  HOH A O     1 
HETATM 1384 O  O     . HOH D 4 .   ? 4.335   -12.265 -11.831 1.00 31.02 ? 964  HOH A O     1 
HETATM 1385 O  O     . HOH D 4 .   ? 12.818  -4.959  -10.351 1.00 37.27 ? 965  HOH A O     1 
HETATM 1386 O  O     . HOH D 4 .   ? 20.627  2.746   -9.820  1.00 36.22 ? 966  HOH A O     1 
HETATM 1387 O  O     . HOH D 4 .   ? -2.980  6.267   -15.601 1.00 41.60 ? 967  HOH A O     1 
HETATM 1388 O  O     . HOH D 4 .   ? 8.739   5.593   10.204  1.00 43.03 ? 968  HOH A O     1 
HETATM 1389 O  O     . HOH D 4 .   ? 9.802   8.460   0.332   1.00 32.44 ? 969  HOH A O     1 
HETATM 1390 O  O     . HOH D 4 .   ? -15.479 -3.788  9.610   1.00 31.98 ? 970  HOH A O     1 
HETATM 1391 O  O     . HOH D 4 .   ? -11.069 -6.428  -5.150  1.00 39.62 ? 971  HOH A O     1 
HETATM 1392 O  O     . HOH D 4 .   ? -5.430  5.296   18.440  1.00 32.72 ? 972  HOH A O     1 
HETATM 1393 O  O     . HOH D 4 .   ? 12.438  -9.481  -4.054  1.00 30.65 ? 973  HOH A O     1 
HETATM 1394 O  O     . HOH D 4 .   ? -3.710  19.252  0.989   1.00 29.56 ? 974  HOH A O     1 
HETATM 1395 O  O     . HOH D 4 .   ? 20.688  3.689   -1.493  1.00 35.41 ? 975  HOH A O     1 
HETATM 1396 O  O     . HOH D 4 .   ? -9.125  -13.039 -12.915 1.00 40.88 ? 976  HOH A O     1 
HETATM 1397 O  O     . HOH D 4 .   ? -5.007  16.281  -3.207  1.00 29.96 ? 977  HOH A O     1 
HETATM 1398 O  O     . HOH D 4 .   ? -13.676 -2.960  4.182   1.00 34.99 ? 978  HOH A O     1 
HETATM 1399 O  O     . HOH D 4 .   ? 5.681   -6.555  12.757  1.00 29.62 ? 979  HOH A O     1 
HETATM 1400 O  O     . HOH D 4 .   ? -2.446  9.792   -6.944  1.00 26.99 ? 980  HOH A O     1 
HETATM 1401 O  O     . HOH D 4 .   ? -9.319  6.269   -11.878 1.00 30.63 ? 981  HOH A O     1 
HETATM 1402 O  O     . HOH D 4 .   ? 4.747   0.338   13.806  1.00 30.00 ? 982  HOH A O     1 
HETATM 1403 O  O     . HOH D 4 .   ? -11.791 10.522  14.912  1.00 38.22 ? 983  HOH A O     1 
HETATM 1404 O  O     . HOH D 4 .   ? -2.865  7.543   -8.380  1.00 29.20 ? 984  HOH A O     1 
HETATM 1405 O  O     . HOH D 4 .   ? 8.778   -11.653 -0.228  1.00 36.85 ? 985  HOH A O     1 
HETATM 1406 O  O     . HOH D 4 .   ? 6.566   -0.799  11.981  1.00 31.92 ? 986  HOH A O     1 
HETATM 1407 O  O     . HOH D 4 .   ? 3.022   15.961  7.125   1.00 34.42 ? 987  HOH A O     1 
HETATM 1408 O  O     . HOH D 4 .   ? -11.923 -5.610  -3.222  1.00 38.31 ? 988  HOH A O     1 
HETATM 1409 O  O     . HOH D 4 .   ? -11.760 13.296  18.802  1.00 40.36 ? 989  HOH A O     1 
HETATM 1410 O  O     . HOH D 4 .   ? 11.868  -10.307 -1.947  1.00 35.95 ? 990  HOH A O     1 
HETATM 1411 O  O     . HOH D 4 .   ? 3.268   13.264  -11.695 1.00 30.84 ? 991  HOH A O     1 
HETATM 1412 O  O     . HOH D 4 .   ? -0.199  -9.642  -17.161 1.00 46.62 ? 992  HOH A O     1 
HETATM 1413 O  O     . HOH D 4 .   ? 14.992  4.462   0.717   1.00 26.79 ? 993  HOH A O     1 
HETATM 1414 O  O     . HOH D 4 .   ? -13.812 7.437   7.664   1.00 52.21 ? 994  HOH A O     1 
HETATM 1415 O  O     . HOH D 4 .   ? -13.366 2.437   -17.130 1.00 41.66 ? 995  HOH A O     1 
HETATM 1416 O  O     . HOH D 4 .   ? -14.720 -3.784  1.724   1.00 39.31 ? 996  HOH A O     1 
HETATM 1417 O  O     . HOH D 4 .   ? 4.234   10.664  -12.656 1.00 35.78 ? 997  HOH A O     1 
HETATM 1418 O  O     . HOH D 4 .   ? 3.021   17.040  4.753   1.00 42.92 ? 998  HOH A O     1 
HETATM 1419 O  O     . HOH D 4 .   ? 19.357  0.078   1.635   1.00 39.02 ? 999  HOH A O     1 
HETATM 1420 O  O     . HOH D 4 .   ? 10.544  9.422   10.887  1.00 38.20 ? 1000 HOH A O     1 
HETATM 1421 O  O     . HOH D 4 .   ? -0.540  5.902   -9.518  1.00 37.21 ? 1001 HOH A O     1 
HETATM 1422 O  O     . HOH D 4 .   ? -1.446  13.107  -10.817 1.00 32.05 ? 1002 HOH A O     1 
HETATM 1423 O  O     . HOH D 4 .   ? -6.619  6.660   -8.809  1.00 33.54 ? 1003 HOH A O     1 
HETATM 1424 O  O     . HOH D 4 .   ? 10.558  -8.544  -8.270  1.00 34.12 ? 1004 HOH A O     1 
HETATM 1425 O  O     . HOH D 4 .   ? 17.680  3.690   0.957   1.00 30.46 ? 1005 HOH A O     1 
HETATM 1426 O  O     . HOH D 4 .   ? 13.485  2.036   8.388   1.00 36.72 ? 1006 HOH A O     1 
HETATM 1427 O  O     . HOH D 4 .   ? -12.962 5.201   7.043   1.00 39.58 ? 1007 HOH A O     1 
HETATM 1428 O  O     . HOH D 4 .   ? -8.985  13.530  11.083  1.00 31.71 ? 1008 HOH A O     1 
HETATM 1429 O  O     . HOH D 4 .   ? -11.276 -8.230  -3.316  1.00 43.13 ? 1009 HOH A O     1 
HETATM 1430 O  O     . HOH D 4 .   ? 16.479  7.499   1.579   1.00 37.55 ? 1010 HOH A O     1 
HETATM 1431 O  O     . HOH D 4 .   ? 6.530   18.347  3.086   1.00 28.03 ? 1011 HOH A O     1 
HETATM 1432 O  O     . HOH D 4 .   ? 19.991  8.404   -7.232  1.00 31.57 ? 1012 HOH A O     1 
HETATM 1433 O  O     . HOH D 4 .   ? 12.600  -18.074 -0.235  1.00 35.72 ? 1013 HOH A O     1 
HETATM 1434 O  O     . HOH D 4 .   ? -8.602  -12.441 4.066   1.00 35.35 ? 1014 HOH A O     1 
HETATM 1435 O  O     . HOH D 4 .   ? -16.194 11.710  0.101   1.00 41.80 ? 1015 HOH A O     1 
HETATM 1436 O  O     . HOH D 4 .   ? -15.190 -1.668  11.704  1.00 37.99 ? 1016 HOH A O     1 
HETATM 1437 O  O     . HOH D 4 .   ? -2.971  11.675  -9.292  1.00 35.71 ? 1017 HOH A O     1 
HETATM 1438 O  O     . HOH D 4 .   ? -9.232  -13.744 -10.341 1.00 48.68 ? 1018 HOH A O     1 
HETATM 1439 O  O     . HOH D 4 .   ? -1.471  19.514  2.613   1.00 47.58 ? 1019 HOH A O     1 
HETATM 1440 O  O     . HOH D 4 .   ? -3.521  9.003   -10.547 1.00 41.80 ? 1020 HOH A O     1 
HETATM 1441 O  O     . HOH D 4 .   ? -10.279 18.265  1.019   1.00 39.90 ? 1021 HOH A O     1 
HETATM 1442 O  O     . HOH D 4 .   ? -7.819  -9.740  -3.374  1.00 50.72 ? 1022 HOH A O     1 
HETATM 1443 O  O     . HOH D 4 .   ? 9.943   -7.366  -10.639 1.00 42.14 ? 1023 HOH A O     1 
HETATM 1444 O  O     . HOH D 4 .   ? -2.117  8.827   -13.210 1.00 34.54 ? 1024 HOH A O     1 
HETATM 1445 O  O     . HOH D 4 .   ? 7.452   -6.635  10.342  1.00 54.04 ? 1025 HOH A O     1 
HETATM 1446 O  O     . HOH D 4 .   ? -16.636 2.524   -13.876 1.00 51.72 ? 1026 HOH A O     1 
HETATM 1447 O  O     . HOH D 4 .   ? -3.383  -9.433  14.172  1.00 33.00 ? 1027 HOH A O     1 
HETATM 1448 O  O     . HOH D 4 .   ? -7.447  -10.570 10.577  1.00 39.82 ? 1028 HOH A O     1 
HETATM 1449 O  O     . HOH D 4 .   ? -12.785 2.249   4.986   1.00 35.58 ? 1029 HOH A O     1 
HETATM 1450 O  O     . HOH D 4 .   ? -3.700  13.525  -7.120  1.00 44.30 ? 1030 HOH A O     1 
HETATM 1451 O  O     . HOH D 4 .   ? 15.958  -7.688  -11.581 1.00 41.55 ? 1031 HOH A O     1 
HETATM 1452 O  O     . HOH D 4 .   ? -17.003 3.978   -8.878  1.00 40.20 ? 1032 HOH A O     1 
HETATM 1453 O  O     . HOH D 4 .   ? -8.102  -0.556  18.634  1.00 37.03 ? 1033 HOH A O     1 
HETATM 1454 O  O     . HOH D 4 .   ? -5.084  10.626  -8.113  1.00 42.37 ? 1034 HOH A O     1 
HETATM 1455 O  O     . HOH D 4 .   ? -6.542  -11.689 -6.734  1.00 45.08 ? 1035 HOH A O     1 
HETATM 1456 O  O     . HOH D 4 .   ? -3.165  -13.280 -7.937  1.00 34.73 ? 1036 HOH A O     1 
HETATM 1457 O  O     . HOH D 4 .   ? 15.096  -7.177  -14.109 1.00 38.58 ? 1037 HOH A O     1 
HETATM 1458 O  O     . HOH D 4 .   ? -12.812 -0.002  3.420   1.00 41.89 ? 1038 HOH A O     1 
HETATM 1459 O  O     . HOH D 4 .   ? 15.772  9.782   -13.769 1.00 49.46 ? 1039 HOH A O     1 
HETATM 1460 O  O     . HOH D 4 .   ? -4.242  8.319   -14.957 1.00 43.59 ? 1040 HOH A O     1 
HETATM 1461 O  O     . HOH D 4 .   ? 11.779  6.145   6.979   1.00 46.37 ? 1041 HOH A O     1 
HETATM 1462 O  O     . HOH D 4 .   ? 4.969   20.675  0.139   1.00 37.58 ? 1042 HOH A O     1 
HETATM 1463 O  O     . HOH D 4 .   ? 7.692   12.090  -11.362 1.00 40.77 ? 1043 HOH A O     1 
HETATM 1464 O  O     . HOH D 4 .   ? 0.678   -15.124 2.506   1.00 37.13 ? 1044 HOH A O     1 
HETATM 1465 O  O     . HOH D 4 .   ? 18.635  8.474   -12.912 1.00 41.01 ? 1045 HOH A O     1 
HETATM 1466 O  O     . HOH D 4 .   ? -8.028  -3.444  18.743  1.00 45.79 ? 1046 HOH A O     1 
HETATM 1467 O  O     . HOH D 4 .   ? -13.683 6.428   3.642   1.00 31.85 ? 1047 HOH A O     1 
HETATM 1468 O  O     . HOH D 4 .   ? 9.529   -17.172 -5.268  1.00 36.22 ? 1048 HOH A O     1 
HETATM 1469 O  O     . HOH D 4 .   ? -6.907  -13.872 -14.188 1.00 45.24 ? 1049 HOH A O     1 
HETATM 1470 O  O     . HOH D 4 .   ? -8.833  8.990   -8.130  1.00 43.93 ? 1050 HOH A O     1 
HETATM 1471 O  O     . HOH D 4 .   ? 5.729   -12.916 -14.092 1.00 40.32 ? 1051 HOH A O     1 
HETATM 1472 O  O     . HOH D 4 .   ? 17.596  -3.889  -9.809  1.00 38.79 ? 1052 HOH A O     1 
HETATM 1473 O  O     . HOH D 4 .   ? -7.422  1.962   -16.296 1.00 42.42 ? 1053 HOH A O     1 
HETATM 1474 O  O     . HOH D 4 .   ? 14.671  3.606   5.246   1.00 50.99 ? 1054 HOH A O     1 
HETATM 1475 O  O     . HOH D 4 .   ? -15.596 6.682   0.955   1.00 50.28 ? 1055 HOH A O     1 
HETATM 1476 O  O     . HOH D 4 .   ? 8.110   -12.441 10.422  1.00 48.00 ? 1056 HOH A O     1 
HETATM 1477 O  O     . HOH D 4 .   ? -5.393  -14.667 -7.301  1.00 51.29 ? 1057 HOH A O     1 
HETATM 1478 O  O     . HOH D 4 .   ? -9.747  3.696   -16.037 1.00 45.15 ? 1058 HOH A O     1 
HETATM 1479 O  O     . HOH D 4 .   ? -7.891  5.091   -14.948 1.00 41.28 ? 1059 HOH A O     1 
HETATM 1480 O  O     . HOH D 4 .   ? 4.139   -16.543 3.981   1.00 51.71 ? 1060 HOH A O     1 
HETATM 1481 O  O     . HOH D 4 .   ? 0.886   -14.462 16.409  1.00 55.31 ? 1061 HOH A O     1 
HETATM 1482 O  O     . HOH D 4 .   ? -5.474  -15.571 -9.824  1.00 40.47 ? 1062 HOH A O     1 
HETATM 1483 O  O     . HOH D 4 .   ? 3.638   6.114   -15.544 1.00 44.98 ? 1063 HOH A O     1 
HETATM 1484 O  O     . HOH D 4 .   ? -14.756 3.118   14.023  1.00 43.38 ? 1064 HOH A O     1 
HETATM 1485 O  O     . HOH D 4 .   ? 0.996   8.324   -15.723 1.00 45.98 ? 1065 HOH A O     1 
HETATM 1486 O  O     . HOH D 4 .   ? 18.679  2.518   3.338   1.00 38.59 ? 1066 HOH A O     1 
HETATM 1487 O  O     . HOH D 4 .   ? -1.916  -14.799 -9.633  1.00 48.64 ? 1067 HOH A O     1 
HETATM 1488 O  O     . HOH D 4 .   ? 3.223   20.294  -2.997  1.00 44.28 ? 1068 HOH A O     1 
HETATM 1489 O  O     . HOH D 4 .   ? -16.385 -2.750  5.228   1.00 38.23 ? 1069 HOH A O     1 
HETATM 1490 O  O     . HOH D 4 .   ? 13.731  15.237  4.078   1.00 36.35 ? 1070 HOH A O     1 
HETATM 1491 O  O     . HOH D 4 .   ? 3.981   -15.641 13.823  1.00 43.21 ? 1071 HOH A O     1 
HETATM 1492 O  O     . HOH D 4 .   ? -13.688 12.310  -8.986  1.00 46.00 ? 1072 HOH A O     1 
HETATM 1493 O  O     . HOH D 4 .   ? 0.675   -17.319 1.042   1.00 41.54 ? 1073 HOH A O     1 
HETATM 1494 O  O     . HOH D 4 .   ? 6.350   -15.581 11.096  1.00 43.87 ? 1074 HOH A O     1 
HETATM 1495 O  O     . HOH D 4 .   ? 13.713  4.621   7.466   1.00 54.16 ? 1075 HOH A O     1 
HETATM 1496 O  O     . HOH D 4 .   ? 2.405   -17.484 12.700  1.00 55.13 ? 1076 HOH A O     1 
HETATM 1497 O  O     . HOH D 4 .   ? 11.155  5.534   9.376   1.00 40.89 ? 1077 HOH A O     1 
HETATM 1498 O  O     . HOH D 4 .   ? 1.007   21.054  -0.659  1.00 42.87 ? 1078 HOH A O     1 
HETATM 1499 O  O     . HOH D 4 .   ? 13.674  8.087   -13.967 1.00 41.55 ? 1079 HOH A O     1 
HETATM 1500 O  O     . HOH D 4 .   ? -13.880 9.970   7.196   1.00 47.44 ? 1080 HOH A O     1 
HETATM 1501 O  O     . HOH D 4 .   ? 4.642   -8.506  16.767  1.00 36.88 ? 1081 HOH A O     1 
HETATM 1502 O  O     . HOH D 4 .   ? -1.871  11.538  -13.425 1.00 55.33 ? 1082 HOH A O     1 
HETATM 1503 O  O     . HOH D 4 .   ? 12.038  10.100  -14.768 1.00 48.98 ? 1083 HOH A O     1 
HETATM 1504 O  O     . HOH D 4 .   ? 14.664  -0.112  -16.921 1.00 44.56 ? 1084 HOH A O     1 
HETATM 1505 O  O     . HOH D 4 .   ? 11.698  9.229   5.379   1.00 36.32 ? 1085 HOH A O     1 
HETATM 1506 O  O     . HOH D 4 .   ? 16.224  -1.221  -18.785 1.00 49.67 ? 1086 HOH A O     1 
HETATM 1507 O  O     . HOH D 4 .   ? 27.494  2.747   -4.114  1.00 48.07 ? 1087 HOH A O     1 
HETATM 1508 O  O     . HOH D 4 .   ? 4.402   -17.143 10.108  1.00 40.92 ? 1088 HOH A O     1 
HETATM 1509 O  O     . HOH D 4 .   ? -12.735 16.403  7.863   1.00 45.64 ? 1089 HOH A O     1 
HETATM 1510 O  O     . HOH D 4 .   ? -13.664 5.336   -17.243 1.00 41.79 ? 1090 HOH A O     1 
HETATM 1511 O  O     . HOH D 4 .   ? -15.305 1.418   -15.790 1.00 53.98 ? 1091 HOH A O     1 
HETATM 1512 O  O     . HOH D 4 .   ? 11.785  14.357  5.632   1.00 49.83 ? 1092 HOH A O     1 
HETATM 1513 O  O     . HOH D 4 .   ? -14.383 -6.941  -0.302  1.00 44.29 ? 1093 HOH A O     1 
HETATM 1514 O  O     . HOH D 4 .   ? -6.614  18.810  2.422   1.00 44.34 ? 1094 HOH A O     1 
HETATM 1515 O  O     . HOH D 4 .   ? -7.368  17.942  5.210   1.00 46.11 ? 1095 HOH A O     1 
HETATM 1516 O  O     . HOH D 4 .   ? -12.604 16.453  -5.437  1.00 42.42 ? 1096 HOH A O     1 
# 
